data_6NQD
#
_entry.id   6NQD
#
_cell.length_a   1
_cell.length_b   1
_cell.length_c   1
_cell.angle_alpha   90
_cell.angle_beta   90
_cell.angle_gamma   90
#
_symmetry.space_group_name_H-M   'P 1'
#
loop_
_entity.id
_entity.type
_entity.pdbx_description
1 polymer 'T/F100 Env gp120'
2 polymer 'T/F100 Env gp41'
3 polymer '8ANC195 G52K5 heavy chain, IG gamma-1 chain'
4 polymer '8ANC195 G52K5 light chain'
5 branched alpha-D-mannopyranose-(1-2)-alpha-D-mannopyranose-(1-2)-alpha-D-mannopyranose-(1-3)-[alpha-D-mannopyranose-(1-2)-alpha-D-mannopyranose-(1-6)-[alpha-D-mannopyranose-(1-3)]alpha-D-mannopyranose-(1-6)]beta-D-mannopyranose-(1-4)-2-acetamido-2-deoxy-beta-D-glucopyranose-(1-4)-2-acetamido-2-deoxy-beta-D-glucopyranose
6 branched alpha-D-mannopyranose-(1-2)-alpha-D-mannopyranose-(1-3)-[alpha-D-mannopyranose-(1-6)]beta-D-mannopyranose-(1-4)-2-acetamido-2-deoxy-beta-D-glucopyranose-(1-4)-2-acetamido-2-deoxy-beta-D-glucopyranose
7 branched 2-acetamido-2-deoxy-beta-D-glucopyranose-(1-4)-2-acetamido-2-deoxy-beta-D-glucopyranose
8 branched beta-D-mannopyranose-(1-4)-2-acetamido-2-deoxy-beta-D-glucopyranose-(1-4)-2-acetamido-2-deoxy-beta-D-glucopyranose
9 branched alpha-D-mannopyranose-(1-3)-beta-D-mannopyranose-(1-4)-2-acetamido-2-deoxy-beta-D-glucopyranose-(1-4)-2-acetamido-2-deoxy-beta-D-glucopyranose
10 non-polymer 2-acetamido-2-deoxy-beta-D-glucopyranose
#
loop_
_entity_poly.entity_id
_entity_poly.type
_entity_poly.pdbx_seq_one_letter_code
_entity_poly.pdbx_strand_id
1 'polypeptide(L)'
;ATNNLWVTVYYGVPVWRDADTTLFCASDAKAHETEVHNVWATHACVPTDPNPQEMHLKNVTENFNMWKNNMVEQMQEDVI
SLWDQSLKPCVKLTPLCVTLNCTSATVTNYTKVNDTSDIIGNITDDVRNCSFNMTTELRDKQQKVYALFYKLDIVPIDDS
SNNGSSNFSEYRLINCNTSVIKQACPKVSFDPIPIHYCTPAGYAILRCNDKKFNGTGPCKNVSSVQCTHGIKPVVSTQLL
LNGSLAEEGIIIRSENLTNNAKTIIVHFNESVKINCTRPSNNTRTGIHIGPGQVFYKTGDIIGDIRKAYCNISGAQWHKV
LGRVANKLKEHFNNKTIVFKPSSGGDPEITMHHFNCRGEFFYCNTTKLFNSTWGGNKNETRDNGTITIPCRIKQIINMWQ
GVGQAMYAPPIKGVIKCLSNITGILLTRDGGNDSTENNETFRPGGGNIKDNWRNELYKYKVVQIEPLGIAPTKCKRRVVE
RRRRRR
;
A,E,I
2 'polypeptide(L)'
;AVGLGAMIFGFLGAAGSTMGAASITLTVQARQLLSGIVQQQSNLLRAPEAQQHLLQLTVWGIKQLQARVLAVERYLQDQK
FLGLWGCSGKIICCTAVPWNSSWSNKTFEEIWNNMTWIEWEREISNYTSQIYDILTISQTQQEKNEKDLLELDAAAWSHP
QFEKGGGSGGGSGGSAWSHPQFEK
;
B,F,J
3 'polypeptide(L)'
;QIHLVQSGTEVKKPGSSVTVSCKAYGVNTFGLYAVNWVRQAPGQSLEYIGQIWRWKSSASHHFRGRVLISAVDLTGSSPP
ISSLEIKNLTSDDTAVYFCTTTSTYDRWSGLHHDGVMAFSSWGQGTLISVSAASTKGPSVFPLAPSSKSTSGGTAALGCL
VKDYFPEPVTVSWNSGALTSGVHTFPAVLQSSGLYSLSSVVTVPSSSLGTQTYICNVNHKPSNTKVDKRVEPKSCDKTHH
HHHH
;
C,G,K
4 'polypeptide(L)'
;DIQMTQSPSTLSASTGDTVRISCRASQSITGNWVAWYQQRPGKAPRLLIYRGAALLGGVPSRFRGSAAGTDFTLTIGNLQ
AEDFGTFYCQQYDTYPGTFGQGTKVEVKRTVAAPSVFIFPPSDEQLKSGTASVVCLLNNFYPREAKVQWKVDNALQSGNS
QESVTEQDSKDSTYSLSSTLTLSKADYEKHKVYACEVTHQGLSSPVTKSFNRGEC
;
D,H,L
#
# COMPACT_ATOMS: atom_id res chain seq x y z
N ALA A 1 -43.61 -38.33 1.53
CA ALA A 1 -42.83 -37.58 2.51
C ALA A 1 -42.90 -36.09 2.24
N THR A 2 -42.40 -35.29 3.18
CA THR A 2 -42.35 -33.84 3.02
C THR A 2 -40.93 -33.36 2.83
N ASN A 3 -40.06 -33.58 3.82
CA ASN A 3 -38.63 -33.23 3.81
C ASN A 3 -38.41 -31.77 3.44
N ASN A 4 -38.93 -30.87 4.28
CA ASN A 4 -38.85 -29.45 3.99
C ASN A 4 -37.58 -28.90 4.62
N LEU A 5 -36.46 -29.28 4.01
CA LEU A 5 -35.13 -28.88 4.44
C LEU A 5 -34.77 -27.52 3.86
N TRP A 6 -34.05 -26.72 4.63
CA TRP A 6 -33.96 -25.28 4.38
C TRP A 6 -32.50 -24.83 4.30
N VAL A 7 -32.30 -23.52 4.17
CA VAL A 7 -31.00 -23.01 3.82
C VAL A 7 -30.16 -22.88 5.08
N THR A 8 -28.84 -22.88 4.90
CA THR A 8 -27.92 -22.69 6.00
C THR A 8 -26.60 -22.21 5.44
N VAL A 9 -26.08 -21.14 5.97
CA VAL A 9 -24.78 -20.67 5.53
C VAL A 9 -23.73 -21.27 6.43
N TYR A 10 -22.60 -21.63 5.85
CA TYR A 10 -21.43 -22.08 6.57
C TYR A 10 -20.30 -21.16 6.18
N TYR A 11 -19.67 -20.55 7.16
CA TYR A 11 -18.42 -19.85 6.93
C TYR A 11 -17.32 -20.78 7.36
N GLY A 12 -16.37 -21.03 6.47
CA GLY A 12 -15.26 -21.90 6.78
C GLY A 12 -15.34 -23.27 6.17
N VAL A 13 -16.24 -23.49 5.24
CA VAL A 13 -16.34 -24.78 4.58
C VAL A 13 -15.11 -24.98 3.67
N PRO A 14 -14.47 -26.12 3.69
CA PRO A 14 -13.30 -26.30 2.82
C PRO A 14 -13.66 -26.43 1.36
N VAL A 15 -13.44 -25.37 0.61
CA VAL A 15 -13.83 -25.27 -0.79
C VAL A 15 -12.75 -24.50 -1.51
N TRP A 16 -12.24 -25.04 -2.61
CA TRP A 16 -11.16 -24.37 -3.30
C TRP A 16 -11.38 -24.33 -4.79
N ARG A 17 -10.81 -23.32 -5.43
CA ARG A 17 -10.74 -23.27 -6.88
C ARG A 17 -9.28 -23.08 -7.26
N ASP A 18 -8.90 -23.62 -8.40
CA ASP A 18 -7.51 -23.71 -8.82
C ASP A 18 -7.02 -22.35 -9.33
N ALA A 19 -6.94 -21.40 -8.42
CA ALA A 19 -6.75 -20.04 -8.86
C ALA A 19 -5.32 -19.59 -8.63
N ASP A 20 -5.10 -18.29 -8.68
CA ASP A 20 -3.77 -17.73 -8.81
C ASP A 20 -3.63 -16.49 -7.93
N THR A 21 -2.39 -16.19 -7.55
CA THR A 21 -2.08 -14.93 -6.91
C THR A 21 -0.63 -14.56 -7.09
N THR A 22 -0.27 -13.43 -6.49
CA THR A 22 1.10 -13.12 -6.15
C THR A 22 1.38 -13.66 -4.75
N LEU A 23 2.51 -14.31 -4.60
CA LEU A 23 2.94 -14.89 -3.35
C LEU A 23 3.96 -13.97 -2.71
N PHE A 24 4.27 -14.21 -1.45
CA PHE A 24 5.34 -13.44 -0.85
C PHE A 24 6.42 -14.38 -0.36
N CYS A 25 7.66 -14.01 -0.62
CA CYS A 25 8.75 -14.85 -0.17
C CYS A 25 8.91 -14.74 1.33
N ALA A 26 9.58 -15.73 1.91
CA ALA A 26 9.70 -15.85 3.36
C ALA A 26 10.86 -16.78 3.66
N SER A 27 11.93 -16.24 4.22
CA SER A 27 13.09 -17.07 4.51
C SER A 27 13.02 -17.57 5.95
N ASP A 28 14.12 -18.16 6.42
CA ASP A 28 14.31 -18.48 7.83
C ASP A 28 14.77 -17.22 8.56
N ALA A 29 15.20 -17.35 9.82
CA ALA A 29 15.55 -16.19 10.64
C ALA A 29 16.80 -15.48 10.14
N LYS A 30 17.61 -16.12 9.32
CA LYS A 30 18.80 -15.50 8.78
C LYS A 30 18.41 -14.52 7.69
N ALA A 31 19.05 -13.36 7.69
CA ALA A 31 18.78 -12.34 6.68
C ALA A 31 19.99 -11.45 6.48
N THR A 34 22.13 -5.24 9.70
CA THR A 34 22.44 -6.65 9.90
C THR A 34 23.65 -7.05 9.06
N GLU A 35 24.09 -6.11 8.22
CA GLU A 35 25.32 -6.19 7.43
C GLU A 35 25.35 -7.37 6.46
N VAL A 36 24.18 -7.88 6.06
CA VAL A 36 24.09 -8.92 5.04
C VAL A 36 23.17 -8.39 3.95
N HIS A 37 23.64 -8.41 2.70
CA HIS A 37 22.92 -7.81 1.61
C HIS A 37 22.98 -8.68 0.37
N ASN A 38 22.80 -9.99 0.53
CA ASN A 38 22.68 -10.85 -0.63
C ASN A 38 21.40 -10.54 -1.41
N VAL A 39 21.39 -10.94 -2.68
CA VAL A 39 20.35 -10.45 -3.56
C VAL A 39 18.99 -11.06 -3.29
N TRP A 40 18.93 -12.27 -2.73
CA TRP A 40 17.70 -13.04 -2.93
C TRP A 40 16.66 -12.78 -1.85
N ALA A 41 17.05 -12.66 -0.58
CA ALA A 41 16.05 -12.57 0.47
C ALA A 41 16.42 -11.53 1.52
N THR A 42 16.82 -10.35 1.09
CA THR A 42 17.10 -9.28 2.04
C THR A 42 16.22 -8.06 1.82
N HIS A 43 16.27 -7.46 0.64
CA HIS A 43 15.52 -6.25 0.33
C HIS A 43 14.17 -6.54 -0.29
N ALA A 44 13.73 -7.78 -0.24
CA ALA A 44 12.48 -8.22 -0.88
C ALA A 44 11.46 -8.77 0.10
N CYS A 45 11.90 -9.52 1.09
CA CYS A 45 10.95 -10.11 2.04
C CYS A 45 11.58 -10.22 3.41
N VAL A 46 11.31 -9.22 4.22
CA VAL A 46 11.54 -9.31 5.66
C VAL A 46 10.95 -10.56 6.35
N PRO A 47 9.67 -10.95 6.13
CA PRO A 47 9.05 -11.89 7.09
C PRO A 47 9.65 -13.27 7.07
N THR A 48 9.95 -13.77 8.26
CA THR A 48 10.59 -15.05 8.44
C THR A 48 9.59 -16.02 9.05
N ASP A 49 9.56 -17.25 8.56
CA ASP A 49 8.63 -18.21 9.10
C ASP A 49 9.36 -19.16 10.02
N PRO A 50 9.00 -19.24 11.30
CA PRO A 50 9.77 -20.05 12.24
C PRO A 50 9.51 -21.54 12.14
N ASN A 51 8.27 -21.93 11.89
CA ASN A 51 7.86 -23.31 12.02
C ASN A 51 6.71 -23.60 11.07
N PRO A 52 6.61 -24.83 10.57
CA PRO A 52 5.52 -25.13 9.62
C PRO A 52 4.22 -25.47 10.33
N GLN A 53 3.13 -25.29 9.58
CA GLN A 53 1.83 -25.87 9.94
C GLN A 53 1.23 -26.54 8.70
N GLU A 54 1.64 -27.78 8.46
CA GLU A 54 1.16 -28.54 7.31
C GLU A 54 0.06 -29.48 7.78
N MET A 55 -1.07 -29.44 7.11
CA MET A 55 -2.19 -30.31 7.47
C MET A 55 -2.37 -31.36 6.39
N HIS A 56 -2.42 -32.62 6.80
CA HIS A 56 -2.71 -33.69 5.86
C HIS A 56 -4.17 -33.62 5.42
N LEU A 57 -4.45 -34.12 4.23
CA LEU A 57 -5.82 -34.26 3.75
C LEU A 57 -6.07 -35.72 3.43
N LYS A 58 -7.10 -36.29 4.04
CA LYS A 58 -7.38 -37.70 3.89
C LYS A 58 -8.33 -37.95 2.73
N ASN A 59 -8.02 -38.96 1.93
CA ASN A 59 -8.91 -39.55 0.92
C ASN A 59 -9.25 -38.59 -0.21
N VAL A 60 -8.49 -37.52 -0.41
CA VAL A 60 -8.78 -36.60 -1.50
C VAL A 60 -7.72 -36.78 -2.59
N THR A 61 -8.11 -36.50 -3.83
CA THR A 61 -7.24 -36.66 -5.00
C THR A 61 -7.27 -35.35 -5.78
N GLU A 62 -6.21 -34.57 -5.72
CA GLU A 62 -6.19 -33.27 -6.39
C GLU A 62 -5.36 -33.33 -7.65
N ASN A 63 -5.85 -32.74 -8.74
CA ASN A 63 -5.17 -32.77 -10.01
C ASN A 63 -4.11 -31.68 -10.06
N PHE A 64 -2.91 -32.06 -10.46
CA PHE A 64 -1.76 -31.15 -10.53
C PHE A 64 -1.23 -31.09 -11.95
N ASN A 65 -0.79 -29.92 -12.36
CA ASN A 65 -0.22 -29.78 -13.69
C ASN A 65 0.84 -28.70 -13.61
N MET A 66 2.08 -29.12 -13.37
CA MET A 66 3.17 -28.18 -13.23
C MET A 66 3.49 -27.46 -14.54
N TRP A 67 3.18 -28.03 -15.67
CA TRP A 67 3.59 -27.37 -16.90
C TRP A 67 2.62 -26.29 -17.34
N LYS A 68 1.43 -26.24 -16.76
CA LYS A 68 0.57 -25.07 -16.87
C LYS A 68 0.39 -24.43 -15.52
N ASN A 69 1.40 -24.55 -14.67
CA ASN A 69 1.47 -23.79 -13.44
C ASN A 69 2.02 -22.41 -13.74
N ASN A 70 1.56 -21.44 -12.97
CA ASN A 70 2.09 -20.10 -13.01
C ASN A 70 2.60 -19.63 -11.65
N MET A 71 2.69 -20.54 -10.67
CA MET A 71 3.50 -20.29 -9.49
C MET A 71 4.95 -20.11 -9.88
N VAL A 72 5.45 -20.98 -10.77
CA VAL A 72 6.83 -20.92 -11.16
C VAL A 72 7.10 -19.75 -12.09
N GLU A 73 6.16 -19.41 -12.97
CA GLU A 73 6.35 -18.26 -13.82
C GLU A 73 6.28 -16.99 -13.01
N GLN A 74 5.42 -16.98 -12.00
CA GLN A 74 5.35 -15.83 -11.10
C GLN A 74 6.60 -15.72 -10.24
N MET A 75 7.18 -16.84 -9.81
CA MET A 75 8.40 -16.72 -9.03
C MET A 75 9.59 -16.36 -9.90
N GLN A 76 9.51 -16.75 -11.18
CA GLN A 76 10.55 -16.41 -12.19
C GLN A 76 10.55 -14.89 -12.38
N GLU A 77 9.36 -14.29 -12.47
CA GLU A 77 9.22 -12.84 -12.58
C GLU A 77 9.70 -12.15 -11.32
N ASP A 78 9.36 -12.69 -10.13
CA ASP A 78 9.88 -12.09 -8.90
C ASP A 78 11.39 -12.27 -8.78
N VAL A 79 11.95 -13.34 -9.32
CA VAL A 79 13.39 -13.52 -9.22
C VAL A 79 14.15 -12.61 -10.19
N ILE A 80 13.61 -12.36 -11.39
CA ILE A 80 14.23 -11.37 -12.27
C ILE A 80 14.12 -9.97 -11.70
N SER A 81 12.90 -9.56 -11.31
CA SER A 81 12.70 -8.21 -10.77
C SER A 81 13.43 -8.01 -9.45
N LEU A 82 13.53 -9.11 -8.69
CA LEU A 82 14.28 -9.15 -7.40
C LEU A 82 15.78 -8.98 -7.68
N TRP A 83 16.30 -9.67 -8.70
CA TRP A 83 17.69 -9.53 -9.10
C TRP A 83 17.98 -8.10 -9.49
N ASP A 84 17.08 -7.48 -10.26
CA ASP A 84 17.35 -6.14 -10.77
C ASP A 84 17.19 -5.07 -9.68
N GLN A 85 16.16 -5.15 -8.84
CA GLN A 85 16.04 -4.17 -7.75
C GLN A 85 17.04 -4.42 -6.63
N SER A 86 17.85 -5.45 -6.75
CA SER A 86 19.06 -5.64 -5.98
C SER A 86 20.31 -5.24 -6.74
N LEU A 87 20.17 -4.70 -7.94
CA LEU A 87 21.35 -4.38 -8.72
C LEU A 87 21.50 -2.90 -8.99
N LYS A 88 20.45 -2.25 -9.50
CA LYS A 88 20.51 -0.89 -10.04
C LYS A 88 21.05 0.21 -9.12
N PRO A 89 21.12 0.00 -7.79
CA PRO A 89 21.69 0.98 -6.86
C PRO A 89 23.13 0.57 -6.55
N CYS A 90 23.71 -0.25 -7.43
CA CYS A 90 25.10 -0.78 -7.25
C CYS A 90 26.13 0.22 -7.80
N VAL A 91 26.63 -0.02 -9.02
CA VAL A 91 27.66 0.87 -9.62
C VAL A 91 27.25 1.29 -11.04
N LYS A 92 27.62 0.49 -12.05
CA LYS A 92 27.34 0.84 -13.45
C LYS A 92 28.62 1.26 -14.19
N LEU A 93 29.45 0.25 -14.45
CA LEU A 93 30.68 0.42 -15.22
C LEU A 93 30.41 0.73 -16.69
N THR A 94 29.97 1.94 -16.95
CA THR A 94 29.96 2.38 -18.33
C THR A 94 31.35 2.63 -18.91
N PRO A 95 32.41 3.00 -18.15
CA PRO A 95 33.69 3.03 -18.89
C PRO A 95 34.50 1.75 -18.77
N LEU A 96 34.04 0.68 -19.43
CA LEU A 96 34.94 -0.34 -19.93
C LEU A 96 34.78 -0.61 -21.40
N CYS A 97 33.72 -0.13 -22.03
CA CYS A 97 33.55 -0.39 -23.45
C CYS A 97 34.55 0.45 -24.22
N VAL A 98 35.77 -0.08 -24.36
CA VAL A 98 36.87 0.61 -25.02
C VAL A 98 37.48 -0.32 -26.04
N THR A 99 38.58 0.09 -26.64
CA THR A 99 39.44 -0.83 -27.36
C THR A 99 40.41 -1.43 -26.35
N LEU A 100 40.43 -2.76 -26.29
CA LEU A 100 41.11 -3.48 -25.24
C LEU A 100 42.41 -4.06 -25.75
N ASN A 101 43.52 -3.74 -25.10
CA ASN A 101 44.84 -4.19 -25.53
C ASN A 101 45.17 -5.49 -24.80
N CYS A 102 44.79 -6.63 -25.40
CA CYS A 102 44.86 -7.92 -24.71
C CYS A 102 45.73 -8.89 -25.50
N THR A 103 46.67 -9.53 -24.81
CA THR A 103 47.33 -10.77 -25.19
C THR A 103 47.92 -11.37 -23.91
N SER A 104 48.00 -12.70 -23.85
CA SER A 104 48.24 -13.45 -22.63
C SER A 104 49.62 -13.17 -22.03
N ALA A 105 49.75 -13.52 -20.75
CA ALA A 105 51.02 -13.49 -20.03
C ALA A 105 50.94 -14.45 -18.86
N THR A 106 52.06 -15.13 -18.58
CA THR A 106 52.10 -16.09 -17.48
C THR A 106 52.83 -15.54 -16.28
N ASP A 125 45.13 -21.79 -16.80
CA ASP A 125 44.20 -21.29 -17.80
C ASP A 125 44.76 -20.05 -18.48
N ASP A 126 44.96 -20.10 -19.81
CA ASP A 126 45.48 -18.90 -20.52
C ASP A 126 44.35 -17.92 -20.86
N VAL A 127 43.84 -17.19 -19.86
CA VAL A 127 42.71 -16.21 -20.04
C VAL A 127 43.09 -15.00 -20.91
N ARG A 128 44.25 -14.38 -20.66
CA ARG A 128 44.71 -13.21 -21.46
C ARG A 128 45.28 -12.12 -20.54
N ASN A 129 45.94 -11.10 -21.12
CA ASN A 129 46.52 -10.00 -20.35
C ASN A 129 46.12 -8.72 -21.05
N CYS A 130 45.38 -7.85 -20.38
CA CYS A 130 44.73 -6.79 -21.13
C CYS A 130 44.83 -5.44 -20.41
N SER A 131 45.51 -4.50 -21.05
CA SER A 131 45.54 -3.12 -20.58
C SER A 131 44.74 -2.25 -21.53
N PHE A 132 44.23 -1.15 -20.97
CA PHE A 132 43.37 -0.23 -21.69
C PHE A 132 43.34 1.11 -20.97
N ASN A 133 42.59 2.05 -21.52
CA ASN A 133 42.43 3.35 -20.90
C ASN A 133 41.16 3.42 -20.07
N MET A 134 41.18 4.34 -19.11
CA MET A 134 40.11 4.49 -18.13
C MET A 134 39.97 6.00 -17.97
N THR A 135 39.20 6.44 -16.99
CA THR A 135 39.31 7.76 -16.40
C THR A 135 39.41 7.60 -14.89
N THR A 136 40.27 8.38 -14.26
CA THR A 136 40.45 8.27 -12.82
C THR A 136 39.35 9.05 -12.11
N GLU A 137 39.50 9.24 -10.80
CA GLU A 137 38.51 10.00 -10.04
C GLU A 137 38.49 11.47 -10.41
N LEU A 138 39.56 11.97 -11.02
CA LEU A 138 39.55 13.27 -11.67
C LEU A 138 39.26 13.07 -13.15
N ARG A 139 38.54 14.02 -13.75
CA ARG A 139 38.16 13.79 -15.12
C ARG A 139 39.25 14.19 -16.11
N ASP A 140 39.97 15.28 -15.85
CA ASP A 140 40.98 15.72 -16.81
C ASP A 140 42.22 14.84 -16.77
N LYS A 141 42.70 14.48 -15.59
CA LYS A 141 43.71 13.45 -15.52
C LYS A 141 43.09 12.11 -15.88
N GLN A 142 43.88 11.28 -16.55
CA GLN A 142 43.38 10.10 -17.23
C GLN A 142 44.17 8.89 -16.72
N GLN A 143 43.57 7.71 -16.87
CA GLN A 143 44.04 6.52 -16.18
C GLN A 143 44.31 5.40 -17.17
N LYS A 144 45.49 4.77 -17.05
CA LYS A 144 45.81 3.56 -17.78
C LYS A 144 45.74 2.37 -16.83
N VAL A 145 45.08 1.30 -17.26
CA VAL A 145 44.64 0.22 -16.38
C VAL A 145 45.10 -1.12 -16.94
N TYR A 146 45.63 -1.94 -16.05
CA TYR A 146 45.98 -3.34 -16.26
C TYR A 146 44.83 -4.24 -15.79
N ALA A 147 44.65 -5.39 -16.45
CA ALA A 147 43.58 -6.34 -16.09
C ALA A 147 43.86 -7.72 -16.68
N LEU A 148 43.08 -8.70 -16.26
CA LEU A 148 43.12 -10.04 -16.84
C LEU A 148 41.69 -10.45 -17.16
N PHE A 149 41.34 -10.46 -18.42
CA PHE A 149 40.02 -10.84 -18.89
C PHE A 149 40.08 -12.20 -19.56
N TYR A 150 38.92 -12.84 -19.64
CA TYR A 150 38.83 -14.20 -20.15
C TYR A 150 38.56 -14.19 -21.65
N LYS A 151 38.68 -15.37 -22.27
CA LYS A 151 38.51 -15.46 -23.71
C LYS A 151 37.08 -15.23 -24.14
N LEU A 152 36.14 -15.52 -23.25
CA LEU A 152 34.73 -15.59 -23.59
C LEU A 152 33.94 -14.36 -23.19
N ASP A 153 34.49 -13.49 -22.33
CA ASP A 153 33.93 -12.17 -22.13
C ASP A 153 34.47 -11.15 -23.13
N ILE A 154 35.14 -11.64 -24.16
CA ILE A 154 35.90 -10.87 -25.14
C ILE A 154 35.48 -11.32 -26.55
N VAL A 155 35.44 -10.36 -27.47
CA VAL A 155 35.22 -10.71 -28.87
C VAL A 155 36.36 -10.17 -29.71
N PRO A 156 36.80 -10.88 -30.73
CA PRO A 156 37.80 -10.30 -31.64
C PRO A 156 37.21 -9.28 -32.60
N ILE A 157 37.49 -8.02 -32.35
CA ILE A 157 37.05 -6.95 -33.24
C ILE A 157 38.14 -6.70 -34.28
N ASP A 158 37.73 -6.49 -35.52
CA ASP A 158 38.70 -6.40 -36.62
C ASP A 158 38.48 -5.13 -37.42
N ASN A 167 50.47 -10.65 -32.92
CA ASN A 167 50.55 -10.45 -31.48
C ASN A 167 49.85 -9.16 -31.10
N PHE A 168 49.67 -8.98 -29.79
CA PHE A 168 49.09 -7.77 -29.17
C PHE A 168 47.70 -7.47 -29.72
N SER A 169 46.78 -8.43 -29.53
CA SER A 169 45.48 -8.35 -30.15
C SER A 169 44.61 -7.28 -29.49
N GLU A 170 43.59 -6.84 -30.22
CA GLU A 170 42.68 -5.78 -29.79
C GLU A 170 41.27 -6.33 -29.71
N TYR A 171 40.70 -6.39 -28.50
CA TYR A 171 39.42 -7.04 -28.27
C TYR A 171 38.40 -6.03 -27.74
N ARG A 172 37.23 -6.54 -27.33
CA ARG A 172 36.11 -5.73 -26.88
C ARG A 172 35.38 -6.53 -25.80
N LEU A 173 34.67 -5.84 -24.91
CA LEU A 173 33.78 -6.56 -24.02
C LEU A 173 32.58 -7.10 -24.78
N ILE A 174 32.05 -8.24 -24.32
CA ILE A 174 30.97 -8.89 -25.04
C ILE A 174 29.63 -8.19 -24.88
N ASN A 175 29.51 -7.26 -23.96
CA ASN A 175 28.18 -6.73 -23.74
C ASN A 175 28.20 -5.23 -23.95
N CYS A 176 28.76 -4.80 -25.06
CA CYS A 176 28.68 -3.40 -25.45
C CYS A 176 27.75 -3.16 -26.63
N ASN A 177 27.18 -4.22 -27.21
CA ASN A 177 26.02 -3.99 -28.06
C ASN A 177 24.82 -3.64 -27.21
N THR A 178 24.40 -4.58 -26.38
CA THR A 178 23.27 -4.41 -25.48
C THR A 178 23.76 -3.76 -24.20
N SER A 179 22.96 -3.88 -23.14
CA SER A 179 22.89 -2.95 -22.02
C SER A 179 24.23 -2.80 -21.28
N VAL A 180 24.35 -1.67 -20.59
CA VAL A 180 25.56 -1.36 -19.85
C VAL A 180 25.67 -2.28 -18.63
N ILE A 181 26.86 -2.79 -18.41
CA ILE A 181 27.10 -3.75 -17.34
C ILE A 181 27.27 -2.97 -16.04
N LYS A 182 26.78 -3.53 -14.94
CA LYS A 182 27.03 -2.98 -13.63
C LYS A 182 27.95 -3.92 -12.84
N GLN A 183 28.44 -3.43 -11.71
CA GLN A 183 29.25 -4.28 -10.86
C GLN A 183 28.35 -4.89 -9.79
N ALA A 184 28.87 -5.91 -9.11
CA ALA A 184 28.06 -6.60 -8.12
C ALA A 184 27.92 -5.82 -6.83
N CYS A 185 28.77 -4.80 -6.60
CA CYS A 185 28.91 -4.00 -5.38
C CYS A 185 29.11 -4.94 -4.18
N PRO A 186 30.37 -5.40 -3.99
CA PRO A 186 30.70 -6.70 -3.36
C PRO A 186 30.15 -7.02 -1.98
N LYS A 187 29.70 -5.99 -1.29
CA LYS A 187 28.90 -6.14 -0.07
C LYS A 187 27.59 -6.88 -0.31
N VAL A 188 27.15 -6.95 -1.57
CA VAL A 188 26.19 -7.95 -2.03
C VAL A 188 26.81 -9.34 -1.96
N SER A 189 26.07 -10.30 -1.40
CA SER A 189 26.44 -11.70 -1.52
C SER A 189 25.54 -12.40 -2.54
N PHE A 190 25.79 -13.69 -2.76
CA PHE A 190 24.97 -14.44 -3.69
C PHE A 190 24.65 -15.83 -3.19
N ASP A 191 24.67 -16.03 -1.89
CA ASP A 191 24.41 -17.34 -1.32
C ASP A 191 22.94 -17.70 -1.49
N PRO A 192 22.61 -18.75 -2.20
CA PRO A 192 21.19 -19.06 -2.44
C PRO A 192 20.53 -19.65 -1.21
N ILE A 193 20.10 -18.80 -0.29
CA ILE A 193 19.51 -19.26 0.96
C ILE A 193 18.11 -19.75 0.64
N PRO A 194 17.55 -20.68 1.43
CA PRO A 194 16.19 -21.16 1.15
C PRO A 194 15.12 -20.09 1.25
N ILE A 195 14.55 -19.76 0.12
CA ILE A 195 13.39 -18.88 0.03
C ILE A 195 12.14 -19.73 0.05
N HIS A 196 11.26 -19.49 1.00
CA HIS A 196 9.95 -20.07 0.95
C HIS A 196 9.02 -19.15 0.18
N TYR A 197 7.94 -19.72 -0.35
CA TYR A 197 6.84 -18.90 -0.84
C TYR A 197 5.64 -19.16 0.04
N CYS A 198 5.31 -18.21 0.89
CA CYS A 198 4.10 -18.30 1.68
C CYS A 198 3.01 -17.48 1.02
N THR A 199 1.81 -18.06 1.00
CA THR A 199 0.63 -17.49 0.38
C THR A 199 -0.07 -16.55 1.34
N PRO A 200 -0.66 -15.44 0.84
CA PRO A 200 -1.35 -14.51 1.73
C PRO A 200 -2.64 -15.08 2.25
N ALA A 201 -3.35 -14.30 3.04
CA ALA A 201 -4.58 -14.76 3.63
C ALA A 201 -5.62 -14.99 2.54
N GLY A 202 -6.31 -16.09 2.64
CA GLY A 202 -7.19 -16.45 1.55
C GLY A 202 -6.82 -17.77 0.92
N TYR A 203 -5.54 -17.96 0.63
CA TYR A 203 -5.12 -18.97 -0.34
C TYR A 203 -4.22 -19.97 0.37
N ALA A 204 -4.21 -21.20 -0.12
CA ALA A 204 -3.42 -22.25 0.47
C ALA A 204 -2.60 -22.92 -0.61
N ILE A 205 -1.51 -23.59 -0.23
CA ILE A 205 -0.69 -24.27 -1.21
C ILE A 205 -0.80 -25.77 -0.99
N LEU A 206 -1.22 -26.50 -2.01
CA LEU A 206 -1.51 -27.92 -1.87
C LEU A 206 -0.29 -28.72 -2.30
N ARG A 207 0.53 -29.13 -1.34
CA ARG A 207 1.69 -29.97 -1.61
C ARG A 207 1.21 -31.37 -1.97
N CYS A 208 2.00 -32.07 -2.79
CA CYS A 208 1.60 -33.41 -3.23
C CYS A 208 1.92 -34.47 -2.19
N ASN A 209 3.20 -34.56 -1.79
CA ASN A 209 3.72 -35.56 -0.87
C ASN A 209 3.45 -36.99 -1.34
N ASP A 210 3.49 -37.20 -2.65
CA ASP A 210 3.40 -38.55 -3.19
C ASP A 210 4.76 -38.96 -3.72
N LYS A 211 5.13 -40.22 -3.50
CA LYS A 211 6.41 -40.69 -3.97
C LYS A 211 6.27 -41.22 -5.39
N LYS A 212 7.37 -41.12 -6.14
CA LYS A 212 7.42 -41.38 -7.58
C LYS A 212 6.41 -40.51 -8.33
N PHE A 213 6.23 -39.29 -7.86
CA PHE A 213 5.21 -38.43 -8.46
C PHE A 213 5.75 -37.76 -9.71
N ASN A 214 4.93 -37.79 -10.74
CA ASN A 214 5.34 -37.39 -12.07
C ASN A 214 5.17 -35.91 -12.33
N GLY A 215 4.39 -35.23 -11.50
CA GLY A 215 4.15 -33.84 -11.73
C GLY A 215 2.97 -33.56 -12.62
N THR A 216 2.21 -34.56 -13.01
CA THR A 216 1.11 -34.33 -13.93
C THR A 216 0.03 -35.34 -13.59
N GLY A 217 -1.21 -34.89 -13.54
CA GLY A 217 -2.28 -35.78 -13.21
C GLY A 217 -2.52 -35.80 -11.72
N PRO A 218 -3.13 -36.86 -11.21
CA PRO A 218 -3.62 -36.85 -9.84
C PRO A 218 -2.48 -36.98 -8.84
N CYS A 219 -2.85 -36.84 -7.57
CA CYS A 219 -1.94 -36.96 -6.45
C CYS A 219 -2.74 -37.51 -5.28
N LYS A 220 -2.14 -38.44 -4.53
CA LYS A 220 -2.94 -39.23 -3.60
C LYS A 220 -3.03 -38.62 -2.21
N ASN A 221 -1.91 -38.27 -1.61
CA ASN A 221 -1.93 -37.69 -0.28
C ASN A 221 -1.55 -36.22 -0.29
N VAL A 222 -2.12 -35.46 -1.22
CA VAL A 222 -2.00 -34.00 -1.25
C VAL A 222 -2.38 -33.40 0.10
N SER A 223 -1.44 -32.70 0.70
CA SER A 223 -1.64 -32.08 2.00
C SER A 223 -1.44 -30.58 1.85
N SER A 224 -2.21 -29.82 2.60
CA SER A 224 -2.16 -28.38 2.49
C SER A 224 -1.06 -27.82 3.35
N VAL A 225 -0.55 -26.66 2.95
CA VAL A 225 0.54 -26.03 3.67
C VAL A 225 0.39 -24.54 3.42
N GLN A 226 1.03 -23.75 4.28
CA GLN A 226 1.01 -22.31 4.14
C GLN A 226 2.22 -21.81 3.36
N CYS A 227 3.38 -22.43 3.49
CA CYS A 227 4.47 -22.16 2.57
C CYS A 227 5.15 -23.42 2.08
N THR A 228 5.80 -23.30 0.92
CA THR A 228 6.56 -24.38 0.29
C THR A 228 7.75 -24.79 1.15
N HIS A 229 8.39 -25.88 0.74
CA HIS A 229 9.71 -26.16 1.28
C HIS A 229 10.68 -25.15 0.71
N GLY A 230 11.76 -24.95 1.43
CA GLY A 230 12.72 -23.92 1.07
C GLY A 230 13.44 -24.21 -0.22
N ILE A 231 13.10 -23.50 -1.23
CA ILE A 231 13.75 -23.71 -2.51
C ILE A 231 14.97 -22.80 -2.55
N LYS A 232 15.99 -23.28 -3.24
CA LYS A 232 17.20 -22.51 -3.39
C LYS A 232 17.19 -21.88 -4.77
N PRO A 233 17.22 -20.57 -4.88
CA PRO A 233 17.10 -19.90 -6.18
C PRO A 233 18.38 -19.96 -7.00
N VAL A 234 18.83 -21.17 -7.28
CA VAL A 234 20.07 -21.36 -8.01
C VAL A 234 19.81 -21.17 -9.49
N VAL A 235 20.85 -20.88 -10.23
CA VAL A 235 20.79 -20.84 -11.67
C VAL A 235 21.87 -21.79 -12.19
N SER A 236 21.50 -22.61 -13.17
CA SER A 236 22.39 -23.60 -13.75
C SER A 236 21.78 -24.04 -15.07
N THR A 237 22.51 -23.84 -16.17
CA THR A 237 21.94 -24.12 -17.48
C THR A 237 21.83 -25.61 -17.74
N GLN A 238 22.92 -26.35 -17.59
CA GLN A 238 22.93 -27.70 -18.13
C GLN A 238 22.31 -28.72 -17.18
N LEU A 239 22.63 -28.63 -15.89
CA LEU A 239 22.10 -29.60 -14.95
C LEU A 239 21.98 -28.97 -13.58
N LEU A 240 21.09 -29.51 -12.76
CA LEU A 240 20.58 -28.81 -11.60
C LEU A 240 21.44 -29.08 -10.38
N LEU A 241 21.57 -28.08 -9.52
CA LEU A 241 22.41 -28.22 -8.35
C LEU A 241 21.64 -27.84 -7.10
N ASN A 242 22.06 -28.47 -5.99
CA ASN A 242 21.52 -28.26 -4.64
C ASN A 242 20.01 -28.45 -4.56
N GLY A 243 19.47 -29.32 -5.39
CA GLY A 243 18.04 -29.48 -5.45
C GLY A 243 17.53 -30.26 -4.28
N SER A 244 16.22 -30.41 -4.24
CA SER A 244 15.61 -31.36 -3.34
C SER A 244 15.60 -32.72 -4.00
N LEU A 245 15.68 -33.75 -3.18
CA LEU A 245 15.73 -35.10 -3.69
C LEU A 245 14.33 -35.72 -3.71
N ALA A 246 14.01 -36.37 -4.82
CA ALA A 246 12.96 -37.37 -4.77
C ALA A 246 13.48 -38.56 -3.98
N GLU A 247 12.57 -39.29 -3.34
CA GLU A 247 13.07 -40.33 -2.44
C GLU A 247 13.16 -41.70 -3.12
N GLU A 248 12.05 -42.25 -3.59
CA GLU A 248 12.08 -43.61 -4.07
C GLU A 248 12.38 -43.74 -5.56
N GLY A 249 11.68 -43.04 -6.40
CA GLY A 249 11.97 -43.13 -7.81
C GLY A 249 12.93 -42.04 -8.25
N ILE A 250 13.42 -42.18 -9.48
CA ILE A 250 13.93 -41.04 -10.21
C ILE A 250 12.86 -40.69 -11.24
N ILE A 251 12.66 -39.41 -11.48
CA ILE A 251 11.44 -38.90 -12.08
C ILE A 251 11.78 -38.21 -13.38
N ILE A 252 11.08 -38.58 -14.44
CA ILE A 252 11.27 -37.96 -15.74
C ILE A 252 10.10 -37.03 -15.97
N ARG A 253 10.38 -35.79 -16.33
CA ARG A 253 9.37 -34.76 -16.46
C ARG A 253 9.51 -34.07 -17.79
N SER A 254 8.39 -33.86 -18.47
CA SER A 254 8.40 -32.99 -19.63
C SER A 254 7.02 -32.42 -19.85
N GLU A 255 6.98 -31.41 -20.71
CA GLU A 255 5.70 -30.93 -21.17
C GLU A 255 5.13 -31.84 -22.23
N ASN A 256 5.94 -32.27 -23.18
CA ASN A 256 5.46 -33.01 -24.34
C ASN A 256 6.60 -33.88 -24.84
N LEU A 257 6.59 -35.15 -24.44
CA LEU A 257 7.68 -36.07 -24.77
C LEU A 257 7.76 -36.36 -26.26
N THR A 258 6.65 -36.24 -26.99
CA THR A 258 6.75 -36.33 -28.43
C THR A 258 7.43 -35.11 -29.03
N ASN A 259 7.34 -33.96 -28.37
CA ASN A 259 7.97 -32.75 -28.89
C ASN A 259 9.43 -32.74 -28.42
N ASN A 260 10.35 -32.87 -29.36
CA ASN A 260 11.77 -32.90 -29.03
C ASN A 260 12.30 -31.57 -28.54
N ALA A 261 11.59 -30.47 -28.79
CA ALA A 261 12.07 -29.16 -28.38
C ALA A 261 11.93 -28.93 -26.89
N LYS A 262 10.96 -29.57 -26.23
CA LYS A 262 10.72 -29.32 -24.83
C LYS A 262 11.78 -30.00 -23.98
N THR A 263 12.28 -29.27 -22.98
CA THR A 263 13.38 -29.74 -22.16
C THR A 263 12.90 -30.79 -21.17
N ILE A 264 13.55 -31.94 -21.17
CA ILE A 264 13.22 -33.01 -20.24
C ILE A 264 13.97 -32.79 -18.93
N ILE A 265 13.24 -32.61 -17.84
CA ILE A 265 13.82 -32.59 -16.51
C ILE A 265 14.00 -34.01 -16.04
N VAL A 266 15.17 -34.32 -15.50
CA VAL A 266 15.43 -35.60 -14.87
C VAL A 266 15.79 -35.33 -13.43
N HIS A 267 15.01 -35.89 -12.51
CA HIS A 267 15.18 -35.68 -11.08
C HIS A 267 15.70 -36.96 -10.46
N PHE A 268 16.82 -36.87 -9.76
CA PHE A 268 17.44 -38.07 -9.21
C PHE A 268 16.75 -38.53 -7.95
N ASN A 269 17.30 -39.57 -7.33
CA ASN A 269 16.92 -39.90 -5.98
C ASN A 269 18.08 -39.98 -5.00
N GLU A 270 19.31 -39.95 -5.49
CA GLU A 270 20.48 -39.87 -4.63
C GLU A 270 21.33 -38.67 -4.99
N SER A 271 21.77 -37.97 -3.96
CA SER A 271 22.53 -36.73 -4.08
C SER A 271 23.89 -37.02 -4.68
N VAL A 272 24.07 -36.71 -5.95
CA VAL A 272 25.37 -36.95 -6.55
C VAL A 272 26.32 -35.84 -6.11
N LYS A 273 27.52 -36.20 -5.71
CA LYS A 273 28.45 -35.20 -5.24
C LYS A 273 29.15 -34.50 -6.39
N ILE A 274 29.54 -33.26 -6.16
CA ILE A 274 30.48 -32.57 -7.04
C ILE A 274 31.24 -31.57 -6.18
N ASN A 275 32.52 -31.39 -6.49
CA ASN A 275 33.36 -30.41 -5.84
C ASN A 275 33.87 -29.51 -6.95
N CYS A 276 33.56 -28.23 -6.88
CA CYS A 276 34.05 -27.32 -7.89
C CYS A 276 34.98 -26.31 -7.24
N THR A 277 36.20 -26.23 -7.75
CA THR A 277 37.23 -25.39 -7.20
C THR A 277 37.87 -24.59 -8.32
N ARG A 278 38.29 -23.40 -7.99
CA ARG A 278 39.38 -22.82 -8.74
C ARG A 278 40.59 -22.87 -7.83
N PRO A 279 41.60 -23.69 -8.14
CA PRO A 279 42.75 -23.86 -7.24
C PRO A 279 43.85 -22.85 -7.52
N SER A 280 43.49 -21.58 -7.55
CA SER A 280 44.40 -20.58 -8.07
C SER A 280 44.25 -19.29 -7.28
N ASN A 281 45.36 -18.84 -6.71
CA ASN A 281 45.43 -17.51 -6.14
C ASN A 281 45.18 -16.48 -7.22
N ASN A 282 44.17 -15.64 -7.03
CA ASN A 282 44.05 -14.43 -7.85
C ASN A 282 43.53 -13.29 -6.99
N THR A 283 44.40 -12.33 -6.72
CA THR A 283 44.05 -11.29 -5.78
C THR A 283 43.15 -10.26 -6.43
N ARG A 284 42.47 -9.49 -5.60
CA ARG A 284 41.48 -8.53 -6.05
C ARG A 284 42.00 -7.15 -5.67
N THR A 285 42.23 -6.31 -6.66
CA THR A 285 42.57 -4.92 -6.40
C THR A 285 41.67 -4.04 -7.23
N GLY A 286 41.57 -2.79 -6.80
CA GLY A 286 40.56 -1.88 -7.32
C GLY A 286 41.15 -0.67 -8.00
N ILE A 287 40.40 -0.12 -8.94
CA ILE A 287 40.69 1.16 -9.57
C ILE A 287 39.61 2.16 -9.19
N HIS A 288 40.01 3.42 -9.07
CA HIS A 288 39.04 4.49 -8.97
C HIS A 288 38.61 4.85 -10.38
N ILE A 289 37.41 4.47 -10.77
CA ILE A 289 36.83 4.94 -12.03
C ILE A 289 35.93 6.15 -11.81
N GLY A 290 35.10 6.15 -10.78
CA GLY A 290 34.28 7.29 -10.48
C GLY A 290 34.33 7.65 -9.02
N PRO A 291 33.57 8.65 -8.65
CA PRO A 291 33.40 8.96 -7.23
C PRO A 291 32.66 7.86 -6.50
N GLY A 292 33.37 7.10 -5.69
CA GLY A 292 32.79 5.94 -5.04
C GLY A 292 32.72 4.72 -5.92
N GLN A 293 33.15 4.81 -7.16
CA GLN A 293 33.12 3.70 -8.09
C GLN A 293 34.53 3.11 -8.12
N VAL A 294 34.70 1.99 -7.44
CA VAL A 294 35.99 1.31 -7.35
C VAL A 294 35.81 -0.04 -8.01
N PHE A 295 36.29 -0.13 -9.24
CA PHE A 295 36.18 -1.36 -10.02
C PHE A 295 37.19 -2.37 -9.50
N TYR A 296 36.70 -3.50 -8.99
CA TYR A 296 37.54 -4.56 -8.50
C TYR A 296 37.86 -5.53 -9.64
N LYS A 297 39.10 -6.01 -9.67
CA LYS A 297 39.57 -6.84 -10.77
C LYS A 297 40.66 -7.76 -10.25
N THR A 298 41.05 -8.69 -11.12
CA THR A 298 42.10 -9.64 -10.85
C THR A 298 43.44 -8.95 -10.70
N GLY A 299 44.41 -9.69 -10.17
CA GLY A 299 45.76 -9.19 -10.12
C GLY A 299 46.77 -10.24 -10.49
N ASP A 300 47.73 -10.45 -9.59
CA ASP A 300 48.66 -11.56 -9.71
C ASP A 300 47.91 -12.88 -9.68
N ILE A 301 48.40 -13.84 -10.47
CA ILE A 301 47.67 -15.09 -10.72
C ILE A 301 48.67 -16.24 -10.56
N ILE A 302 48.73 -16.79 -9.35
CA ILE A 302 49.66 -17.87 -9.02
C ILE A 302 48.88 -19.01 -8.37
N GLY A 303 49.61 -20.04 -7.94
CA GLY A 303 48.98 -21.23 -7.42
C GLY A 303 49.07 -22.39 -8.38
N ASP A 304 48.00 -23.16 -8.51
CA ASP A 304 47.96 -24.27 -9.45
C ASP A 304 47.30 -23.80 -10.73
N ILE A 305 48.08 -23.16 -11.60
CA ILE A 305 47.56 -22.42 -12.74
C ILE A 305 47.20 -23.43 -13.82
N ARG A 306 45.93 -23.83 -13.85
CA ARG A 306 45.32 -24.55 -14.95
C ARG A 306 43.84 -24.22 -14.86
N LYS A 307 43.03 -24.76 -15.78
CA LYS A 307 41.60 -24.51 -15.76
C LYS A 307 40.95 -25.04 -14.49
N ALA A 308 39.97 -24.29 -13.99
CA ALA A 308 39.23 -24.71 -12.83
C ALA A 308 38.42 -25.96 -13.17
N TYR A 309 38.41 -26.92 -12.26
CA TYR A 309 37.86 -28.22 -12.54
C TYR A 309 36.63 -28.47 -11.67
N CYS A 310 35.90 -29.53 -12.02
CA CYS A 310 34.94 -30.14 -11.12
C CYS A 310 35.12 -31.65 -11.24
N ASN A 311 35.12 -32.33 -10.11
CA ASN A 311 35.36 -33.76 -10.08
C ASN A 311 34.08 -34.51 -9.68
N ILE A 312 33.87 -35.68 -10.27
CA ILE A 312 32.63 -36.45 -10.07
C ILE A 312 32.99 -37.92 -9.95
N SER A 313 32.59 -38.56 -8.85
CA SER A 313 32.91 -39.97 -8.64
C SER A 313 32.13 -40.85 -9.60
N GLY A 314 32.87 -41.67 -10.35
CA GLY A 314 32.28 -42.47 -11.40
C GLY A 314 31.36 -43.58 -10.92
N ALA A 315 31.51 -44.00 -9.67
CA ALA A 315 30.64 -45.04 -9.13
C ALA A 315 29.21 -44.55 -9.01
N GLN A 316 28.99 -43.50 -8.20
CA GLN A 316 27.65 -42.96 -8.07
C GLN A 316 27.15 -42.36 -9.36
N TRP A 317 28.02 -41.76 -10.16
CA TRP A 317 27.56 -41.12 -11.38
C TRP A 317 27.09 -42.12 -12.41
N HIS A 318 27.89 -43.16 -12.66
CA HIS A 318 27.43 -44.14 -13.62
C HIS A 318 26.32 -45.03 -13.06
N LYS A 319 26.21 -45.17 -11.74
CA LYS A 319 25.05 -45.86 -11.20
C LYS A 319 23.77 -45.06 -11.42
N VAL A 320 23.81 -43.76 -11.14
CA VAL A 320 22.57 -42.99 -11.27
C VAL A 320 22.27 -42.74 -12.73
N LEU A 321 23.28 -42.70 -13.60
CA LEU A 321 22.95 -42.57 -15.00
C LEU A 321 22.46 -43.88 -15.58
N GLY A 322 22.92 -45.01 -15.04
CA GLY A 322 22.32 -46.29 -15.41
C GLY A 322 20.88 -46.41 -15.00
N ARG A 323 20.55 -45.94 -13.79
CA ARG A 323 19.15 -45.95 -13.37
C ARG A 323 18.32 -44.93 -14.14
N VAL A 324 18.94 -43.82 -14.54
CA VAL A 324 18.29 -42.84 -15.40
C VAL A 324 17.95 -43.44 -16.76
N ALA A 325 18.89 -44.16 -17.35
CA ALA A 325 18.58 -44.80 -18.63
C ALA A 325 17.64 -45.97 -18.48
N ASN A 326 17.61 -46.61 -17.30
CA ASN A 326 16.60 -47.62 -17.04
C ASN A 326 15.20 -47.01 -17.07
N LYS A 327 15.02 -45.90 -16.35
CA LYS A 327 13.70 -45.24 -16.34
C LYS A 327 13.39 -44.60 -17.69
N LEU A 328 14.39 -44.14 -18.42
CA LEU A 328 14.11 -43.57 -19.73
C LEU A 328 13.76 -44.64 -20.74
N LYS A 329 14.30 -45.85 -20.56
CA LYS A 329 13.82 -46.98 -21.35
C LYS A 329 12.39 -47.31 -20.97
N GLU A 330 12.04 -47.15 -19.69
CA GLU A 330 10.66 -47.35 -19.28
C GLU A 330 9.72 -46.32 -19.90
N HIS A 331 10.21 -45.12 -20.21
CA HIS A 331 9.40 -44.19 -20.97
C HIS A 331 9.54 -44.41 -22.48
N PHE A 332 10.76 -44.35 -22.99
CA PHE A 332 10.99 -44.26 -24.44
C PHE A 332 11.04 -45.64 -25.09
N ASN A 333 9.92 -46.36 -24.99
CA ASN A 333 9.60 -47.54 -25.79
C ASN A 333 10.56 -48.71 -25.59
N ASN A 334 11.39 -48.68 -24.54
CA ASN A 334 12.50 -49.62 -24.33
C ASN A 334 13.38 -49.63 -25.58
N LYS A 335 14.09 -48.52 -25.77
CA LYS A 335 14.95 -48.33 -26.92
C LYS A 335 16.41 -48.24 -26.50
N THR A 336 17.27 -48.06 -27.49
CA THR A 336 18.71 -47.96 -27.31
C THR A 336 19.08 -46.50 -27.08
N ILE A 337 19.48 -46.18 -25.86
CA ILE A 337 19.62 -44.81 -25.41
C ILE A 337 21.07 -44.38 -25.60
N VAL A 338 21.30 -43.32 -26.36
CA VAL A 338 22.64 -42.73 -26.43
C VAL A 338 22.61 -41.38 -25.73
N PHE A 339 23.71 -41.04 -25.10
CA PHE A 339 23.94 -39.73 -24.51
C PHE A 339 25.08 -39.10 -25.30
N LYS A 340 24.70 -38.37 -26.33
CA LYS A 340 25.60 -37.52 -27.09
C LYS A 340 25.98 -36.34 -26.20
N PRO A 341 26.98 -35.58 -26.54
CA PRO A 341 27.18 -34.31 -25.83
C PRO A 341 26.30 -33.20 -26.33
N SER A 342 26.63 -31.98 -25.94
CA SER A 342 25.87 -30.82 -26.34
C SER A 342 26.12 -30.48 -27.81
N SER A 343 25.37 -29.53 -28.30
CA SER A 343 25.46 -29.16 -29.70
C SER A 343 26.51 -28.09 -29.98
N GLY A 344 27.18 -27.58 -28.95
CA GLY A 344 28.18 -26.55 -29.16
C GLY A 344 27.56 -25.22 -29.51
N GLY A 345 28.43 -24.24 -29.68
CA GLY A 345 27.97 -22.91 -30.02
C GLY A 345 28.26 -21.91 -28.93
N ASP A 346 27.26 -21.12 -28.56
CA ASP A 346 27.44 -20.08 -27.55
C ASP A 346 27.52 -20.71 -26.18
N PRO A 347 28.63 -20.55 -25.44
CA PRO A 347 28.82 -21.34 -24.21
C PRO A 347 27.99 -20.94 -23.01
N GLU A 348 26.95 -20.13 -23.17
CA GLU A 348 25.99 -19.97 -22.10
C GLU A 348 24.70 -20.75 -22.35
N ILE A 349 24.21 -20.72 -23.58
CA ILE A 349 23.06 -21.54 -23.93
C ILE A 349 23.44 -23.01 -23.91
N THR A 350 24.70 -23.30 -24.19
CA THR A 350 25.16 -24.66 -24.41
C THR A 350 25.74 -25.33 -23.17
N MET A 351 26.52 -24.63 -22.37
CA MET A 351 27.32 -25.24 -21.33
C MET A 351 26.66 -25.22 -19.96
N HIS A 352 27.44 -25.53 -18.93
CA HIS A 352 26.96 -25.72 -17.56
C HIS A 352 27.21 -24.45 -16.76
N HIS A 353 26.19 -23.61 -16.66
CA HIS A 353 26.25 -22.42 -15.84
C HIS A 353 26.31 -22.80 -14.38
N PHE A 354 27.07 -22.03 -13.61
CA PHE A 354 27.40 -22.46 -12.27
C PHE A 354 27.55 -21.23 -11.39
N ASN A 355 27.28 -21.41 -10.10
CA ASN A 355 27.04 -20.28 -9.20
C ASN A 355 27.90 -20.42 -7.96
N CYS A 356 29.21 -20.55 -8.15
CA CYS A 356 30.12 -20.61 -7.02
C CYS A 356 30.34 -19.21 -6.45
N ARG A 357 31.32 -19.09 -5.54
CA ARG A 357 31.65 -17.78 -4.90
C ARG A 357 31.73 -16.66 -5.94
N GLY A 358 30.69 -15.81 -6.00
CA GLY A 358 30.59 -14.63 -6.88
C GLY A 358 31.21 -14.82 -8.26
N GLU A 359 31.61 -16.04 -8.59
CA GLU A 359 32.22 -16.33 -9.88
C GLU A 359 31.36 -17.36 -10.59
N PHE A 360 31.40 -17.35 -11.91
CA PHE A 360 30.44 -18.12 -12.70
C PHE A 360 31.17 -19.02 -13.67
N PHE A 361 31.03 -20.33 -13.47
CA PHE A 361 31.77 -21.30 -14.25
C PHE A 361 30.91 -21.79 -15.40
N TYR A 362 31.52 -21.99 -16.56
CA TYR A 362 30.92 -22.80 -17.62
C TYR A 362 31.81 -24.01 -17.79
N CYS A 363 31.28 -25.18 -17.47
CA CYS A 363 32.03 -26.41 -17.48
C CYS A 363 31.60 -27.24 -18.68
N ASN A 364 32.53 -27.47 -19.61
CA ASN A 364 32.27 -28.32 -20.78
C ASN A 364 31.98 -29.71 -20.26
N THR A 365 30.70 -30.07 -20.24
CA THR A 365 30.22 -31.27 -19.58
C THR A 365 30.26 -32.51 -20.47
N THR A 366 31.16 -32.52 -21.46
CA THR A 366 31.09 -33.46 -22.57
C THR A 366 31.33 -34.89 -22.12
N LYS A 367 32.34 -35.13 -21.30
CA LYS A 367 32.64 -36.49 -20.87
C LYS A 367 31.70 -36.98 -19.77
N LEU A 368 30.75 -36.16 -19.33
CA LEU A 368 29.70 -36.67 -18.46
C LEU A 368 28.58 -37.31 -19.25
N PHE A 369 28.23 -36.74 -20.39
CA PHE A 369 27.10 -37.24 -21.17
C PHE A 369 27.61 -37.75 -22.50
N ASN A 370 28.09 -38.99 -22.47
CA ASN A 370 28.63 -39.66 -23.65
C ASN A 370 28.52 -41.15 -23.37
N SER A 371 27.49 -41.80 -23.93
CA SER A 371 27.34 -43.24 -23.77
C SER A 371 26.39 -43.76 -24.84
N THR A 372 26.35 -45.08 -24.99
CA THR A 372 25.30 -45.73 -25.78
C THR A 372 24.97 -47.03 -25.08
N TRP A 373 23.75 -47.12 -24.54
CA TRP A 373 23.33 -48.22 -23.67
C TRP A 373 22.11 -48.90 -24.28
N GLY A 374 22.19 -50.22 -24.44
CA GLY A 374 21.11 -50.98 -25.02
C GLY A 374 20.86 -52.32 -24.34
N THR A 380 30.80 -48.57 -19.58
CA THR A 380 32.03 -49.35 -19.43
C THR A 380 33.14 -48.48 -18.87
N ARG A 381 32.78 -47.57 -17.97
CA ARG A 381 33.71 -46.59 -17.45
C ARG A 381 34.20 -47.00 -16.07
N ASP A 382 35.01 -46.14 -15.46
CA ASP A 382 35.70 -46.46 -14.24
C ASP A 382 34.79 -46.32 -13.02
N ASN A 383 35.30 -46.80 -11.89
CA ASN A 383 34.83 -46.40 -10.57
C ASN A 383 35.76 -45.36 -9.96
N GLY A 384 36.28 -44.47 -10.79
CA GLY A 384 37.32 -43.55 -10.35
C GLY A 384 36.89 -42.11 -10.19
N THR A 385 37.24 -41.26 -11.15
CA THR A 385 36.95 -39.83 -11.06
C THR A 385 36.88 -39.23 -12.45
N ILE A 386 35.79 -38.51 -12.73
CA ILE A 386 35.63 -37.74 -13.96
C ILE A 386 35.95 -36.29 -13.64
N THR A 387 36.91 -35.72 -14.36
CA THR A 387 37.31 -34.34 -14.15
C THR A 387 36.94 -33.52 -15.37
N ILE A 388 36.16 -32.47 -15.15
CA ILE A 388 35.72 -31.60 -16.23
C ILE A 388 36.29 -30.20 -16.05
N PRO A 389 36.79 -29.59 -17.12
CA PRO A 389 37.32 -28.22 -17.02
C PRO A 389 36.18 -27.23 -16.93
N CYS A 390 36.49 -26.02 -16.50
CA CYS A 390 35.49 -24.96 -16.39
C CYS A 390 36.10 -23.63 -16.77
N ARG A 391 35.74 -23.13 -17.95
CA ARG A 391 36.05 -21.75 -18.32
C ARG A 391 35.19 -20.83 -17.46
N ILE A 392 35.79 -19.93 -16.71
CA ILE A 392 35.00 -19.11 -15.79
C ILE A 392 34.73 -17.79 -16.51
N LYS A 393 33.82 -16.99 -15.94
CA LYS A 393 33.32 -15.83 -16.64
C LYS A 393 33.01 -14.73 -15.64
N GLN A 394 33.32 -13.49 -16.00
CA GLN A 394 33.02 -12.36 -15.13
C GLN A 394 31.73 -11.64 -15.52
N ILE A 395 31.66 -11.09 -16.72
CA ILE A 395 30.50 -10.31 -17.16
C ILE A 395 29.47 -11.28 -17.72
N ILE A 396 28.38 -11.48 -17.01
CA ILE A 396 27.39 -12.47 -17.38
C ILE A 396 26.10 -11.76 -17.76
N ASN A 397 25.56 -12.11 -18.92
CA ASN A 397 24.16 -11.85 -19.21
C ASN A 397 23.46 -13.12 -18.74
N MET A 398 23.28 -13.20 -17.41
CA MET A 398 22.96 -14.46 -16.73
C MET A 398 21.71 -15.10 -17.27
N TRP A 399 20.72 -14.30 -17.59
CA TRP A 399 19.49 -14.75 -18.21
C TRP A 399 19.43 -14.15 -19.60
N GLN A 400 18.99 -14.95 -20.56
CA GLN A 400 19.30 -14.71 -21.97
C GLN A 400 18.53 -13.50 -22.48
N GLY A 401 19.07 -12.32 -22.15
CA GLY A 401 18.47 -11.07 -22.54
C GLY A 401 17.44 -10.53 -21.57
N VAL A 402 16.78 -11.41 -20.83
CA VAL A 402 15.67 -11.00 -19.97
C VAL A 402 16.23 -10.75 -18.57
N GLY A 403 16.34 -9.49 -18.21
CA GLY A 403 17.01 -9.07 -17.00
C GLY A 403 18.12 -8.11 -17.36
N GLN A 404 19.06 -7.92 -16.44
CA GLN A 404 20.22 -7.10 -16.74
C GLN A 404 21.51 -7.83 -16.42
N ALA A 405 22.60 -7.25 -16.93
CA ALA A 405 23.93 -7.83 -16.85
C ALA A 405 24.49 -7.66 -15.45
N MET A 406 25.73 -8.13 -15.27
CA MET A 406 26.44 -8.07 -14.00
C MET A 406 27.92 -8.34 -14.20
N TYR A 407 28.78 -7.48 -13.66
CA TYR A 407 30.18 -7.83 -13.51
C TYR A 407 30.33 -8.64 -12.25
N ALA A 408 30.92 -9.82 -12.37
CA ALA A 408 31.18 -10.61 -11.18
C ALA A 408 32.65 -10.48 -10.82
N PRO A 409 32.98 -9.85 -9.71
CA PRO A 409 34.39 -9.71 -9.35
C PRO A 409 34.91 -11.00 -8.76
N PRO A 410 36.15 -11.36 -9.08
CA PRO A 410 36.75 -12.55 -8.45
C PRO A 410 37.07 -12.24 -7.01
N ILE A 411 37.08 -13.29 -6.18
CA ILE A 411 36.94 -12.99 -4.76
C ILE A 411 38.30 -12.70 -4.13
N LYS A 412 39.09 -13.74 -3.84
CA LYS A 412 40.47 -13.54 -3.43
C LYS A 412 41.45 -14.59 -3.92
N GLY A 413 41.02 -15.73 -4.42
CA GLY A 413 41.99 -16.79 -4.64
C GLY A 413 41.42 -18.19 -4.69
N VAL A 414 41.98 -19.13 -3.93
CA VAL A 414 41.58 -20.52 -4.07
C VAL A 414 40.20 -20.71 -3.47
N ILE A 415 39.29 -21.25 -4.27
CA ILE A 415 37.87 -21.32 -3.90
C ILE A 415 37.35 -22.74 -4.07
N LYS A 416 36.73 -23.25 -3.02
CA LYS A 416 36.14 -24.59 -3.03
C LYS A 416 34.67 -24.42 -2.69
N CYS A 417 33.81 -24.83 -3.60
CA CYS A 417 32.41 -24.95 -3.32
C CYS A 417 31.95 -26.39 -3.50
N LEU A 418 31.45 -26.97 -2.41
CA LEU A 418 30.90 -28.35 -2.41
C LEU A 418 29.43 -28.24 -2.86
N SER A 419 29.02 -29.09 -3.81
CA SER A 419 27.67 -29.00 -4.32
C SER A 419 27.12 -30.40 -4.55
N ASN A 420 25.79 -30.49 -4.56
CA ASN A 420 25.12 -31.74 -4.82
C ASN A 420 24.48 -31.61 -6.20
N ILE A 421 25.12 -32.18 -7.23
CA ILE A 421 24.44 -32.30 -8.51
C ILE A 421 23.29 -33.28 -8.37
N THR A 422 22.10 -32.84 -8.80
CA THR A 422 20.85 -33.53 -8.46
C THR A 422 19.97 -33.71 -9.67
N GLY A 423 20.07 -32.81 -10.64
CA GLY A 423 19.18 -32.90 -11.78
C GLY A 423 19.91 -32.98 -13.11
N ILE A 424 19.20 -33.37 -14.17
CA ILE A 424 19.74 -33.33 -15.52
C ILE A 424 18.68 -32.63 -16.37
N LEU A 425 19.12 -31.92 -17.42
CA LEU A 425 18.22 -31.35 -18.41
C LEU A 425 18.59 -31.90 -19.79
N LEU A 426 17.77 -32.80 -20.29
CA LEU A 426 18.02 -33.56 -21.51
C LEU A 426 17.01 -33.17 -22.59
N THR A 427 17.49 -32.81 -23.78
CA THR A 427 16.61 -32.63 -24.92
C THR A 427 16.92 -33.65 -26.00
N ARG A 428 16.00 -34.59 -26.16
CA ARG A 428 15.98 -35.53 -27.28
C ARG A 428 15.93 -34.77 -28.60
N ASP A 429 16.51 -35.34 -29.65
CA ASP A 429 16.62 -34.67 -30.93
C ASP A 429 15.63 -35.22 -31.95
N GLY A 430 15.63 -34.62 -33.14
CA GLY A 430 14.86 -35.14 -34.27
C GLY A 430 15.75 -35.68 -35.37
N GLY A 431 15.80 -37.00 -35.52
CA GLY A 431 16.64 -37.62 -36.52
C GLY A 431 16.13 -37.47 -37.94
N ASN A 437 17.57 -47.14 -35.65
CA ASN A 437 16.72 -47.58 -34.56
C ASN A 437 17.34 -47.22 -33.22
N ASN A 438 17.88 -46.01 -33.16
CA ASN A 438 18.49 -45.44 -31.97
C ASN A 438 17.75 -44.17 -31.55
N GLU A 439 18.16 -43.65 -30.40
CA GLU A 439 17.57 -42.46 -29.81
C GLU A 439 18.67 -41.75 -29.04
N THR A 440 18.45 -40.45 -28.79
CA THR A 440 19.49 -39.57 -28.29
C THR A 440 18.95 -38.68 -27.18
N PHE A 441 19.78 -38.39 -26.17
CA PHE A 441 19.51 -37.30 -25.24
C PHE A 441 20.67 -36.31 -25.26
N ARG A 442 20.67 -35.43 -26.24
CA ARG A 442 21.59 -34.31 -26.31
C ARG A 442 21.29 -33.40 -25.13
N PRO A 443 22.24 -33.11 -24.28
CA PRO A 443 21.94 -32.29 -23.11
C PRO A 443 21.96 -30.82 -23.45
N GLY A 444 20.78 -30.22 -23.56
CA GLY A 444 20.64 -28.78 -23.66
C GLY A 444 19.64 -28.30 -22.62
N GLY A 445 19.60 -26.99 -22.44
CA GLY A 445 18.69 -26.44 -21.46
C GLY A 445 17.35 -26.13 -22.09
N GLY A 446 16.95 -24.87 -22.03
CA GLY A 446 15.67 -24.45 -22.56
C GLY A 446 15.35 -23.13 -21.90
N ASN A 447 14.12 -23.00 -21.43
CA ASN A 447 13.74 -21.82 -20.66
C ASN A 447 14.43 -21.86 -19.29
N ILE A 448 14.48 -20.71 -18.64
CA ILE A 448 15.24 -20.62 -17.39
C ILE A 448 14.39 -21.04 -16.20
N LYS A 449 13.08 -20.80 -16.26
CA LYS A 449 12.14 -21.17 -15.20
C LYS A 449 12.08 -22.67 -15.00
N ASP A 450 12.49 -23.45 -16.01
CA ASP A 450 12.76 -24.87 -15.97
C ASP A 450 13.57 -25.28 -14.76
N ASN A 451 14.57 -24.46 -14.44
CA ASN A 451 15.47 -24.71 -13.32
C ASN A 451 14.73 -24.81 -11.99
N TRP A 452 13.55 -24.22 -11.87
CA TRP A 452 12.80 -24.36 -10.63
C TRP A 452 11.66 -25.34 -10.73
N ARG A 453 11.36 -25.86 -11.93
CA ARG A 453 10.20 -26.74 -12.02
C ARG A 453 10.45 -28.11 -11.41
N ASN A 454 11.69 -28.41 -11.06
CA ASN A 454 11.99 -29.60 -10.28
C ASN A 454 11.64 -29.43 -8.82
N GLU A 455 11.45 -28.21 -8.35
CA GLU A 455 11.17 -27.97 -6.95
C GLU A 455 9.79 -27.39 -6.72
N LEU A 456 9.05 -27.10 -7.77
CA LEU A 456 7.69 -26.62 -7.62
C LEU A 456 6.70 -27.53 -8.33
N TYR A 457 7.07 -28.78 -8.58
CA TYR A 457 6.09 -29.71 -9.11
C TYR A 457 5.04 -30.02 -8.08
N LYS A 458 5.42 -30.05 -6.81
CA LYS A 458 4.52 -30.59 -5.81
C LYS A 458 3.43 -29.60 -5.44
N TYR A 459 3.59 -28.33 -5.79
CA TYR A 459 2.78 -27.28 -5.20
C TYR A 459 1.79 -26.70 -6.19
N LYS A 460 0.79 -26.00 -5.65
CA LYS A 460 -0.34 -25.48 -6.42
C LYS A 460 -1.03 -24.42 -5.59
N VAL A 461 -1.04 -23.16 -6.04
CA VAL A 461 -1.74 -22.12 -5.31
C VAL A 461 -3.23 -22.32 -5.51
N VAL A 462 -3.99 -22.24 -4.43
CA VAL A 462 -5.39 -22.58 -4.47
C VAL A 462 -6.18 -21.55 -3.68
N GLN A 463 -7.32 -21.12 -4.22
CA GLN A 463 -8.14 -20.11 -3.59
C GLN A 463 -9.21 -20.78 -2.78
N ILE A 464 -9.50 -20.22 -1.62
CA ILE A 464 -10.56 -20.74 -0.78
C ILE A 464 -11.77 -19.83 -0.88
N GLU A 465 -12.89 -20.39 -1.32
CA GLU A 465 -14.18 -19.72 -1.20
C GLU A 465 -14.92 -20.32 -0.04
N PRO A 466 -14.94 -19.66 1.11
CA PRO A 466 -15.29 -20.31 2.38
C PRO A 466 -16.77 -20.22 2.72
N LEU A 467 -17.61 -19.74 1.83
CA LEU A 467 -18.95 -19.38 2.21
C LEU A 467 -19.86 -20.32 1.47
N GLY A 468 -20.16 -21.45 2.08
CA GLY A 468 -20.91 -22.49 1.45
C GLY A 468 -22.35 -22.42 1.92
N ILE A 469 -23.26 -22.85 1.07
CA ILE A 469 -24.67 -22.72 1.34
C ILE A 469 -25.27 -24.11 1.31
N ALA A 470 -25.45 -24.71 2.46
CA ALA A 470 -25.88 -26.09 2.51
C ALA A 470 -27.25 -26.19 3.15
N PRO A 471 -28.07 -27.13 2.73
CA PRO A 471 -29.40 -27.24 3.34
C PRO A 471 -29.47 -28.16 4.55
N THR A 472 -30.06 -27.64 5.63
CA THR A 472 -30.49 -28.40 6.80
C THR A 472 -31.68 -27.67 7.43
N LYS A 473 -32.07 -28.09 8.62
CA LYS A 473 -33.39 -27.77 9.19
C LYS A 473 -33.24 -26.88 10.42
N CYS A 474 -33.45 -25.58 10.25
CA CYS A 474 -33.20 -24.64 11.35
C CYS A 474 -34.38 -23.75 11.75
N LYS A 475 -34.88 -22.89 10.85
CA LYS A 475 -35.69 -21.71 11.18
C LYS A 475 -35.08 -20.86 12.30
N ARG A 476 -34.01 -20.16 11.95
CA ARG A 476 -33.52 -19.11 12.83
C ARG A 476 -33.30 -17.82 12.03
N ARG A 477 -32.74 -16.83 12.73
CA ARG A 477 -32.25 -15.53 12.20
C ARG A 477 -33.07 -14.82 11.12
N GLY B 3 -12.13 -18.02 10.98
CA GLY B 3 -11.09 -17.96 9.98
C GLY B 3 -9.67 -17.97 10.51
N LEU B 4 -8.78 -18.76 9.90
CA LEU B 4 -7.56 -19.26 10.52
C LEU B 4 -6.28 -18.51 10.15
N GLY B 5 -6.24 -17.67 9.11
CA GLY B 5 -5.01 -16.96 8.64
C GLY B 5 -4.35 -15.78 9.39
N ALA B 6 -3.12 -15.32 9.01
CA ALA B 6 -2.43 -14.20 9.72
C ALA B 6 -3.40 -13.05 9.67
N MET B 7 -3.79 -12.59 8.48
CA MET B 7 -5.10 -11.99 8.57
C MET B 7 -6.09 -13.11 8.41
N ILE B 8 -7.23 -12.98 9.05
CA ILE B 8 -8.01 -14.15 9.41
C ILE B 8 -8.97 -14.63 8.33
N PHE B 9 -8.78 -15.89 7.91
CA PHE B 9 -9.58 -16.46 6.83
C PHE B 9 -9.48 -17.98 6.95
N GLY B 10 -10.55 -18.67 6.58
CA GLY B 10 -10.69 -20.07 6.95
C GLY B 10 -9.69 -20.97 6.27
N PHE B 11 -9.33 -22.03 7.00
CA PHE B 11 -8.39 -23.04 6.57
C PHE B 11 -9.20 -24.28 6.23
N LEU B 12 -8.68 -25.11 5.34
CA LEU B 12 -9.43 -26.26 4.86
C LEU B 12 -9.22 -27.41 5.83
N GLY B 13 -10.03 -27.40 6.87
CA GLY B 13 -10.01 -28.50 7.79
C GLY B 13 -10.73 -29.69 7.21
N ALA B 14 -9.97 -30.72 6.82
CA ALA B 14 -10.47 -32.05 6.49
C ALA B 14 -11.45 -32.01 5.31
N ALA B 15 -10.91 -31.66 4.15
CA ALA B 15 -11.73 -31.50 2.98
C ALA B 15 -12.27 -32.83 2.49
N GLY B 16 -11.45 -33.86 2.53
CA GLY B 16 -11.90 -35.15 2.09
C GLY B 16 -12.88 -35.83 3.02
N SER B 17 -13.06 -35.30 4.21
CA SER B 17 -14.02 -35.88 5.13
C SER B 17 -15.43 -35.57 4.66
N THR B 18 -16.27 -36.59 4.63
CA THR B 18 -17.68 -36.47 4.36
C THR B 18 -18.36 -35.65 5.45
N MET B 19 -19.42 -34.93 5.07
CA MET B 19 -20.24 -34.00 5.84
C MET B 19 -20.41 -34.20 7.35
N GLY B 20 -20.74 -35.42 7.77
CA GLY B 20 -21.09 -35.66 9.15
C GLY B 20 -19.92 -35.51 10.10
N ALA B 21 -18.70 -35.78 9.62
CA ALA B 21 -17.52 -35.50 10.41
C ALA B 21 -16.98 -34.11 10.16
N ALA B 22 -17.21 -33.59 8.95
CA ALA B 22 -16.57 -32.34 8.54
C ALA B 22 -17.18 -31.14 9.25
N SER B 23 -18.43 -31.23 9.70
CA SER B 23 -19.01 -30.16 10.49
C SER B 23 -18.40 -30.11 11.89
N ILE B 24 -18.19 -31.29 12.48
CA ILE B 24 -17.47 -31.40 13.74
C ILE B 24 -16.06 -30.85 13.60
N THR B 25 -15.41 -31.14 12.47
CA THR B 25 -14.06 -30.62 12.31
C THR B 25 -14.02 -29.15 11.92
N LEU B 26 -15.17 -28.64 11.45
CA LEU B 26 -15.35 -27.18 11.18
C LEU B 26 -15.34 -26.46 12.54
N THR B 27 -16.02 -27.04 13.55
CA THR B 27 -16.06 -26.50 14.90
C THR B 27 -14.68 -26.60 15.57
N VAL B 28 -14.00 -27.73 15.40
CA VAL B 28 -12.66 -27.87 15.97
C VAL B 28 -11.65 -27.01 15.21
N GLN B 29 -11.90 -26.78 13.91
CA GLN B 29 -11.19 -25.76 13.15
C GLN B 29 -11.24 -24.42 13.84
N ALA B 30 -12.45 -23.98 14.24
CA ALA B 30 -12.64 -22.73 14.95
C ALA B 30 -11.83 -22.69 16.24
N ARG B 31 -11.94 -23.76 17.04
CA ARG B 31 -11.31 -23.83 18.36
C ARG B 31 -9.80 -23.70 18.26
N GLN B 32 -9.17 -24.43 17.37
CA GLN B 32 -7.72 -24.29 17.32
C GLN B 32 -7.29 -23.03 16.56
N LEU B 33 -8.10 -22.63 15.59
CA LEU B 33 -7.78 -21.52 14.65
C LEU B 33 -7.57 -20.16 15.33
N LEU B 34 -8.35 -19.82 16.37
CA LEU B 34 -8.19 -18.47 16.90
C LEU B 34 -7.09 -18.39 17.96
N SER B 35 -6.64 -19.51 18.50
CA SER B 35 -5.43 -19.46 19.30
C SER B 35 -4.18 -19.60 18.46
N GLY B 36 -4.28 -20.25 17.29
CA GLY B 36 -3.19 -20.22 16.33
C GLY B 36 -2.95 -18.84 15.74
N ILE B 37 -3.97 -17.99 15.77
CA ILE B 37 -3.86 -16.63 15.32
C ILE B 37 -3.09 -15.78 16.30
N GLY B 61 8.36 -5.46 -2.10
CA GLY B 61 7.67 -5.38 -0.82
C GLY B 61 6.22 -4.99 -0.98
N ILE B 62 5.88 -4.47 -2.17
CA ILE B 62 4.52 -4.09 -2.46
C ILE B 62 3.64 -5.31 -2.69
N LYS B 63 4.24 -6.48 -2.93
CA LYS B 63 3.47 -7.71 -3.13
C LYS B 63 2.74 -8.11 -1.86
N GLN B 64 3.44 -8.07 -0.72
CA GLN B 64 2.81 -8.42 0.56
C GLN B 64 1.69 -7.46 0.91
N LEU B 65 1.92 -6.16 0.77
CA LEU B 65 0.92 -5.17 1.10
C LEU B 65 -0.30 -5.27 0.19
N GLN B 66 -0.05 -5.40 -1.13
CA GLN B 66 -1.13 -5.54 -2.10
C GLN B 66 -1.96 -6.80 -1.86
N ALA B 67 -1.29 -7.90 -1.53
CA ALA B 67 -1.99 -9.16 -1.31
C ALA B 67 -2.84 -9.09 -0.05
N ARG B 68 -2.30 -8.54 1.03
CA ARG B 68 -3.12 -8.56 2.23
C ARG B 68 -4.15 -7.46 2.24
N VAL B 69 -4.01 -6.40 1.44
CA VAL B 69 -5.10 -5.46 1.31
C VAL B 69 -6.27 -6.08 0.58
N LEU B 70 -6.00 -6.79 -0.52
CA LEU B 70 -7.14 -7.47 -1.14
C LEU B 70 -7.61 -8.67 -0.30
N ALA B 71 -6.78 -9.18 0.61
CA ALA B 71 -7.28 -10.13 1.59
C ALA B 71 -8.26 -9.48 2.54
N VAL B 72 -7.95 -8.28 3.04
CA VAL B 72 -8.91 -7.48 3.82
C VAL B 72 -10.19 -7.28 3.03
N GLU B 73 -10.06 -6.91 1.77
CA GLU B 73 -11.22 -6.56 0.96
C GLU B 73 -12.12 -7.75 0.75
N ARG B 74 -11.54 -8.91 0.44
CA ARG B 74 -12.37 -10.09 0.23
C ARG B 74 -12.90 -10.64 1.54
N TYR B 75 -12.18 -10.41 2.64
CA TYR B 75 -12.70 -10.81 3.93
C TYR B 75 -13.90 -9.98 4.33
N LEU B 76 -13.80 -8.66 4.21
CA LEU B 76 -14.92 -7.81 4.58
C LEU B 76 -16.09 -8.03 3.65
N GLN B 77 -15.82 -8.42 2.42
CA GLN B 77 -16.88 -8.87 1.52
C GLN B 77 -17.61 -10.08 2.09
N ASP B 78 -16.88 -11.12 2.49
CA ASP B 78 -17.61 -12.31 2.93
C ASP B 78 -18.22 -12.13 4.32
N GLN B 79 -17.65 -11.29 5.17
CA GLN B 79 -18.41 -10.94 6.35
C GLN B 79 -19.55 -9.99 6.07
N LYS B 80 -19.57 -9.26 4.95
CA LYS B 80 -20.80 -8.53 4.74
C LYS B 80 -21.87 -9.47 4.22
N PHE B 81 -21.48 -10.58 3.59
CA PHE B 81 -22.50 -11.56 3.25
C PHE B 81 -23.04 -12.22 4.50
N LEU B 82 -22.20 -12.45 5.48
CA LEU B 82 -22.77 -12.86 6.75
C LEU B 82 -23.40 -11.69 7.51
N GLY B 83 -23.22 -10.47 7.05
CA GLY B 83 -23.82 -9.37 7.75
C GLY B 83 -25.23 -9.14 7.29
N LEU B 84 -25.44 -9.29 5.99
CA LEU B 84 -26.70 -8.95 5.37
C LEU B 84 -27.64 -10.12 5.33
N TRP B 85 -27.30 -11.20 6.00
CA TRP B 85 -28.22 -12.32 6.23
C TRP B 85 -28.51 -12.50 7.69
N GLY B 86 -28.27 -11.47 8.50
CA GLY B 86 -28.47 -11.55 9.93
C GLY B 86 -27.50 -12.43 10.66
N CYS B 87 -26.49 -12.96 9.99
CA CYS B 87 -25.59 -13.95 10.56
C CYS B 87 -24.43 -13.32 11.31
N SER B 88 -24.21 -12.02 11.12
CA SER B 88 -23.39 -11.17 11.99
C SER B 88 -21.93 -11.61 12.06
N GLY B 89 -21.46 -12.36 11.08
CA GLY B 89 -20.09 -12.84 11.14
C GLY B 89 -19.87 -13.93 12.16
N LYS B 90 -20.63 -15.02 11.98
CA LYS B 90 -20.59 -16.25 12.82
C LYS B 90 -20.90 -17.47 11.93
N ILE B 91 -20.35 -18.63 12.27
CA ILE B 91 -20.56 -19.91 11.51
C ILE B 91 -21.87 -20.60 11.93
N ILE B 92 -22.34 -21.55 11.11
CA ILE B 92 -23.57 -22.35 11.41
C ILE B 92 -24.74 -21.39 11.69
N CYS B 93 -24.96 -20.42 10.79
CA CYS B 93 -25.98 -19.41 10.98
C CYS B 93 -27.19 -19.82 10.17
N CYS B 94 -28.23 -20.25 10.84
CA CYS B 94 -29.41 -20.74 10.15
C CYS B 94 -30.38 -19.61 9.86
N THR B 95 -30.85 -19.53 8.62
CA THR B 95 -31.86 -18.55 8.26
C THR B 95 -33.05 -19.22 7.61
N ALA B 96 -34.11 -18.44 7.40
CA ALA B 96 -35.42 -18.94 7.01
C ALA B 96 -35.63 -18.74 5.53
N VAL B 97 -35.22 -19.72 4.73
CA VAL B 97 -35.51 -19.76 3.30
C VAL B 97 -36.04 -21.15 2.97
N PRO B 98 -37.15 -21.26 2.26
CA PRO B 98 -37.47 -22.53 1.60
C PRO B 98 -36.44 -22.93 0.55
N TRP B 99 -35.66 -23.97 0.83
CA TRP B 99 -34.66 -24.48 -0.10
C TRP B 99 -35.34 -25.29 -1.18
N ASN B 100 -35.42 -24.73 -2.39
CA ASN B 100 -36.23 -25.30 -3.45
C ASN B 100 -35.64 -26.62 -3.93
N SER B 101 -36.54 -27.55 -4.27
CA SER B 101 -36.16 -28.82 -4.86
C SER B 101 -35.67 -28.66 -6.28
N SER B 102 -35.86 -27.50 -6.90
CA SER B 102 -35.21 -27.22 -8.18
C SER B 102 -33.75 -26.89 -8.00
N TRP B 103 -33.36 -26.33 -6.85
CA TRP B 103 -31.94 -26.13 -6.57
C TRP B 103 -31.28 -27.46 -6.30
N SER B 104 -32.00 -28.36 -5.65
CA SER B 104 -31.58 -29.73 -5.40
C SER B 104 -32.77 -30.54 -4.91
N ASN B 105 -33.08 -31.65 -5.58
CA ASN B 105 -34.09 -32.56 -5.06
C ASN B 105 -33.53 -33.53 -4.07
N LYS B 106 -32.28 -33.37 -3.67
CA LYS B 106 -31.60 -34.42 -2.94
C LYS B 106 -32.02 -34.44 -1.49
N THR B 107 -32.06 -35.63 -0.93
CA THR B 107 -32.40 -35.87 0.46
C THR B 107 -31.22 -35.42 1.32
N PHE B 108 -31.46 -35.25 2.62
CA PHE B 108 -30.44 -34.78 3.52
C PHE B 108 -29.31 -35.80 3.64
N GLU B 109 -29.62 -36.96 4.21
CA GLU B 109 -28.60 -37.96 4.51
C GLU B 109 -27.96 -38.51 3.23
N GLU B 110 -28.69 -38.43 2.12
CA GLU B 110 -28.16 -38.64 0.78
C GLU B 110 -26.89 -37.84 0.50
N ILE B 111 -26.97 -36.52 0.64
CA ILE B 111 -25.75 -35.73 0.47
C ILE B 111 -24.95 -35.64 1.75
N TRP B 112 -25.59 -35.67 2.90
CA TRP B 112 -24.81 -35.47 4.10
C TRP B 112 -24.13 -36.74 4.62
N ASN B 113 -24.17 -37.84 3.86
CA ASN B 113 -23.30 -38.97 4.18
C ASN B 113 -22.73 -39.67 2.95
N ASN B 114 -22.69 -39.03 1.79
CA ASN B 114 -22.24 -39.70 0.59
C ASN B 114 -21.55 -38.71 -0.34
N MET B 115 -20.83 -37.74 0.23
CA MET B 115 -20.39 -36.57 -0.52
C MET B 115 -19.39 -35.81 0.34
N THR B 116 -18.60 -34.93 -0.29
CA THR B 116 -17.85 -33.89 0.40
C THR B 116 -18.26 -32.53 -0.14
N TRP B 117 -17.66 -31.49 0.41
CA TRP B 117 -18.23 -30.16 0.23
C TRP B 117 -17.88 -29.53 -1.10
N ILE B 118 -16.72 -29.84 -1.68
CA ILE B 118 -16.32 -29.20 -2.93
C ILE B 118 -17.18 -29.67 -4.08
N GLU B 119 -17.50 -30.97 -4.14
CA GLU B 119 -18.35 -31.40 -5.23
C GLU B 119 -19.80 -30.97 -5.04
N TRP B 120 -20.22 -30.66 -3.82
CA TRP B 120 -21.53 -30.06 -3.71
C TRP B 120 -21.53 -28.61 -4.11
N GLU B 121 -20.42 -27.90 -3.92
CA GLU B 121 -20.40 -26.54 -4.44
C GLU B 121 -20.27 -26.52 -5.96
N ARG B 122 -19.69 -27.57 -6.54
CA ARG B 122 -19.71 -27.71 -7.98
C ARG B 122 -21.12 -27.97 -8.48
N GLU B 123 -21.90 -28.74 -7.70
CA GLU B 123 -23.29 -29.03 -8.07
C GLU B 123 -24.13 -27.76 -8.17
N ILE B 124 -24.02 -26.87 -7.21
CA ILE B 124 -24.95 -25.77 -7.13
C ILE B 124 -24.30 -24.43 -7.48
N SER B 125 -23.19 -24.44 -8.22
CA SER B 125 -22.59 -23.18 -8.62
C SER B 125 -23.39 -22.44 -9.68
N ASN B 126 -24.42 -23.07 -10.25
CA ASN B 126 -25.38 -22.37 -11.10
C ASN B 126 -26.52 -21.77 -10.31
N TYR B 127 -26.40 -21.67 -9.00
CA TYR B 127 -27.48 -21.09 -8.26
C TYR B 127 -27.06 -20.06 -7.23
N THR B 128 -25.76 -19.89 -6.99
CA THR B 128 -25.26 -19.17 -5.82
C THR B 128 -25.68 -17.71 -5.81
N SER B 129 -25.71 -17.08 -6.99
CA SER B 129 -26.22 -15.72 -7.05
C SER B 129 -27.71 -15.68 -6.73
N GLN B 130 -28.46 -16.68 -7.19
CA GLN B 130 -29.88 -16.74 -6.86
C GLN B 130 -30.08 -17.06 -5.39
N ILE B 131 -29.18 -17.84 -4.78
CA ILE B 131 -29.33 -18.11 -3.35
C ILE B 131 -29.03 -16.86 -2.54
N TYR B 132 -28.04 -16.07 -2.96
CA TYR B 132 -27.72 -14.85 -2.23
C TYR B 132 -28.86 -13.86 -2.37
N ASP B 133 -29.47 -13.83 -3.56
CA ASP B 133 -30.70 -13.10 -3.81
C ASP B 133 -31.81 -13.47 -2.84
N ILE B 134 -32.08 -14.77 -2.71
CA ILE B 134 -33.24 -15.19 -1.93
C ILE B 134 -32.98 -15.04 -0.44
N LEU B 135 -31.75 -15.25 0.03
CA LEU B 135 -31.47 -15.00 1.44
C LEU B 135 -31.53 -13.52 1.77
N THR B 136 -31.24 -12.66 0.81
CA THR B 136 -31.36 -11.25 1.12
C THR B 136 -32.79 -10.78 1.19
N ILE B 137 -33.67 -11.29 0.31
CA ILE B 137 -35.09 -10.93 0.49
C ILE B 137 -35.62 -11.52 1.78
N SER B 138 -35.14 -12.70 2.18
CA SER B 138 -35.62 -13.26 3.43
C SER B 138 -35.11 -12.49 4.64
N GLN B 139 -33.89 -11.97 4.62
CA GLN B 139 -33.42 -11.22 5.77
C GLN B 139 -34.09 -9.86 5.87
N THR B 140 -34.26 -9.17 4.74
CA THR B 140 -34.95 -7.90 4.83
C THR B 140 -36.42 -8.09 5.14
N GLN B 141 -36.99 -9.24 4.74
CA GLN B 141 -38.37 -9.53 5.09
C GLN B 141 -38.51 -9.84 6.57
N GLN B 142 -37.53 -10.56 7.13
CA GLN B 142 -37.59 -10.89 8.55
C GLN B 142 -37.43 -9.64 9.41
N GLU B 143 -36.51 -8.76 9.04
CA GLU B 143 -36.35 -7.59 9.91
C GLU B 143 -37.47 -6.59 9.68
N LYS B 144 -38.06 -6.53 8.49
CA LYS B 144 -39.20 -5.64 8.32
C LYS B 144 -40.44 -6.19 9.02
N ASN B 145 -40.57 -7.51 9.13
CA ASN B 145 -41.70 -8.05 9.87
C ASN B 145 -41.54 -7.89 11.38
N GLU B 146 -40.33 -8.00 11.92
CA GLU B 146 -40.25 -7.66 13.34
C GLU B 146 -40.21 -6.15 13.55
N LYS B 147 -39.88 -5.40 12.50
CA LYS B 147 -40.09 -3.96 12.51
C LYS B 147 -41.56 -3.60 12.64
N ASP B 148 -42.43 -4.40 12.04
CA ASP B 148 -43.85 -4.25 12.31
C ASP B 148 -44.18 -4.68 13.74
N LEU B 149 -43.92 -5.95 14.06
CA LEU B 149 -44.21 -6.50 15.38
C LEU B 149 -43.32 -5.93 16.48
N GLN C 1 -4.15 -27.51 -31.47
CA GLN C 1 -5.11 -27.87 -30.44
C GLN C 1 -5.26 -29.37 -30.34
N ILE C 2 -6.25 -29.81 -29.56
CA ILE C 2 -6.51 -31.23 -29.39
C ILE C 2 -7.07 -31.80 -30.70
N HIS C 3 -6.62 -33.00 -31.07
CA HIS C 3 -7.21 -33.74 -32.17
C HIS C 3 -7.13 -35.21 -31.84
N LEU C 4 -8.08 -35.97 -32.39
CA LEU C 4 -8.18 -37.39 -32.13
C LEU C 4 -8.23 -38.15 -33.44
N VAL C 5 -7.48 -39.24 -33.53
CA VAL C 5 -7.67 -40.23 -34.59
C VAL C 5 -7.65 -41.59 -33.93
N GLN C 6 -7.97 -42.61 -34.73
CA GLN C 6 -7.92 -43.98 -34.25
C GLN C 6 -7.63 -44.90 -35.44
N SER C 7 -7.86 -46.20 -35.24
CA SER C 7 -7.71 -47.18 -36.31
C SER C 7 -8.75 -46.96 -37.42
N GLY C 8 -8.58 -47.68 -38.51
CA GLY C 8 -9.47 -47.57 -39.65
C GLY C 8 -10.76 -48.35 -39.44
N THR C 9 -11.36 -48.75 -40.55
CA THR C 9 -12.61 -49.52 -40.53
C THR C 9 -12.29 -51.00 -40.72
N GLU C 10 -12.64 -51.81 -39.73
CA GLU C 10 -12.33 -53.23 -39.75
C GLU C 10 -13.59 -54.06 -39.77
N VAL C 11 -13.67 -55.01 -40.70
CA VAL C 11 -14.75 -55.97 -40.76
C VAL C 11 -14.17 -57.35 -40.48
N LYS C 12 -14.79 -58.06 -39.52
CA LYS C 12 -14.25 -59.35 -39.10
C LYS C 12 -15.30 -60.43 -39.06
N LYS C 13 -14.94 -61.56 -38.55
CA LYS C 13 -15.77 -62.75 -38.47
C LYS C 13 -16.55 -62.76 -37.16
N PRO C 14 -17.73 -63.39 -37.18
CA PRO C 14 -18.43 -63.64 -35.91
C PRO C 14 -17.62 -64.57 -35.03
N GLY C 15 -17.52 -64.20 -33.75
CA GLY C 15 -16.68 -64.95 -32.84
C GLY C 15 -15.22 -64.59 -32.88
N SER C 16 -14.86 -63.48 -33.51
CA SER C 16 -13.49 -63.00 -33.50
C SER C 16 -13.30 -62.06 -32.31
N SER C 17 -12.15 -61.41 -32.25
CA SER C 17 -11.90 -60.32 -31.33
C SER C 17 -11.38 -59.14 -32.10
N VAL C 18 -11.69 -57.95 -31.63
CA VAL C 18 -11.29 -56.72 -32.32
C VAL C 18 -10.61 -55.79 -31.32
N THR C 19 -9.66 -55.02 -31.81
CA THR C 19 -9.05 -53.91 -31.07
C THR C 19 -9.10 -52.66 -31.92
N VAL C 20 -9.45 -51.54 -31.29
CA VAL C 20 -9.53 -50.24 -31.92
C VAL C 20 -8.61 -49.30 -31.16
N SER C 21 -7.74 -48.61 -31.88
CA SER C 21 -6.79 -47.70 -31.28
C SER C 21 -7.45 -46.39 -30.87
N CYS C 22 -6.66 -45.51 -30.27
CA CYS C 22 -7.08 -44.14 -30.00
C CYS C 22 -5.81 -43.30 -29.84
N LYS C 23 -5.42 -42.58 -30.89
CA LYS C 23 -4.26 -41.72 -30.87
C LYS C 23 -4.71 -40.29 -30.63
N ALA C 24 -4.23 -39.67 -29.55
CA ALA C 24 -4.70 -38.39 -29.11
C ALA C 24 -3.62 -37.35 -29.34
N TYR C 25 -3.63 -36.76 -30.53
CA TYR C 25 -2.62 -35.76 -30.89
C TYR C 25 -3.03 -34.45 -30.26
N GLY C 26 -2.56 -34.23 -29.03
CA GLY C 26 -2.86 -33.01 -28.32
C GLY C 26 -3.05 -33.23 -26.83
N VAL C 27 -3.29 -34.48 -26.44
CA VAL C 27 -3.45 -34.78 -25.02
C VAL C 27 -2.08 -34.74 -24.36
N ASN C 28 -1.94 -33.88 -23.34
CA ASN C 28 -0.68 -33.80 -22.64
C ASN C 28 -0.41 -35.06 -21.82
N THR C 29 -1.47 -35.71 -21.33
CA THR C 29 -1.41 -37.04 -20.76
C THR C 29 -2.81 -37.62 -20.75
N PHE C 30 -2.93 -38.85 -20.29
CA PHE C 30 -4.21 -39.40 -19.89
C PHE C 30 -4.32 -39.52 -18.38
N GLY C 31 -3.36 -38.96 -17.66
CA GLY C 31 -3.52 -38.80 -16.24
C GLY C 31 -4.61 -37.80 -15.98
N LEU C 32 -4.42 -36.57 -16.46
CA LEU C 32 -5.42 -35.55 -16.19
C LEU C 32 -6.55 -35.59 -17.23
N TYR C 33 -6.26 -35.80 -18.51
CA TYR C 33 -7.39 -36.06 -19.41
C TYR C 33 -7.97 -37.42 -19.16
N ALA C 34 -9.19 -37.63 -19.63
CA ALA C 34 -9.82 -38.93 -19.52
C ALA C 34 -10.45 -39.29 -20.86
N VAL C 35 -10.46 -40.57 -21.22
CA VAL C 35 -11.06 -40.89 -22.51
C VAL C 35 -12.25 -41.81 -22.31
N ASN C 36 -13.11 -41.81 -23.33
CA ASN C 36 -14.40 -42.45 -23.28
C ASN C 36 -14.66 -43.20 -24.57
N TRP C 37 -15.16 -44.42 -24.45
CA TRP C 37 -15.43 -45.32 -25.56
C TRP C 37 -16.92 -45.47 -25.71
N VAL C 38 -17.43 -45.10 -26.88
CA VAL C 38 -18.86 -44.95 -27.15
C VAL C 38 -19.18 -45.66 -28.46
N ARG C 39 -20.14 -46.59 -28.43
CA ARG C 39 -20.58 -47.22 -29.66
C ARG C 39 -21.69 -46.41 -30.34
N GLN C 40 -22.02 -46.81 -31.56
CA GLN C 40 -23.19 -46.28 -32.25
C GLN C 40 -23.66 -47.32 -33.25
N ALA C 41 -24.82 -47.91 -33.00
CA ALA C 41 -25.42 -48.86 -33.92
C ALA C 41 -25.84 -48.16 -35.21
N PRO C 42 -25.95 -48.89 -36.35
CA PRO C 42 -26.27 -48.23 -37.62
C PRO C 42 -27.66 -47.61 -37.64
N GLY C 43 -27.70 -46.28 -37.63
CA GLY C 43 -28.92 -45.51 -37.55
C GLY C 43 -29.36 -45.24 -36.13
N GLN C 44 -29.26 -46.25 -35.27
CA GLN C 44 -29.65 -46.13 -33.88
C GLN C 44 -28.71 -45.18 -33.15
N SER C 45 -29.21 -44.56 -32.07
CA SER C 45 -28.48 -43.55 -31.34
C SER C 45 -27.25 -44.14 -30.66
N LEU C 46 -26.32 -43.24 -30.30
CA LEU C 46 -25.03 -43.61 -29.67
C LEU C 46 -25.24 -44.22 -28.29
N GLU C 47 -24.45 -45.25 -27.96
CA GLU C 47 -24.53 -45.93 -26.63
C GLU C 47 -23.14 -45.95 -26.00
N TYR C 48 -23.03 -45.53 -24.74
CA TYR C 48 -21.78 -45.54 -24.00
C TYR C 48 -21.28 -46.95 -23.77
N ILE C 49 -19.95 -47.12 -23.73
CA ILE C 49 -19.37 -48.42 -23.36
C ILE C 49 -18.49 -48.28 -22.12
N GLY C 50 -17.42 -47.52 -22.22
CA GLY C 50 -16.44 -47.54 -21.16
C GLY C 50 -15.60 -46.30 -21.12
N GLN C 51 -14.61 -46.29 -20.23
CA GLN C 51 -13.75 -45.13 -20.07
C GLN C 51 -12.48 -45.50 -19.33
N ILE C 52 -11.47 -44.64 -19.51
CA ILE C 52 -10.35 -44.56 -18.60
C ILE C 52 -10.34 -43.16 -18.01
N TRP C 53 -10.05 -43.08 -16.71
CA TRP C 53 -10.18 -41.83 -15.96
C TRP C 53 -9.25 -41.94 -14.74
N ARG C 54 -8.11 -41.27 -14.83
CA ARG C 54 -7.02 -41.35 -13.85
C ARG C 54 -6.62 -42.80 -13.57
N TRP C 55 -6.57 -43.58 -14.65
CA TRP C 55 -6.11 -44.98 -14.65
C TRP C 55 -6.99 -45.86 -13.76
N LYS C 56 -8.30 -45.71 -13.91
CA LYS C 56 -9.30 -46.65 -13.41
C LYS C 56 -10.08 -47.09 -14.63
N SER C 57 -9.77 -48.28 -15.13
CA SER C 57 -10.46 -48.80 -16.30
C SER C 57 -11.86 -49.23 -15.91
N SER C 58 -12.87 -48.73 -16.63
CA SER C 58 -14.23 -49.13 -16.33
C SER C 58 -15.00 -49.34 -17.63
N ALA C 59 -15.97 -50.26 -17.59
CA ALA C 59 -16.95 -50.40 -18.65
C ALA C 59 -18.31 -50.56 -18.00
N SER C 60 -19.34 -50.51 -18.82
CA SER C 60 -20.70 -50.54 -18.31
C SER C 60 -21.06 -51.95 -17.84
N HIS C 61 -22.20 -52.04 -17.13
CA HIS C 61 -22.74 -53.34 -16.76
C HIS C 61 -23.26 -54.11 -17.97
N HIS C 62 -23.53 -53.42 -19.07
CA HIS C 62 -23.78 -54.09 -20.33
C HIS C 62 -22.50 -54.63 -20.96
N PHE C 63 -21.33 -54.33 -20.39
CA PHE C 63 -20.08 -54.78 -20.98
C PHE C 63 -19.08 -55.31 -19.95
N ARG C 64 -19.50 -55.58 -18.73
CA ARG C 64 -18.55 -55.99 -17.69
C ARG C 64 -18.10 -57.42 -17.90
N GLY C 65 -16.78 -57.64 -17.86
CA GLY C 65 -16.25 -58.98 -17.94
C GLY C 65 -16.16 -59.56 -19.34
N ARG C 66 -16.30 -58.75 -20.38
CA ARG C 66 -16.19 -59.24 -21.75
C ARG C 66 -15.31 -58.30 -22.56
N VAL C 67 -15.45 -57.00 -22.33
CA VAL C 67 -14.78 -55.96 -23.11
C VAL C 67 -13.70 -55.34 -22.23
N LEU C 68 -12.54 -55.06 -22.82
CA LEU C 68 -11.44 -54.53 -22.05
C LEU C 68 -10.81 -53.34 -22.77
N ILE C 69 -10.50 -52.30 -22.00
CA ILE C 69 -9.92 -51.08 -22.55
C ILE C 69 -8.56 -50.86 -21.91
N SER C 70 -7.63 -50.33 -22.68
CA SER C 70 -6.32 -49.97 -22.19
C SER C 70 -5.96 -48.57 -22.62
N ALA C 71 -4.87 -48.05 -22.06
CA ALA C 71 -4.34 -46.75 -22.44
C ALA C 71 -2.88 -46.65 -22.02
N VAL C 72 -2.03 -46.23 -22.94
CA VAL C 72 -0.68 -45.78 -22.64
C VAL C 72 -0.57 -44.33 -23.07
N ASP C 73 -0.13 -43.48 -22.16
CA ASP C 73 -0.04 -42.08 -22.49
C ASP C 73 1.20 -41.74 -23.32
N LEU C 74 1.53 -40.46 -23.30
CA LEU C 74 2.62 -39.84 -24.04
C LEU C 74 3.96 -40.53 -23.85
N THR C 75 4.46 -41.16 -24.90
CA THR C 75 5.84 -41.62 -25.03
C THR C 75 6.49 -40.82 -26.14
N GLY C 76 7.66 -41.25 -26.56
CA GLY C 76 8.35 -40.51 -27.59
C GLY C 76 7.73 -40.58 -28.98
N SER C 77 7.75 -41.74 -29.60
CA SER C 77 7.18 -41.86 -30.93
C SER C 77 5.67 -41.86 -30.91
N SER C 78 5.08 -42.17 -29.78
CA SER C 78 3.65 -42.35 -29.75
C SER C 78 2.97 -41.21 -29.00
N PRO C 79 1.87 -40.72 -29.51
CA PRO C 79 0.98 -39.88 -28.72
C PRO C 79 0.25 -40.73 -27.71
N PRO C 80 -0.51 -40.13 -26.78
CA PRO C 80 -1.31 -40.96 -25.85
C PRO C 80 -2.37 -41.75 -26.60
N ILE C 81 -2.28 -43.07 -26.49
CA ILE C 81 -3.12 -43.99 -27.24
C ILE C 81 -3.85 -44.91 -26.27
N SER C 82 -5.17 -44.93 -26.38
CA SER C 82 -6.03 -45.91 -25.74
C SER C 82 -6.43 -46.99 -26.74
N SER C 83 -7.11 -48.02 -26.25
CA SER C 83 -7.53 -49.11 -27.14
C SER C 83 -8.69 -49.88 -26.54
N LEU C 84 -9.72 -50.09 -27.36
CA LEU C 84 -10.91 -50.83 -27.01
C LEU C 84 -10.80 -52.22 -27.63
N GLU C 85 -11.01 -53.26 -26.83
CA GLU C 85 -10.88 -54.62 -27.34
C GLU C 85 -12.11 -55.39 -26.90
N ILE C 86 -12.68 -56.13 -27.84
CA ILE C 86 -13.89 -56.90 -27.61
C ILE C 86 -13.66 -58.33 -28.10
N LYS C 87 -13.95 -59.30 -27.25
CA LYS C 87 -14.05 -60.68 -27.64
C LYS C 87 -15.52 -61.01 -27.85
N ASN C 88 -15.78 -61.99 -28.72
CA ASN C 88 -17.12 -62.46 -29.08
C ASN C 88 -17.99 -61.34 -29.63
N LEU C 89 -17.62 -60.85 -30.81
CA LEU C 89 -18.42 -59.85 -31.50
C LEU C 89 -19.70 -60.50 -32.00
N THR C 90 -20.82 -60.16 -31.39
CA THR C 90 -22.10 -60.67 -31.87
C THR C 90 -22.57 -59.79 -33.02
N SER C 91 -23.75 -60.09 -33.56
CA SER C 91 -24.36 -59.20 -34.53
C SER C 91 -24.79 -57.89 -33.90
N ASP C 92 -24.99 -57.88 -32.58
CA ASP C 92 -25.29 -56.64 -31.87
C ASP C 92 -24.09 -55.71 -31.85
N ASP C 93 -22.88 -56.26 -31.86
CA ASP C 93 -21.68 -55.42 -31.80
C ASP C 93 -21.33 -54.79 -33.13
N THR C 94 -22.13 -55.02 -34.17
CA THR C 94 -21.98 -54.32 -35.45
C THR C 94 -22.31 -52.86 -35.22
N ALA C 95 -21.29 -52.00 -35.16
CA ALA C 95 -21.52 -50.64 -34.71
C ALA C 95 -20.37 -49.75 -35.14
N VAL C 96 -20.56 -48.45 -34.92
CA VAL C 96 -19.53 -47.45 -35.14
C VAL C 96 -18.95 -47.10 -33.78
N TYR C 97 -17.64 -47.18 -33.64
CA TYR C 97 -17.04 -46.96 -32.34
C TYR C 97 -16.34 -45.60 -32.30
N PHE C 98 -16.18 -45.09 -31.08
CA PHE C 98 -15.74 -43.73 -30.83
C PHE C 98 -14.85 -43.64 -29.59
N CYS C 99 -13.76 -42.89 -29.72
CA CYS C 99 -12.91 -42.53 -28.60
C CYS C 99 -12.95 -41.02 -28.44
N THR C 100 -13.09 -40.55 -27.20
CA THR C 100 -13.12 -39.10 -26.98
C THR C 100 -12.47 -38.73 -25.66
N THR C 101 -11.57 -37.75 -25.72
CA THR C 101 -10.90 -37.21 -24.56
C THR C 101 -11.67 -36.03 -23.97
N THR C 102 -11.61 -35.91 -22.64
CA THR C 102 -12.18 -34.79 -21.91
C THR C 102 -11.12 -34.20 -21.00
N SER C 103 -11.13 -32.88 -20.88
CA SER C 103 -10.20 -32.18 -20.01
C SER C 103 -10.72 -32.20 -18.58
N THR C 104 -9.93 -32.74 -17.67
CA THR C 104 -10.34 -32.92 -16.29
C THR C 104 -9.29 -32.32 -15.37
N TYR C 105 -8.87 -31.10 -15.68
CA TYR C 105 -7.95 -30.42 -14.79
C TYR C 105 -8.63 -29.36 -13.94
N ASP C 106 -9.22 -28.35 -14.55
CA ASP C 106 -9.93 -27.35 -13.77
C ASP C 106 -11.27 -27.94 -13.38
N ARG C 107 -11.39 -28.30 -12.11
CA ARG C 107 -12.45 -29.18 -11.64
C ARG C 107 -13.81 -28.52 -11.68
N TRP C 108 -13.86 -27.19 -11.71
CA TRP C 108 -15.16 -26.53 -11.76
C TRP C 108 -15.53 -26.09 -13.16
N SER C 109 -14.97 -26.71 -14.19
CA SER C 109 -15.38 -26.32 -15.53
C SER C 109 -16.74 -26.91 -15.87
N GLY C 110 -17.04 -28.09 -15.37
CA GLY C 110 -18.33 -28.69 -15.64
C GLY C 110 -18.36 -29.65 -16.80
N LEU C 111 -17.25 -29.81 -17.51
CA LEU C 111 -17.17 -30.88 -18.49
C LEU C 111 -17.18 -32.26 -17.86
N HIS C 112 -16.92 -32.36 -16.56
CA HIS C 112 -16.89 -33.65 -15.90
C HIS C 112 -17.54 -33.58 -14.53
N HIS C 113 -17.96 -34.74 -14.06
CA HIS C 113 -18.60 -34.87 -12.75
C HIS C 113 -18.30 -36.27 -12.21
N ASP C 114 -17.24 -36.37 -11.42
CA ASP C 114 -16.97 -37.50 -10.52
C ASP C 114 -16.95 -38.85 -11.25
N GLY C 115 -16.33 -38.85 -12.42
CA GLY C 115 -16.23 -40.08 -13.19
C GLY C 115 -16.94 -40.03 -14.52
N VAL C 116 -18.11 -39.46 -14.55
CA VAL C 116 -18.83 -39.29 -15.81
C VAL C 116 -18.68 -37.84 -16.26
N MET C 117 -18.75 -37.63 -17.57
CA MET C 117 -18.23 -36.40 -18.13
C MET C 117 -18.79 -36.15 -19.51
N ALA C 118 -18.76 -34.88 -19.91
CA ALA C 118 -19.17 -34.49 -21.24
C ALA C 118 -17.99 -34.55 -22.19
N PHE C 119 -18.22 -35.09 -23.38
CA PHE C 119 -17.17 -35.64 -24.22
C PHE C 119 -16.68 -34.55 -25.16
N SER C 120 -15.45 -34.08 -24.97
CA SER C 120 -15.04 -32.81 -25.58
C SER C 120 -14.75 -32.93 -27.07
N SER C 121 -13.82 -33.80 -27.46
CA SER C 121 -13.30 -33.80 -28.83
C SER C 121 -13.25 -35.20 -29.42
N TRP C 122 -14.04 -35.43 -30.46
CA TRP C 122 -14.30 -36.75 -30.99
C TRP C 122 -13.27 -37.12 -32.06
N GLY C 123 -13.38 -38.34 -32.58
CA GLY C 123 -12.47 -38.80 -33.60
C GLY C 123 -13.06 -38.89 -34.99
N GLN C 124 -13.26 -40.13 -35.48
CA GLN C 124 -13.82 -40.32 -36.84
C GLN C 124 -14.86 -41.46 -36.88
N GLY C 125 -15.02 -42.22 -35.79
CA GLY C 125 -15.98 -43.29 -35.77
C GLY C 125 -15.51 -44.43 -36.66
N THR C 126 -15.51 -45.66 -36.15
CA THR C 126 -15.05 -46.81 -36.91
C THR C 126 -16.19 -47.79 -37.11
N LEU C 127 -16.54 -48.05 -38.37
CA LEU C 127 -17.45 -49.13 -38.71
C LEU C 127 -16.84 -50.47 -38.36
N ILE C 128 -17.60 -51.31 -37.68
CA ILE C 128 -17.28 -52.71 -37.49
C ILE C 128 -18.53 -53.52 -37.81
N SER C 129 -18.43 -54.39 -38.81
CA SER C 129 -19.54 -55.23 -39.25
C SER C 129 -19.26 -56.68 -38.88
N VAL C 130 -20.32 -57.42 -38.62
CA VAL C 130 -20.22 -58.82 -38.23
C VAL C 130 -21.06 -59.71 -39.16
N ASP D 1 -30.09 -45.67 -14.82
CA ASP D 1 -31.52 -45.87 -14.61
C ASP D 1 -32.34 -44.80 -15.32
N ILE D 2 -31.81 -44.27 -16.41
CA ILE D 2 -32.46 -43.19 -17.15
C ILE D 2 -32.71 -43.69 -18.56
N GLN D 3 -33.91 -43.45 -19.06
CA GLN D 3 -34.18 -43.53 -20.49
C GLN D 3 -34.75 -42.17 -20.87
N MET D 4 -33.88 -41.32 -21.42
CA MET D 4 -34.26 -39.96 -21.76
C MET D 4 -35.18 -39.94 -22.96
N THR D 5 -35.92 -38.85 -23.11
CA THR D 5 -36.61 -38.56 -24.35
C THR D 5 -36.28 -37.12 -24.69
N GLN D 6 -36.52 -36.71 -25.93
CA GLN D 6 -36.49 -35.30 -26.22
C GLN D 6 -37.65 -34.92 -27.13
N SER D 7 -37.97 -33.64 -27.13
CA SER D 7 -38.96 -33.03 -28.00
C SER D 7 -38.23 -32.05 -28.93
N PRO D 8 -38.43 -32.15 -30.25
CA PRO D 8 -39.23 -33.13 -30.99
C PRO D 8 -38.53 -34.45 -31.23
N SER D 9 -38.93 -35.13 -32.30
CA SER D 9 -38.23 -36.32 -32.78
C SER D 9 -37.59 -36.09 -34.14
N THR D 10 -38.24 -35.31 -35.00
CA THR D 10 -37.71 -34.97 -36.31
C THR D 10 -38.27 -33.60 -36.65
N LEU D 11 -37.37 -32.67 -37.00
CA LEU D 11 -37.84 -31.29 -37.30
C LEU D 11 -37.04 -30.69 -38.45
N SER D 12 -37.68 -29.81 -39.21
CA SER D 12 -37.05 -29.09 -40.31
C SER D 12 -37.27 -27.59 -40.16
N ALA D 13 -36.32 -26.82 -40.68
CA ALA D 13 -36.46 -25.38 -40.82
C ALA D 13 -35.55 -24.93 -41.96
N SER D 14 -35.36 -23.62 -42.07
CA SER D 14 -34.53 -23.02 -43.10
C SER D 14 -33.53 -22.07 -42.46
N THR D 15 -32.78 -21.37 -43.32
CA THR D 15 -31.74 -20.48 -42.86
C THR D 15 -32.34 -19.19 -42.31
N GLY D 16 -31.61 -18.58 -41.38
CA GLY D 16 -32.04 -17.33 -40.77
C GLY D 16 -33.18 -17.44 -39.79
N ASP D 17 -33.55 -18.67 -39.38
CA ASP D 17 -34.70 -18.91 -38.54
C ASP D 17 -34.26 -19.04 -37.08
N THR D 18 -35.21 -19.42 -36.22
CA THR D 18 -34.99 -19.62 -34.80
C THR D 18 -35.67 -20.92 -34.39
N VAL D 19 -34.94 -21.78 -33.67
CA VAL D 19 -35.41 -23.14 -33.47
C VAL D 19 -35.09 -23.65 -32.07
N ARG D 20 -35.90 -24.60 -31.59
CA ARG D 20 -35.97 -25.01 -30.20
C ARG D 20 -36.02 -26.54 -30.11
N ILE D 21 -35.14 -27.11 -29.28
CA ILE D 21 -35.25 -28.51 -28.90
C ILE D 21 -35.10 -28.57 -27.39
N SER D 22 -35.86 -29.44 -26.74
CA SER D 22 -35.71 -29.69 -25.32
C SER D 22 -35.56 -31.17 -25.11
N CYS D 23 -34.91 -31.56 -24.03
CA CYS D 23 -34.80 -32.98 -23.67
C CYS D 23 -35.24 -33.15 -22.23
N ARG D 24 -35.98 -34.23 -21.97
CA ARG D 24 -36.55 -34.53 -20.67
C ARG D 24 -36.01 -35.86 -20.18
N ALA D 25 -35.63 -35.93 -18.92
CA ALA D 25 -35.14 -37.14 -18.29
C ALA D 25 -36.20 -37.75 -17.40
N SER D 26 -36.01 -39.04 -17.09
CA SER D 26 -36.89 -39.71 -16.16
C SER D 26 -36.73 -39.18 -14.75
N GLN D 27 -35.49 -38.96 -14.32
CA GLN D 27 -35.27 -38.31 -13.03
C GLN D 27 -35.29 -36.80 -13.23
N SER D 28 -34.95 -36.06 -12.19
CA SER D 28 -34.78 -34.62 -12.28
C SER D 28 -33.43 -34.30 -11.70
N ILE D 29 -32.43 -34.25 -12.58
CA ILE D 29 -31.09 -33.87 -12.17
C ILE D 29 -31.07 -32.39 -11.82
N THR D 30 -30.28 -32.04 -10.83
CA THR D 30 -30.30 -30.69 -10.30
C THR D 30 -29.17 -29.81 -10.78
N GLY D 31 -27.98 -30.37 -10.98
CA GLY D 31 -26.82 -29.54 -11.18
C GLY D 31 -26.57 -29.23 -12.62
N ASN D 32 -27.65 -29.20 -13.41
CA ASN D 32 -27.67 -28.88 -14.83
C ASN D 32 -26.75 -29.77 -15.64
N TRP D 33 -26.49 -30.99 -15.18
CA TRP D 33 -25.44 -31.80 -15.78
C TRP D 33 -25.98 -32.44 -17.04
N VAL D 34 -25.98 -31.66 -18.13
CA VAL D 34 -26.39 -32.15 -19.43
C VAL D 34 -25.40 -31.69 -20.48
N ALA D 35 -25.48 -32.33 -21.63
CA ALA D 35 -24.58 -32.00 -22.73
C ALA D 35 -25.25 -32.38 -24.03
N TRP D 36 -25.22 -31.47 -24.99
CA TRP D 36 -25.83 -31.71 -26.28
C TRP D 36 -24.80 -31.65 -27.39
N TYR D 37 -25.08 -32.45 -28.42
CA TYR D 37 -24.16 -32.84 -29.48
C TYR D 37 -24.83 -32.66 -30.84
N GLN D 38 -24.04 -32.51 -31.89
CA GLN D 38 -24.58 -32.62 -33.24
C GLN D 38 -23.61 -33.36 -34.14
N GLN D 39 -24.15 -33.94 -35.21
CA GLN D 39 -23.32 -34.53 -36.23
C GLN D 39 -24.03 -34.49 -37.58
N ARG D 40 -23.24 -34.33 -38.64
CA ARG D 40 -23.75 -34.81 -39.91
C ARG D 40 -23.46 -36.30 -40.02
N PRO D 41 -24.40 -37.09 -40.55
CA PRO D 41 -24.27 -38.55 -40.55
C PRO D 41 -23.10 -39.00 -41.40
N GLY D 42 -22.18 -39.74 -40.80
CA GLY D 42 -20.91 -40.07 -41.38
C GLY D 42 -19.74 -39.35 -40.72
N LYS D 43 -20.00 -38.19 -40.14
CA LYS D 43 -18.97 -37.50 -39.38
C LYS D 43 -19.06 -37.94 -37.92
N ALA D 44 -18.38 -37.24 -37.06
CA ALA D 44 -18.36 -37.47 -35.63
C ALA D 44 -19.25 -36.46 -34.93
N PRO D 45 -19.67 -36.73 -33.69
CA PRO D 45 -20.32 -35.69 -32.90
C PRO D 45 -19.41 -34.50 -32.63
N ARG D 46 -20.04 -33.36 -32.31
CA ARG D 46 -19.28 -32.17 -31.89
C ARG D 46 -19.92 -31.65 -30.60
N LEU D 47 -19.20 -31.71 -29.47
CA LEU D 47 -19.76 -31.15 -28.25
C LEU D 47 -20.06 -29.68 -28.47
N LEU D 48 -21.33 -29.31 -28.41
CA LEU D 48 -21.61 -27.88 -28.43
C LEU D 48 -22.14 -27.37 -27.10
N ILE D 49 -22.82 -28.17 -26.31
CA ILE D 49 -23.33 -27.66 -25.03
C ILE D 49 -22.88 -28.57 -23.91
N TYR D 50 -22.17 -28.03 -22.93
CA TYR D 50 -21.87 -28.73 -21.70
C TYR D 50 -22.44 -27.94 -20.55
N ARG D 51 -23.06 -28.66 -19.61
CA ARG D 51 -23.67 -28.12 -18.39
C ARG D 51 -24.69 -27.03 -18.73
N GLY D 52 -25.75 -27.46 -19.38
CA GLY D 52 -26.87 -26.56 -19.60
C GLY D 52 -26.64 -25.47 -20.60
N ALA D 53 -25.81 -24.48 -20.26
CA ALA D 53 -25.72 -23.30 -21.11
C ALA D 53 -24.29 -22.82 -21.31
N ALA D 54 -23.28 -23.56 -20.89
CA ALA D 54 -21.91 -23.15 -21.13
C ALA D 54 -21.51 -23.63 -22.51
N LEU D 55 -21.10 -22.69 -23.36
CA LEU D 55 -20.63 -23.02 -24.70
C LEU D 55 -19.11 -23.09 -24.71
N LEU D 56 -18.59 -23.69 -25.76
CA LEU D 56 -17.15 -23.88 -25.88
C LEU D 56 -16.50 -22.63 -26.46
N GLY D 57 -15.19 -22.68 -26.62
CA GLY D 57 -14.53 -21.66 -27.40
C GLY D 57 -14.35 -22.13 -28.82
N GLY D 58 -15.31 -21.81 -29.68
CA GLY D 58 -15.32 -22.36 -31.01
C GLY D 58 -16.72 -22.70 -31.49
N VAL D 59 -17.60 -22.99 -30.56
CA VAL D 59 -19.02 -23.11 -30.91
C VAL D 59 -19.59 -21.72 -31.16
N PRO D 60 -20.39 -21.52 -32.22
CA PRO D 60 -20.87 -20.17 -32.55
C PRO D 60 -21.77 -19.57 -31.48
N SER D 61 -21.75 -18.24 -31.40
CA SER D 61 -22.47 -17.50 -30.38
C SER D 61 -23.98 -17.53 -30.57
N ARG D 62 -24.47 -18.05 -31.69
CA ARG D 62 -25.90 -18.08 -31.92
C ARG D 62 -26.58 -19.14 -31.07
N PHE D 63 -25.88 -20.21 -30.72
CA PHE D 63 -26.48 -21.26 -29.91
C PHE D 63 -26.68 -20.77 -28.48
N ARG D 64 -27.74 -21.23 -27.84
CA ARG D 64 -27.96 -20.90 -26.44
C ARG D 64 -28.64 -22.07 -25.76
N GLY D 65 -28.02 -22.60 -24.74
CA GLY D 65 -28.71 -23.53 -23.89
C GLY D 65 -29.46 -22.82 -22.79
N SER D 66 -30.39 -23.52 -22.17
CA SER D 66 -31.14 -22.96 -21.06
C SER D 66 -31.61 -24.09 -20.16
N ALA D 67 -31.98 -23.73 -18.95
CA ALA D 67 -32.30 -24.69 -17.91
C ALA D 67 -33.68 -24.43 -17.33
N ALA D 68 -34.49 -25.50 -17.20
CA ALA D 68 -35.68 -25.43 -16.34
C ALA D 68 -35.91 -26.84 -15.78
N GLY D 69 -35.34 -27.11 -14.61
CA GLY D 69 -35.65 -28.33 -13.87
C GLY D 69 -35.22 -29.60 -14.56
N THR D 70 -36.19 -30.30 -15.14
CA THR D 70 -35.94 -31.49 -15.94
C THR D 70 -35.83 -31.17 -17.43
N ASP D 71 -36.51 -30.13 -17.89
CA ASP D 71 -36.55 -29.81 -19.32
C ASP D 71 -35.49 -28.76 -19.61
N PHE D 72 -34.50 -29.14 -20.40
CA PHE D 72 -33.39 -28.25 -20.72
C PHE D 72 -33.37 -27.99 -22.22
N THR D 73 -33.16 -26.74 -22.58
CA THR D 73 -33.48 -26.21 -23.91
C THR D 73 -32.21 -25.88 -24.67
N LEU D 74 -32.25 -25.98 -26.00
CA LEU D 74 -31.29 -25.26 -26.82
C LEU D 74 -32.04 -24.56 -27.94
N THR D 75 -31.69 -23.28 -28.11
CA THR D 75 -32.24 -22.35 -29.08
C THR D 75 -31.15 -21.97 -30.08
N ILE D 76 -31.50 -21.98 -31.36
CA ILE D 76 -30.65 -21.49 -32.41
C ILE D 76 -31.35 -20.29 -33.04
N GLY D 77 -30.81 -19.10 -32.83
CA GLY D 77 -31.28 -17.92 -33.50
C GLY D 77 -30.37 -17.60 -34.67
N ASN D 78 -30.97 -17.09 -35.76
CA ASN D 78 -30.29 -16.81 -37.04
C ASN D 78 -29.58 -18.06 -37.55
N LEU D 79 -30.39 -19.06 -37.91
CA LEU D 79 -29.86 -20.38 -38.30
C LEU D 79 -29.05 -20.30 -39.59
N GLN D 80 -27.90 -20.94 -39.60
CA GLN D 80 -27.01 -21.02 -40.75
C GLN D 80 -27.11 -22.43 -41.34
N ALA D 81 -26.81 -22.54 -42.63
CA ALA D 81 -27.08 -23.77 -43.39
C ALA D 81 -26.19 -24.94 -43.02
N GLU D 82 -25.01 -24.69 -42.44
CA GLU D 82 -24.11 -25.77 -42.07
C GLU D 82 -24.31 -26.23 -40.64
N ASP D 83 -25.54 -26.14 -40.16
CA ASP D 83 -25.87 -26.51 -38.79
C ASP D 83 -26.86 -27.65 -38.75
N PHE D 84 -27.34 -28.11 -39.89
CA PHE D 84 -28.31 -29.19 -39.96
C PHE D 84 -27.65 -30.51 -39.54
N GLY D 85 -28.48 -31.52 -39.30
CA GLY D 85 -27.94 -32.78 -38.86
C GLY D 85 -28.64 -33.25 -37.60
N THR D 86 -28.11 -34.31 -37.01
CA THR D 86 -28.75 -34.92 -35.86
C THR D 86 -28.19 -34.30 -34.59
N PHE D 87 -29.08 -33.89 -33.68
CA PHE D 87 -28.71 -33.49 -32.33
C PHE D 87 -28.91 -34.66 -31.37
N TYR D 88 -28.20 -34.59 -30.26
CA TYR D 88 -28.31 -35.60 -29.20
C TYR D 88 -28.26 -34.92 -27.85
N CYS D 89 -29.02 -35.46 -26.90
CA CYS D 89 -29.01 -34.97 -25.53
C CYS D 89 -28.21 -35.93 -24.65
N GLN D 90 -27.79 -35.43 -23.50
CA GLN D 90 -26.97 -36.22 -22.59
C GLN D 90 -27.19 -35.82 -21.14
N GLN D 91 -27.56 -36.77 -20.29
CA GLN D 91 -27.35 -36.64 -18.86
C GLN D 91 -26.00 -37.28 -18.54
N TYR D 92 -25.27 -36.69 -17.60
CA TYR D 92 -24.04 -37.30 -17.12
C TYR D 92 -23.94 -37.17 -15.60
N ASP D 93 -24.97 -37.64 -14.91
CA ASP D 93 -24.96 -37.64 -13.45
C ASP D 93 -24.82 -39.01 -12.81
N THR D 94 -25.67 -39.96 -13.11
CA THR D 94 -25.48 -41.28 -12.54
C THR D 94 -24.88 -42.17 -13.61
N TYR D 95 -23.76 -42.78 -13.27
CA TYR D 95 -23.08 -43.70 -14.15
C TYR D 95 -23.95 -44.93 -14.39
N PRO D 96 -24.15 -45.35 -15.63
CA PRO D 96 -23.58 -44.82 -16.87
C PRO D 96 -24.36 -43.67 -17.48
N GLY D 97 -23.69 -42.86 -18.28
CA GLY D 97 -24.37 -41.78 -18.96
C GLY D 97 -25.15 -42.23 -20.18
N THR D 98 -26.47 -42.25 -20.07
CA THR D 98 -27.36 -42.65 -21.16
C THR D 98 -27.76 -41.40 -21.91
N PHE D 99 -27.89 -41.51 -23.24
CA PHE D 99 -28.00 -40.32 -24.08
C PHE D 99 -29.40 -40.19 -24.66
N GLY D 100 -29.56 -39.20 -25.53
CA GLY D 100 -30.81 -38.99 -26.23
C GLY D 100 -30.91 -39.79 -27.52
N GLN D 101 -32.14 -39.92 -28.02
CA GLN D 101 -32.42 -40.72 -29.20
C GLN D 101 -32.34 -39.93 -30.50
N GLY D 102 -31.67 -38.79 -30.50
CA GLY D 102 -31.38 -38.08 -31.72
C GLY D 102 -32.54 -37.28 -32.29
N THR D 103 -32.22 -36.17 -32.95
CA THR D 103 -33.21 -35.35 -33.64
C THR D 103 -32.62 -34.86 -34.95
N LYS D 104 -33.15 -35.33 -36.07
CA LYS D 104 -32.66 -34.89 -37.36
C LYS D 104 -33.22 -33.52 -37.68
N VAL D 105 -32.37 -32.63 -38.18
CA VAL D 105 -32.77 -31.30 -38.61
C VAL D 105 -32.41 -31.18 -40.08
N GLU D 106 -33.40 -30.91 -40.92
CA GLU D 106 -33.24 -30.89 -42.38
C GLU D 106 -34.04 -29.71 -42.94
N VAL D 107 -34.30 -29.73 -44.25
CA VAL D 107 -35.07 -28.70 -44.93
C VAL D 107 -36.29 -29.37 -45.57
N LYS D 108 -37.45 -28.73 -45.45
CA LYS D 108 -38.68 -29.27 -46.02
C LYS D 108 -38.72 -29.16 -47.54
N ALA E 1 -51.60 16.61 20.87
CA ALA E 1 -51.00 15.36 20.41
C ALA E 1 -49.72 15.07 21.19
N THR E 2 -49.20 13.86 21.01
CA THR E 2 -47.96 13.46 21.65
C THR E 2 -46.82 13.34 20.63
N ASN E 3 -46.98 12.42 19.66
CA ASN E 3 -46.03 12.18 18.56
C ASN E 3 -44.61 11.94 19.07
N ASN E 4 -44.44 10.89 19.85
CA ASN E 4 -43.15 10.63 20.47
C ASN E 4 -42.35 9.73 19.52
N LEU E 5 -41.91 10.32 18.43
CA LEU E 5 -41.14 9.66 17.39
C LEU E 5 -39.67 9.67 17.76
N TRP E 6 -38.97 8.59 17.39
CA TRP E 6 -37.67 8.27 17.99
C TRP E 6 -36.61 8.07 16.93
N VAL E 7 -35.42 7.67 17.37
CA VAL E 7 -34.26 7.69 16.49
C VAL E 7 -34.24 6.40 15.67
N THR E 8 -33.57 6.46 14.53
CA THR E 8 -33.40 5.29 13.69
C THR E 8 -32.20 5.52 12.80
N VAL E 9 -31.28 4.58 12.77
CA VAL E 9 -30.15 4.70 11.89
C VAL E 9 -30.49 4.00 10.59
N TYR E 10 -30.05 4.58 9.49
CA TYR E 10 -30.13 3.96 8.18
C TYR E 10 -28.74 3.88 7.63
N TYR E 11 -28.31 2.69 7.26
CA TYR E 11 -27.09 2.55 6.50
C TYR E 11 -27.50 2.39 5.05
N GLY E 12 -26.93 3.22 4.19
CA GLY E 12 -27.23 3.17 2.78
C GLY E 12 -28.16 4.24 2.28
N VAL E 13 -28.40 5.27 3.07
CA VAL E 13 -29.25 6.37 2.63
C VAL E 13 -28.50 7.16 1.56
N PRO E 14 -29.13 7.52 0.47
CA PRO E 14 -28.43 8.29 -0.56
C PRO E 14 -28.16 9.71 -0.16
N VAL E 15 -26.92 10.00 0.20
CA VAL E 15 -26.51 11.29 0.74
C VAL E 15 -25.13 11.58 0.20
N TRP E 16 -24.92 12.75 -0.39
CA TRP E 16 -23.63 13.04 -0.96
C TRP E 16 -23.15 14.42 -0.60
N ARG E 17 -21.84 14.58 -0.58
CA ARG E 17 -21.23 15.89 -0.48
C ARG E 17 -20.26 16.06 -1.64
N ASP E 18 -20.11 17.28 -2.11
CA ASP E 18 -19.38 17.57 -3.34
C ASP E 18 -17.87 17.49 -3.10
N ALA E 19 -17.40 16.30 -2.82
CA ALA E 19 -16.05 16.18 -2.33
C ALA E 19 -15.12 15.68 -3.41
N ASP E 20 -13.95 15.22 -3.00
CA ASP E 20 -12.84 15.01 -3.91
C ASP E 20 -12.10 13.73 -3.55
N THR E 21 -11.43 13.16 -4.55
CA THR E 21 -10.50 12.07 -4.31
C THR E 21 -9.47 11.97 -5.41
N THR E 22 -8.61 10.96 -5.27
CA THR E 22 -7.85 10.40 -6.36
C THR E 22 -8.68 9.30 -7.00
N LEU E 23 -8.75 9.31 -8.32
CA LEU E 23 -9.48 8.32 -9.09
C LEU E 23 -8.50 7.30 -9.63
N PHE E 24 -9.01 6.19 -10.13
CA PHE E 24 -8.12 5.27 -10.80
C PHE E 24 -8.57 5.06 -12.23
N CYS E 25 -7.60 5.05 -13.13
CA CYS E 25 -7.95 4.86 -14.52
C CYS E 25 -8.33 3.41 -14.77
N ALA E 26 -9.05 3.19 -15.86
CA ALA E 26 -9.61 1.88 -16.16
C ALA E 26 -9.95 1.85 -17.65
N SER E 27 -9.23 1.04 -18.42
CA SER E 27 -9.48 0.97 -19.84
C SER E 27 -10.44 -0.16 -20.16
N ASP E 28 -10.59 -0.48 -21.44
CA ASP E 28 -11.27 -1.68 -21.90
C ASP E 28 -10.32 -2.87 -21.80
N ALA E 29 -10.70 -4.01 -22.37
CA ALA E 29 -9.89 -5.22 -22.23
C ALA E 29 -8.55 -5.15 -22.95
N LYS E 30 -8.40 -4.22 -23.88
CA LYS E 30 -7.16 -4.05 -24.59
C LYS E 30 -6.13 -3.37 -23.69
N ALA E 31 -4.91 -3.86 -23.73
CA ALA E 31 -3.83 -3.29 -22.92
C ALA E 31 -2.49 -3.54 -23.57
N THR E 34 2.33 -9.01 -22.93
CA THR E 34 1.26 -8.71 -23.88
C THR E 34 1.80 -7.89 -25.04
N GLU E 35 3.07 -7.49 -24.92
CA GLU E 35 3.86 -6.85 -25.97
C GLU E 35 3.28 -5.51 -26.43
N VAL E 36 2.49 -4.84 -25.60
CA VAL E 36 1.98 -3.51 -25.89
C VAL E 36 2.38 -2.62 -24.72
N HIS E 37 3.04 -1.51 -25.03
CA HIS E 37 3.60 -0.64 -24.00
C HIS E 37 3.38 0.82 -24.33
N ASN E 38 2.18 1.17 -24.78
CA ASN E 38 1.86 2.58 -24.96
C ASN E 38 1.81 3.29 -23.62
N VAL E 39 1.94 4.61 -23.66
CA VAL E 39 2.19 5.34 -22.43
C VAL E 39 0.97 5.43 -21.53
N TRP E 40 -0.24 5.38 -22.08
CA TRP E 40 -1.35 5.94 -21.33
C TRP E 40 -2.02 4.94 -20.40
N ALA E 41 -2.21 3.70 -20.83
CA ALA E 41 -2.99 2.77 -19.99
C ALA E 41 -2.36 1.38 -19.95
N THR E 42 -1.06 1.31 -19.72
CA THR E 42 -0.43 0.01 -19.57
C THR E 42 0.24 -0.17 -18.22
N HIS E 43 1.19 0.71 -17.88
CA HIS E 43 1.94 0.60 -16.63
C HIS E 43 1.30 1.41 -15.51
N ALA E 44 0.08 1.87 -15.69
CA ALA E 44 -0.61 2.71 -14.73
C ALA E 44 -1.88 2.10 -14.16
N CYS E 45 -2.65 1.43 -14.99
CA CYS E 45 -3.92 0.86 -14.52
C CYS E 45 -4.23 -0.42 -15.27
N VAL E 46 -3.84 -1.53 -14.65
CA VAL E 46 -4.35 -2.84 -15.04
C VAL E 46 -5.86 -2.95 -15.16
N PRO E 47 -6.69 -2.49 -14.19
CA PRO E 47 -8.09 -2.98 -14.15
C PRO E 47 -8.93 -2.50 -15.32
N THR E 48 -9.63 -3.44 -15.93
CA THR E 48 -10.45 -3.18 -17.10
C THR E 48 -11.90 -3.30 -16.72
N ASP E 49 -12.73 -2.39 -17.21
CA ASP E 49 -14.14 -2.46 -16.87
C ASP E 49 -14.91 -3.01 -18.06
N PRO E 50 -15.61 -4.13 -17.90
CA PRO E 50 -16.26 -4.77 -19.05
C PRO E 50 -17.55 -4.10 -19.48
N ASN E 51 -18.34 -3.61 -18.54
CA ASN E 51 -19.69 -3.19 -18.82
C ASN E 51 -20.10 -2.09 -17.84
N PRO E 52 -20.96 -1.17 -18.25
CA PRO E 52 -21.35 -0.08 -17.35
C PRO E 52 -22.48 -0.49 -16.43
N GLN E 53 -22.57 0.22 -15.30
CA GLN E 53 -23.76 0.23 -14.45
C GLN E 53 -24.12 1.68 -14.10
N GLU E 54 -24.84 2.32 -15.01
CA GLU E 54 -25.25 3.70 -14.82
C GLU E 54 -26.68 3.72 -14.32
N MET E 55 -26.93 4.42 -13.23
CA MET E 55 -28.29 4.51 -12.69
C MET E 55 -28.82 5.91 -12.89
N HIS E 56 -30.02 6.01 -13.47
CA HIS E 56 -30.66 7.31 -13.60
C HIS E 56 -31.11 7.80 -12.24
N LEU E 57 -31.20 9.11 -12.10
CA LEU E 57 -31.77 9.73 -10.91
C LEU E 57 -32.94 10.59 -11.34
N LYS E 58 -34.10 10.34 -10.74
CA LYS E 58 -35.32 11.02 -11.11
C LYS E 58 -35.53 12.27 -10.27
N ASN E 59 -35.91 13.35 -10.93
CA ASN E 59 -36.42 14.59 -10.32
C ASN E 59 -35.39 15.31 -9.45
N VAL E 60 -34.09 15.03 -9.62
CA VAL E 60 -33.08 15.71 -8.83
C VAL E 60 -32.33 16.69 -9.75
N THR E 61 -31.82 17.77 -9.15
CA THR E 61 -31.13 18.84 -9.87
C THR E 61 -29.81 19.07 -9.16
N GLU E 62 -28.71 18.63 -9.75
CA GLU E 62 -27.40 18.77 -9.11
C GLU E 62 -26.60 19.88 -9.76
N ASN E 63 -25.95 20.71 -8.93
CA ASN E 63 -25.19 21.84 -9.42
C ASN E 63 -23.80 21.39 -9.86
N PHE E 64 -23.41 21.79 -11.06
CA PHE E 64 -22.12 21.42 -11.64
C PHE E 64 -21.31 22.66 -11.94
N ASN E 65 -20.00 22.56 -11.75
CA ASN E 65 -19.15 23.70 -12.07
C ASN E 65 -17.81 23.13 -12.52
N MET E 66 -17.67 22.95 -13.83
CA MET E 66 -16.46 22.38 -14.37
C MET E 66 -15.25 23.29 -14.20
N TRP E 67 -15.44 24.58 -14.07
CA TRP E 67 -14.26 25.43 -14.01
C TRP E 67 -13.67 25.52 -12.61
N LYS E 68 -14.39 25.07 -11.60
CA LYS E 68 -13.79 24.81 -10.30
C LYS E 68 -13.87 23.33 -9.98
N ASN E 69 -13.81 22.51 -11.01
CA ASN E 69 -13.63 21.09 -10.84
C ASN E 69 -12.15 20.80 -10.67
N ASN E 70 -11.86 19.76 -9.90
CA ASN E 70 -10.50 19.25 -9.75
C ASN E 70 -10.40 17.78 -10.13
N MET E 71 -11.45 17.21 -10.71
CA MET E 71 -11.32 15.96 -11.43
C MET E 71 -10.36 16.13 -12.59
N VAL E 72 -10.50 17.22 -13.33
CA VAL E 72 -9.68 17.44 -14.51
C VAL E 72 -8.26 17.84 -14.11
N GLU E 73 -8.11 18.61 -13.04
CA GLU E 73 -6.77 18.96 -12.59
C GLU E 73 -6.07 17.74 -12.02
N GLN E 74 -6.84 16.87 -11.37
CA GLN E 74 -6.27 15.62 -10.88
C GLN E 74 -5.92 14.68 -12.02
N MET E 75 -6.72 14.65 -13.09
CA MET E 75 -6.34 13.77 -14.18
C MET E 75 -5.20 14.34 -14.97
N GLN E 76 -5.07 15.67 -14.96
CA GLN E 76 -3.95 16.39 -15.62
C GLN E 76 -2.64 16.00 -14.91
N GLU E 77 -2.67 15.96 -13.58
CA GLU E 77 -1.52 15.54 -12.78
C GLU E 77 -1.21 14.06 -13.01
N ASP E 78 -2.25 13.21 -13.08
CA ASP E 78 -1.98 11.80 -13.39
C ASP E 78 -1.48 11.63 -14.82
N VAL E 79 -1.89 12.47 -15.75
CA VAL E 79 -1.41 12.32 -17.12
C VAL E 79 0.04 12.81 -17.26
N ILE E 80 0.44 13.87 -16.56
CA ILE E 80 1.85 14.27 -16.57
C ILE E 80 2.72 13.23 -15.88
N SER E 81 2.34 12.82 -14.65
CA SER E 81 3.13 11.84 -13.92
C SER E 81 3.15 10.48 -14.61
N LEU E 82 2.04 10.17 -15.27
CA LEU E 82 1.86 8.93 -16.08
C LEU E 82 2.80 8.99 -17.29
N TRP E 83 2.86 10.15 -17.97
CA TRP E 83 3.75 10.34 -19.10
C TRP E 83 5.19 10.15 -18.67
N ASP E 84 5.55 10.70 -17.51
CA ASP E 84 6.94 10.65 -17.08
C ASP E 84 7.34 9.27 -16.57
N GLN E 85 6.49 8.60 -15.77
CA GLN E 85 6.84 7.25 -15.32
C GLN E 85 6.69 6.22 -16.43
N SER E 86 6.25 6.64 -17.62
CA SER E 86 6.38 5.90 -18.85
C SER E 86 7.56 6.34 -19.68
N LEU E 87 8.37 7.26 -19.20
CA LEU E 87 9.46 7.76 -20.02
C LEU E 87 10.82 7.44 -19.45
N LYS E 88 11.05 7.77 -18.17
CA LYS E 88 12.37 7.75 -17.55
C LYS E 88 13.18 6.45 -17.61
N PRO E 89 12.55 5.29 -17.91
CA PRO E 89 13.26 4.02 -18.05
C PRO E 89 13.48 3.76 -19.55
N CYS E 90 13.41 4.82 -20.36
CA CYS E 90 13.56 4.73 -21.83
C CYS E 90 15.03 4.78 -22.23
N VAL E 91 15.51 5.95 -22.66
CA VAL E 91 16.93 6.09 -23.11
C VAL E 91 17.62 7.27 -22.41
N LYS E 92 17.50 8.47 -23.00
CA LYS E 92 18.18 9.67 -22.45
C LYS E 92 19.37 10.08 -23.32
N LEU E 93 19.03 10.62 -24.49
CA LEU E 93 20.02 11.16 -25.43
C LEU E 93 20.69 12.43 -24.90
N THR E 94 21.56 12.25 -23.93
CA THR E 94 22.42 13.36 -23.58
C THR E 94 23.48 13.70 -24.64
N PRO E 95 23.99 12.76 -25.48
CA PRO E 95 24.86 13.31 -26.52
C PRO E 95 24.16 13.61 -27.84
N LEU E 96 23.33 14.65 -27.85
CA LEU E 96 23.11 15.41 -29.07
C LEU E 96 23.35 16.90 -28.90
N CYS E 97 23.49 17.39 -27.68
CA CYS E 97 23.71 18.81 -27.51
C CYS E 97 25.13 19.13 -27.93
N VAL E 98 25.33 19.36 -29.23
CA VAL E 98 26.63 19.60 -29.82
C VAL E 98 26.54 20.84 -30.70
N THR E 99 27.61 21.15 -31.41
CA THR E 99 27.52 22.08 -32.52
C THR E 99 27.10 21.29 -33.75
N LEU E 100 26.02 21.72 -34.38
CA LEU E 100 25.35 20.96 -35.42
C LEU E 100 25.67 21.54 -36.79
N ASN E 101 26.20 20.70 -37.68
CA ASN E 101 26.61 21.16 -39.01
C ASN E 101 25.44 20.95 -39.97
N CYS E 102 24.56 21.95 -40.10
CA CYS E 102 23.30 21.79 -40.82
C CYS E 102 23.20 22.81 -41.95
N THR E 103 22.86 22.32 -43.14
CA THR E 103 22.31 23.08 -44.26
C THR E 103 21.62 22.06 -45.18
N SER E 104 20.56 22.49 -45.86
CA SER E 104 19.62 21.62 -46.54
C SER E 104 20.24 20.85 -47.69
N ALA E 105 19.55 19.79 -48.10
CA ALA E 105 19.90 19.00 -49.27
C ALA E 105 18.66 18.28 -49.76
N THR E 106 18.52 18.17 -51.08
CA THR E 106 17.36 17.52 -51.67
C THR E 106 17.69 16.13 -52.18
N ASP E 125 9.30 19.62 -48.18
CA ASP E 125 9.65 20.43 -47.04
C ASP E 125 11.16 20.56 -46.89
N ASP E 126 11.69 21.78 -46.95
CA ASP E 126 13.17 21.94 -46.81
C ASP E 126 13.56 22.00 -45.33
N VAL E 127 13.55 20.85 -44.64
CA VAL E 127 13.88 20.75 -43.18
C VAL E 127 15.36 21.07 -42.87
N ARG E 128 16.30 20.50 -43.63
CA ARG E 128 17.76 20.77 -43.43
C ARG E 128 18.56 19.46 -43.52
N ASN E 129 19.90 19.57 -43.59
CA ASN E 129 20.77 18.39 -43.68
C ASN E 129 21.89 18.60 -42.66
N CYS E 130 22.00 17.71 -41.68
CA CYS E 130 22.83 18.06 -40.54
C CYS E 130 23.70 16.90 -40.09
N SER E 131 25.01 17.08 -40.20
CA SER E 131 25.97 16.14 -39.65
C SER E 131 26.65 16.74 -38.44
N PHE E 132 27.10 15.88 -37.54
CA PHE E 132 27.72 16.28 -36.29
C PHE E 132 28.52 15.11 -35.72
N ASN E 133 29.13 15.33 -34.57
CA ASN E 133 29.88 14.29 -33.90
C ASN E 133 29.04 13.61 -32.83
N MET E 134 29.44 12.38 -32.52
CA MET E 134 28.72 11.51 -31.60
C MET E 134 29.82 10.81 -30.81
N THR E 135 29.45 9.81 -30.02
CA THR E 135 30.36 8.77 -29.58
C THR E 135 29.71 7.43 -29.90
N THR E 136 30.51 6.47 -30.35
CA THR E 136 29.97 5.16 -30.71
C THR E 136 29.84 4.32 -29.46
N GLU E 137 29.57 3.02 -29.62
CA GLU E 137 29.44 2.12 -28.49
C GLU E 137 30.76 1.92 -27.75
N LEU E 138 31.88 2.20 -28.40
CA LEU E 138 33.18 2.32 -27.75
C LEU E 138 33.41 3.79 -27.42
N ARG E 139 34.07 4.04 -26.30
CA ARG E 139 34.23 5.45 -25.93
C ARG E 139 35.41 6.11 -26.61
N ASP E 140 36.53 5.40 -26.77
CA ASP E 140 37.71 6.03 -27.37
C ASP E 140 37.55 6.21 -28.88
N LYS E 141 37.03 5.22 -29.58
CA LYS E 141 36.65 5.45 -30.96
C LYS E 141 35.41 6.33 -30.99
N GLN E 142 35.35 7.20 -31.99
CA GLN E 142 34.42 8.30 -32.02
C GLN E 142 33.62 8.21 -33.31
N GLN E 143 32.45 8.84 -33.32
CA GLN E 143 31.44 8.60 -34.35
C GLN E 143 31.03 9.91 -35.01
N LYS E 144 31.01 9.93 -36.34
CA LYS E 144 30.45 11.04 -37.10
C LYS E 144 29.11 10.60 -37.68
N VAL E 145 28.10 11.46 -37.54
CA VAL E 145 26.70 11.08 -37.74
C VAL E 145 26.04 12.05 -38.70
N TYR E 146 25.29 11.50 -39.64
CA TYR E 146 24.39 12.18 -40.56
C TYR E 146 22.97 12.18 -40.01
N ALA E 147 22.19 13.24 -40.30
CA ALA E 147 20.81 13.34 -39.82
C ALA E 147 20.04 14.37 -40.65
N LEU E 148 18.73 14.43 -40.45
CA LEU E 148 17.88 15.45 -41.04
C LEU E 148 17.01 16.03 -39.92
N PHE E 149 17.32 17.24 -39.49
CA PHE E 149 16.56 17.92 -38.45
C PHE E 149 15.74 19.04 -39.06
N TYR E 150 14.73 19.46 -38.32
CA TYR E 150 13.77 20.43 -38.81
C TYR E 150 14.21 21.84 -38.42
N LYS E 151 13.54 22.84 -39.00
CA LYS E 151 13.92 24.23 -38.75
C LYS E 151 13.60 24.66 -37.33
N LEU E 152 12.61 24.03 -36.72
CA LEU E 152 12.03 24.50 -35.48
C LEU E 152 12.51 23.74 -34.26
N ASP E 153 13.15 22.58 -34.43
CA ASP E 153 13.90 21.95 -33.36
C ASP E 153 15.33 22.44 -33.26
N ILE E 154 15.62 23.52 -33.98
CA ILE E 154 16.95 24.08 -34.21
C ILE E 154 16.92 25.58 -33.90
N VAL E 155 18.01 26.07 -33.33
CA VAL E 155 18.16 27.52 -33.15
C VAL E 155 19.42 27.99 -33.83
N PRO E 156 19.43 29.16 -34.44
CA PRO E 156 20.68 29.70 -34.97
C PRO E 156 21.59 30.26 -33.89
N ILE E 157 22.65 29.53 -33.57
CA ILE E 157 23.64 30.01 -32.61
C ILE E 157 24.72 30.77 -33.36
N ASP E 158 25.16 31.88 -32.79
CA ASP E 158 26.09 32.76 -33.48
C ASP E 158 27.31 33.05 -32.63
N ASN E 167 26.70 29.91 -46.20
CA ASN E 167 26.37 28.49 -46.33
C ASN E 167 26.94 27.72 -45.15
N PHE E 168 26.52 26.45 -45.04
CA PHE E 168 27.00 25.49 -44.05
C PHE E 168 26.81 26.00 -42.62
N SER E 169 25.56 26.26 -42.27
CA SER E 169 25.24 26.92 -41.01
C SER E 169 25.46 25.99 -39.82
N GLU E 170 25.61 26.59 -38.64
CA GLU E 170 25.89 25.88 -37.41
C GLU E 170 24.77 26.13 -36.41
N TYR E 171 24.03 25.08 -36.06
CA TYR E 171 22.82 25.23 -35.26
C TYR E 171 22.98 24.46 -33.94
N ARG E 172 21.87 24.37 -33.19
CA ARG E 172 21.84 23.75 -31.86
C ARG E 172 20.47 23.12 -31.70
N LEU E 173 20.37 22.10 -30.84
CA LEU E 173 19.04 21.62 -30.47
C LEU E 173 18.34 22.63 -29.58
N ILE E 174 17.00 22.67 -29.68
CA ILE E 174 16.24 23.67 -28.95
C ILE E 174 16.15 23.38 -27.47
N ASN E 175 16.50 22.19 -27.02
CA ASN E 175 16.25 21.91 -25.62
C ASN E 175 17.54 21.54 -24.93
N CYS E 176 18.56 22.37 -25.13
CA CYS E 176 19.79 22.21 -24.38
C CYS E 176 19.98 23.29 -23.34
N ASN E 177 19.09 24.27 -23.25
CA ASN E 177 19.05 25.08 -22.03
C ASN E 177 18.47 24.27 -20.89
N THR E 178 17.21 23.89 -21.04
CA THR E 178 16.50 23.09 -20.05
C THR E 178 16.78 21.63 -20.32
N SER E 179 15.92 20.76 -19.78
CA SER E 179 16.23 19.39 -19.41
C SER E 179 16.69 18.53 -20.58
N VAL E 180 17.40 17.46 -20.25
CA VAL E 180 17.93 16.55 -21.25
C VAL E 180 16.80 15.76 -21.88
N ILE E 181 16.85 15.63 -23.20
CA ILE E 181 15.79 14.98 -23.95
C ILE E 181 16.01 13.48 -23.88
N LYS E 182 14.93 12.72 -23.81
CA LYS E 182 15.01 11.28 -23.90
C LYS E 182 14.39 10.82 -25.22
N GLN E 183 14.58 9.55 -25.55
CA GLN E 183 13.95 9.01 -26.74
C GLN E 183 12.65 8.32 -26.35
N ALA E 184 11.82 8.03 -27.32
CA ALA E 184 10.53 7.45 -27.02
C ALA E 184 10.61 5.97 -26.68
N CYS E 185 11.75 5.31 -26.98
CA CYS E 185 12.00 3.87 -26.86
C CYS E 185 10.90 3.08 -27.59
N PRO E 186 11.03 2.97 -28.93
CA PRO E 186 9.90 2.84 -29.88
C PRO E 186 8.88 1.73 -29.69
N LYS E 187 9.24 0.76 -28.88
CA LYS E 187 8.32 -0.24 -28.37
C LYS E 187 7.21 0.38 -27.52
N VAL E 188 7.40 1.59 -27.04
CA VAL E 188 6.33 2.48 -26.60
C VAL E 188 5.46 2.89 -27.79
N SER E 189 4.14 2.78 -27.63
CA SER E 189 3.22 3.39 -28.58
C SER E 189 2.62 4.67 -28.01
N PHE E 190 1.78 5.32 -28.80
CA PHE E 190 1.15 6.55 -28.32
C PHE E 190 -0.32 6.62 -28.73
N ASP E 191 -0.95 5.49 -28.96
CA ASP E 191 -2.34 5.48 -29.39
C ASP E 191 -3.24 5.89 -28.23
N PRO E 192 -3.99 6.97 -28.35
CA PRO E 192 -4.79 7.43 -27.22
C PRO E 192 -6.03 6.58 -27.03
N ILE E 193 -5.87 5.44 -26.35
CA ILE E 193 -6.98 4.52 -26.16
C ILE E 193 -7.91 5.10 -25.11
N PRO E 194 -9.21 4.78 -25.12
CA PRO E 194 -10.11 5.33 -24.12
C PRO E 194 -9.78 4.93 -22.69
N ILE E 195 -9.35 5.92 -21.92
CA ILE E 195 -9.14 5.76 -20.49
C ILE E 195 -10.41 6.17 -19.77
N HIS E 196 -10.97 5.28 -18.97
CA HIS E 196 -12.04 5.66 -18.08
C HIS E 196 -11.43 6.12 -16.77
N TYR E 197 -12.18 6.90 -16.01
CA TYR E 197 -11.86 7.15 -14.62
C TYR E 197 -12.94 6.54 -13.77
N CYS E 198 -12.63 5.43 -13.11
CA CYS E 198 -13.56 4.84 -12.17
C CYS E 198 -13.14 5.24 -10.77
N THR E 199 -14.15 5.58 -9.97
CA THR E 199 -14.00 6.04 -8.61
C THR E 199 -13.92 4.87 -7.65
N PRO E 200 -13.11 4.98 -6.58
CA PRO E 200 -13.01 3.86 -5.63
C PRO E 200 -14.26 3.70 -4.81
N ALA E 201 -14.24 2.74 -3.90
CA ALA E 201 -15.41 2.49 -3.07
C ALA E 201 -15.65 3.66 -2.16
N GLY E 202 -16.91 4.04 -2.05
CA GLY E 202 -17.20 5.26 -1.34
C GLY E 202 -17.86 6.31 -2.20
N TYR E 203 -17.32 6.54 -3.39
CA TYR E 203 -17.58 7.75 -4.13
C TYR E 203 -18.24 7.40 -5.45
N ALA E 204 -19.04 8.32 -5.97
CA ALA E 204 -19.75 8.08 -7.21
C ALA E 204 -19.53 9.26 -8.14
N ILE E 205 -19.71 9.06 -9.44
CA ILE E 205 -19.51 10.15 -10.38
C ILE E 205 -20.85 10.51 -10.99
N LEU E 206 -21.25 11.77 -10.85
CA LEU E 206 -22.59 12.19 -11.26
C LEU E 206 -22.52 12.79 -12.65
N ARG E 207 -22.83 11.97 -13.66
CA ARG E 207 -22.88 12.43 -15.04
C ARG E 207 -24.10 13.33 -15.23
N CYS E 208 -24.00 14.28 -16.15
CA CYS E 208 -25.10 15.22 -16.37
C CYS E 208 -26.19 14.62 -17.25
N ASN E 209 -25.82 14.18 -18.45
CA ASN E 209 -26.74 13.65 -19.47
C ASN E 209 -27.83 14.64 -19.85
N ASP E 210 -27.52 15.93 -19.83
CA ASP E 210 -28.44 16.93 -20.32
C ASP E 210 -27.95 17.46 -21.66
N LYS E 211 -28.88 17.69 -22.58
CA LYS E 211 -28.50 18.19 -23.89
C LYS E 211 -28.46 19.71 -23.86
N LYS E 212 -27.60 20.26 -24.72
CA LYS E 212 -27.25 21.69 -24.72
C LYS E 212 -26.74 22.15 -23.36
N PHE E 213 -26.01 21.28 -22.68
CA PHE E 213 -25.58 21.60 -21.35
C PHE E 213 -24.32 22.46 -21.38
N ASN E 214 -24.34 23.49 -20.56
CA ASN E 214 -23.34 24.55 -20.61
C ASN E 214 -22.13 24.25 -19.77
N GLY E 215 -22.23 23.30 -18.85
CA GLY E 215 -21.14 23.01 -17.97
C GLY E 215 -21.11 23.83 -16.71
N THR E 216 -22.14 24.63 -16.47
CA THR E 216 -22.13 25.49 -15.30
C THR E 216 -23.56 25.65 -14.84
N GLY E 217 -23.78 25.54 -13.55
CA GLY E 217 -25.12 25.66 -13.04
C GLY E 217 -25.79 24.31 -12.99
N PRO E 218 -27.11 24.29 -12.98
CA PRO E 218 -27.84 23.06 -12.68
C PRO E 218 -27.80 22.08 -13.84
N CYS E 219 -28.32 20.90 -13.57
CA CYS E 219 -28.40 19.82 -14.56
C CYS E 219 -29.64 19.02 -14.21
N LYS E 220 -30.39 18.61 -15.24
CA LYS E 220 -31.75 18.13 -14.99
C LYS E 220 -31.81 16.62 -14.76
N ASN E 221 -31.23 15.84 -15.66
CA ASN E 221 -31.26 14.40 -15.51
C ASN E 221 -29.91 13.82 -15.18
N VAL E 222 -29.20 14.45 -14.23
CA VAL E 222 -27.97 13.92 -13.67
C VAL E 222 -28.14 12.49 -13.19
N SER E 223 -27.36 11.58 -13.76
CA SER E 223 -27.44 10.18 -13.43
C SER E 223 -26.09 9.74 -12.91
N SER E 224 -26.10 8.83 -11.96
CA SER E 224 -24.87 8.39 -11.33
C SER E 224 -24.23 7.29 -12.14
N VAL E 225 -22.91 7.18 -12.01
CA VAL E 225 -22.16 6.19 -12.76
C VAL E 225 -20.94 5.88 -11.93
N GLN E 226 -20.33 4.74 -12.22
CA GLN E 226 -19.12 4.33 -11.52
C GLN E 226 -17.87 4.75 -12.29
N CYS E 227 -17.89 4.77 -13.61
CA CYS E 227 -16.82 5.42 -14.35
C CYS E 227 -17.36 6.29 -15.48
N THR E 228 -16.54 7.26 -15.89
CA THR E 228 -16.83 8.16 -16.99
C THR E 228 -16.92 7.42 -18.31
N HIS E 229 -17.36 8.15 -19.34
CA HIS E 229 -17.18 7.64 -20.68
C HIS E 229 -15.71 7.71 -21.03
N GLY E 230 -15.31 6.86 -21.96
CA GLY E 230 -13.91 6.74 -22.30
C GLY E 230 -13.34 7.97 -22.95
N ILE E 231 -12.54 8.68 -22.21
CA ILE E 231 -11.93 9.87 -22.76
C ILE E 231 -10.64 9.47 -23.42
N LYS E 232 -10.29 10.19 -24.48
CA LYS E 232 -9.06 9.94 -25.17
C LYS E 232 -8.05 10.98 -24.73
N PRO E 233 -6.94 10.59 -24.14
CA PRO E 233 -5.97 11.56 -23.61
C PRO E 233 -5.13 12.22 -24.69
N VAL E 234 -5.80 12.89 -25.61
CA VAL E 234 -5.11 13.54 -26.72
C VAL E 234 -4.53 14.85 -26.24
N VAL E 235 -3.54 15.33 -26.97
CA VAL E 235 -3.01 16.66 -26.75
C VAL E 235 -3.10 17.40 -28.07
N SER E 236 -3.57 18.65 -28.03
CA SER E 236 -3.73 19.47 -29.22
C SER E 236 -3.88 20.91 -28.76
N THR E 237 -2.99 21.78 -29.20
CA THR E 237 -3.00 23.15 -28.69
C THR E 237 -4.16 23.95 -29.25
N GLN E 238 -4.30 23.99 -30.56
CA GLN E 238 -5.20 25.00 -31.13
C GLN E 238 -6.64 24.54 -31.14
N LEU E 239 -6.91 23.29 -31.52
CA LEU E 239 -8.28 22.83 -31.59
C LEU E 239 -8.32 21.33 -31.32
N LEU E 240 -9.48 20.86 -30.87
CA LEU E 240 -9.56 19.57 -30.22
C LEU E 240 -9.85 18.47 -31.22
N LEU E 241 -9.30 17.30 -30.96
CA LEU E 241 -9.45 16.19 -31.88
C LEU E 241 -9.96 14.96 -31.17
N ASN E 242 -10.69 14.14 -31.93
CA ASN E 242 -11.26 12.85 -31.49
C ASN E 242 -12.13 12.99 -30.26
N GLY E 243 -12.79 14.12 -30.09
CA GLY E 243 -13.55 14.37 -28.90
C GLY E 243 -14.86 13.62 -28.91
N SER E 244 -15.58 13.75 -27.82
CA SER E 244 -16.96 13.33 -27.81
C SER E 244 -17.82 14.44 -28.36
N LEU E 245 -18.92 14.06 -28.98
CA LEU E 245 -19.80 15.03 -29.59
C LEU E 245 -20.94 15.41 -28.64
N ALA E 246 -21.20 16.69 -28.54
CA ALA E 246 -22.51 17.13 -28.07
C ALA E 246 -23.52 16.77 -29.15
N GLU E 247 -24.77 16.54 -28.75
CA GLU E 247 -25.71 16.06 -29.76
C GLU E 247 -26.53 17.17 -30.40
N GLU E 248 -27.31 17.91 -29.61
CA GLU E 248 -28.22 18.88 -30.22
C GLU E 248 -27.63 20.27 -30.40
N GLY E 249 -27.08 20.85 -29.37
CA GLY E 249 -26.49 22.16 -29.52
C GLY E 249 -25.03 22.08 -29.83
N ILE E 250 -24.45 23.22 -30.21
CA ILE E 250 -23.02 23.42 -30.06
C ILE E 250 -22.85 24.33 -28.86
N ILE E 251 -21.82 24.10 -28.07
CA ILE E 251 -21.75 24.57 -26.70
C ILE E 251 -20.56 25.50 -26.56
N ILE E 252 -20.78 26.67 -26.00
CA ILE E 252 -19.72 27.63 -25.74
C ILE E 252 -19.41 27.60 -24.27
N ARG E 253 -18.15 27.44 -23.92
CA ARG E 253 -17.74 27.26 -22.54
C ARG E 253 -16.63 28.23 -22.21
N SER E 254 -16.73 28.88 -21.06
CA SER E 254 -15.58 29.63 -20.56
C SER E 254 -15.67 29.73 -19.06
N GLU E 255 -14.57 30.16 -18.47
CA GLU E 255 -14.59 30.51 -17.07
C GLU E 255 -15.20 31.88 -16.88
N ASN E 256 -14.81 32.85 -17.70
CA ASN E 256 -15.22 34.24 -17.49
C ASN E 256 -15.21 34.93 -18.85
N LEU E 257 -16.39 35.03 -19.47
CA LEU E 257 -16.50 35.58 -20.80
C LEU E 257 -16.15 37.06 -20.86
N THR E 258 -16.29 37.78 -19.76
CA THR E 258 -15.80 39.15 -19.73
C THR E 258 -14.28 39.18 -19.72
N ASN E 259 -13.63 38.15 -19.18
CA ASN E 259 -12.18 38.12 -19.14
C ASN E 259 -11.67 37.55 -20.47
N ASN E 260 -11.00 38.40 -21.26
CA ASN E 260 -10.50 37.98 -22.55
C ASN E 260 -9.36 36.98 -22.46
N ALA E 261 -8.71 36.86 -21.30
CA ALA E 261 -7.58 35.96 -21.18
C ALA E 261 -8.00 34.50 -21.10
N LYS E 262 -9.20 34.22 -20.59
CA LYS E 262 -9.64 32.85 -20.41
C LYS E 262 -10.01 32.23 -21.74
N THR E 263 -9.56 31.00 -21.95
CA THR E 263 -9.73 30.31 -23.22
C THR E 263 -11.16 29.84 -23.37
N ILE E 264 -11.80 30.19 -24.47
CA ILE E 264 -13.16 29.76 -24.76
C ILE E 264 -13.12 28.41 -25.45
N ILE E 265 -13.71 27.40 -24.83
CA ILE E 265 -13.91 26.11 -25.48
C ILE E 265 -15.16 26.19 -26.33
N VAL E 266 -15.07 25.70 -27.56
CA VAL E 266 -16.22 25.58 -28.43
C VAL E 266 -16.37 24.11 -28.78
N HIS E 267 -17.52 23.53 -28.44
CA HIS E 267 -17.79 22.13 -28.62
C HIS E 267 -18.81 21.99 -29.74
N PHE E 268 -18.50 21.21 -30.75
CA PHE E 268 -19.37 21.09 -31.92
C PHE E 268 -20.53 20.15 -31.63
N ASN E 269 -21.35 19.92 -32.66
CA ASN E 269 -22.30 18.83 -32.60
C ASN E 269 -22.19 17.86 -33.77
N GLU E 270 -21.40 18.19 -34.79
CA GLU E 270 -21.12 17.26 -35.88
C GLU E 270 -19.64 17.08 -36.04
N SER E 271 -19.24 15.83 -36.22
CA SER E 271 -17.85 15.40 -36.31
C SER E 271 -17.24 15.95 -37.59
N VAL E 272 -16.43 16.99 -37.48
CA VAL E 272 -15.81 17.52 -38.68
C VAL E 272 -14.65 16.62 -39.04
N LYS E 273 -14.52 16.28 -40.31
CA LYS E 273 -13.47 15.38 -40.72
C LYS E 273 -12.16 16.14 -40.91
N ILE E 274 -11.06 15.42 -40.72
CA ILE E 274 -9.74 15.89 -41.13
C ILE E 274 -8.91 14.66 -41.44
N ASN E 275 -8.06 14.77 -42.45
CA ASN E 275 -7.12 13.72 -42.82
C ASN E 275 -5.75 14.36 -42.75
N CYS E 276 -4.88 13.86 -41.89
CA CYS E 276 -3.55 14.41 -41.80
C CYS E 276 -2.55 13.35 -42.23
N THR E 277 -1.74 13.70 -43.23
CA THR E 277 -0.78 12.78 -43.80
C THR E 277 0.56 13.46 -43.90
N ARG E 278 1.60 12.67 -43.76
CA ARG E 278 2.85 13.06 -44.38
C ARG E 278 3.03 12.13 -45.56
N PRO E 279 2.93 12.63 -46.80
CA PRO E 279 3.01 11.76 -47.99
C PRO E 279 4.43 11.54 -48.46
N SER E 280 5.30 11.14 -47.56
CA SER E 280 6.72 11.16 -47.86
C SER E 280 7.40 9.97 -47.22
N ASN E 281 8.06 9.17 -48.04
CA ASN E 281 8.96 8.15 -47.56
C ASN E 281 10.08 8.79 -46.76
N ASN E 282 10.23 8.38 -45.49
CA ASN E 282 11.44 8.71 -44.77
C ASN E 282 11.81 7.54 -43.86
N THR E 283 12.88 6.85 -44.22
CA THR E 283 13.21 5.62 -43.53
C THR E 283 13.88 5.92 -42.21
N ARG E 284 13.88 4.92 -41.33
CA ARG E 284 14.37 5.06 -39.97
C ARG E 284 15.58 4.15 -39.84
N THR E 285 16.74 4.74 -39.56
CA THR E 285 17.91 3.95 -39.26
C THR E 285 18.52 4.47 -37.97
N GLY E 286 19.33 3.62 -37.35
CA GLY E 286 19.79 3.85 -36.00
C GLY E 286 21.30 3.98 -35.90
N ILE E 287 21.73 4.71 -34.88
CA ILE E 287 23.14 4.78 -34.48
C ILE E 287 23.31 4.15 -33.12
N HIS E 288 24.47 3.55 -32.91
CA HIS E 288 24.84 3.13 -31.57
C HIS E 288 25.46 4.34 -30.88
N ILE E 289 24.74 4.95 -29.95
CA ILE E 289 25.32 5.99 -29.12
C ILE E 289 25.80 5.42 -27.79
N GLY E 290 25.04 4.54 -27.16
CA GLY E 290 25.48 3.91 -25.94
C GLY E 290 25.26 2.42 -25.96
N PRO E 291 25.57 1.78 -24.87
CA PRO E 291 25.23 0.36 -24.72
C PRO E 291 23.73 0.17 -24.65
N GLY E 292 23.14 -0.38 -25.70
CA GLY E 292 21.70 -0.49 -25.79
C GLY E 292 21.00 0.79 -26.19
N GLN E 293 21.73 1.87 -26.40
CA GLN E 293 21.16 3.15 -26.80
C GLN E 293 21.34 3.27 -28.30
N VAL E 294 20.26 3.03 -29.04
CA VAL E 294 20.28 3.10 -30.48
C VAL E 294 19.35 4.22 -30.88
N PHE E 295 19.94 5.35 -31.23
CA PHE E 295 19.20 6.54 -31.62
C PHE E 295 18.65 6.35 -33.02
N TYR E 296 17.33 6.34 -33.15
CA TYR E 296 16.67 6.21 -34.44
C TYR E 296 16.46 7.59 -35.04
N LYS E 297 16.65 7.69 -36.36
CA LYS E 297 16.60 8.96 -37.04
C LYS E 297 16.17 8.74 -38.48
N THR E 298 15.91 9.85 -39.15
CA THR E 298 15.53 9.86 -40.55
C THR E 298 16.64 9.34 -41.44
N GLY E 299 16.30 9.05 -42.68
CA GLY E 299 17.30 8.69 -43.64
C GLY E 299 17.05 9.34 -44.99
N ASP E 300 16.99 8.50 -46.02
CA ASP E 300 16.57 8.95 -47.34
C ASP E 300 15.15 9.48 -47.28
N ILE E 301 14.89 10.52 -48.07
CA ILE E 301 13.64 11.28 -47.98
C ILE E 301 13.11 11.47 -49.40
N ILE E 302 12.24 10.56 -49.84
CA ILE E 302 11.67 10.57 -51.17
C ILE E 302 10.16 10.46 -51.07
N GLY E 303 9.51 10.39 -52.23
CA GLY E 303 8.06 10.40 -52.27
C GLY E 303 7.52 11.71 -52.79
N ASP E 304 6.46 12.21 -52.17
CA ASP E 304 5.87 13.50 -52.56
C ASP E 304 6.44 14.57 -51.62
N ILE E 305 7.63 15.06 -51.95
CA ILE E 305 8.40 15.89 -51.03
C ILE E 305 7.82 17.30 -51.06
N ARG E 306 6.92 17.58 -50.12
CA ARG E 306 6.47 18.92 -49.80
C ARG E 306 6.03 18.84 -48.34
N LYS E 307 5.55 19.97 -47.79
CA LYS E 307 5.10 19.98 -46.41
C LYS E 307 3.90 19.06 -46.20
N ALA E 308 3.88 18.40 -45.06
CA ALA E 308 2.75 17.55 -44.69
C ALA E 308 1.51 18.40 -44.52
N TYR E 309 0.40 17.92 -45.04
CA TYR E 309 -0.81 18.71 -45.12
C TYR E 309 -1.90 18.10 -44.23
N CYS E 310 -2.95 18.89 -44.03
CA CYS E 310 -4.22 18.37 -43.56
C CYS E 310 -5.32 19.02 -44.40
N ASN E 311 -6.29 18.23 -44.82
CA ASN E 311 -7.35 18.72 -45.69
C ASN E 311 -8.69 18.74 -44.94
N ILE E 312 -9.52 19.74 -45.23
CA ILE E 312 -10.77 19.94 -44.51
C ILE E 312 -11.84 20.36 -45.51
N SER E 313 -12.94 19.61 -45.55
CA SER E 313 -14.02 19.91 -46.50
C SER E 313 -14.73 21.19 -46.12
N GLY E 314 -14.79 22.12 -47.08
CA GLY E 314 -15.31 23.45 -46.81
C GLY E 314 -16.80 23.50 -46.55
N ALA E 315 -17.54 22.48 -47.00
CA ALA E 315 -18.97 22.44 -46.77
C ALA E 315 -19.28 22.28 -45.29
N GLN E 316 -18.84 21.17 -44.70
CA GLN E 316 -19.06 20.95 -43.28
C GLN E 316 -18.33 21.97 -42.44
N TRP E 317 -17.14 22.41 -42.85
CA TRP E 317 -16.38 23.34 -42.02
C TRP E 317 -17.05 24.71 -41.97
N HIS E 318 -17.42 25.25 -43.12
CA HIS E 318 -18.07 26.55 -43.07
C HIS E 318 -19.50 26.46 -42.56
N LYS E 319 -20.15 25.29 -42.65
CA LYS E 319 -21.45 25.15 -41.99
C LYS E 319 -21.31 25.17 -40.47
N VAL E 320 -20.34 24.42 -39.94
CA VAL E 320 -20.24 24.37 -38.48
C VAL E 320 -19.63 25.65 -37.96
N LEU E 321 -18.82 26.35 -38.74
CA LEU E 321 -18.34 27.63 -38.25
C LEU E 321 -19.41 28.69 -38.36
N GLY E 322 -20.32 28.57 -39.34
CA GLY E 322 -21.48 29.45 -39.35
C GLY E 322 -22.40 29.23 -38.17
N ARG E 323 -22.61 27.97 -37.79
CA ARG E 323 -23.43 27.72 -36.61
C ARG E 323 -22.69 28.12 -35.32
N VAL E 324 -21.36 28.02 -35.33
CA VAL E 324 -20.55 28.51 -34.22
C VAL E 324 -20.70 30.01 -34.06
N ALA E 325 -20.63 30.75 -35.16
CA ALA E 325 -20.81 32.20 -35.05
C ALA E 325 -22.25 32.57 -34.76
N ASN E 326 -23.21 31.73 -35.15
CA ASN E 326 -24.60 31.95 -34.75
C ASN E 326 -24.73 31.87 -33.22
N LYS E 327 -24.18 30.82 -32.63
CA LYS E 327 -24.26 30.67 -31.17
C LYS E 327 -23.39 31.71 -30.45
N LEU E 328 -22.28 32.12 -31.06
CA LEU E 328 -21.47 33.15 -30.42
C LEU E 328 -22.13 34.51 -30.51
N LYS E 329 -22.92 34.75 -31.56
CA LYS E 329 -23.76 35.93 -31.57
C LYS E 329 -24.83 35.84 -30.49
N GLU E 330 -25.33 34.63 -30.24
CA GLU E 330 -26.29 34.44 -29.15
C GLU E 330 -25.65 34.71 -27.79
N HIS E 331 -24.34 34.50 -27.64
CA HIS E 331 -23.68 34.95 -26.42
C HIS E 331 -23.23 36.40 -26.49
N PHE E 332 -22.44 36.75 -27.49
CA PHE E 332 -21.73 38.03 -27.52
C PHE E 332 -22.58 39.14 -28.13
N ASN E 333 -23.70 39.42 -27.47
CA ASN E 333 -24.51 40.62 -27.65
C ASN E 333 -25.10 40.78 -29.05
N ASN E 334 -25.08 39.73 -29.87
CA ASN E 334 -25.40 39.79 -31.30
C ASN E 334 -24.55 40.87 -31.97
N LYS E 335 -23.26 40.58 -32.07
CA LYS E 335 -22.29 41.49 -32.63
C LYS E 335 -21.69 40.93 -33.92
N THR E 336 -20.78 41.71 -34.49
CA THR E 336 -20.11 41.38 -35.75
C THR E 336 -18.85 40.60 -35.43
N ILE E 337 -18.85 39.31 -35.76
CA ILE E 337 -17.84 38.37 -35.31
C ILE E 337 -16.76 38.26 -36.36
N VAL E 338 -15.52 38.55 -36.01
CA VAL E 338 -14.41 38.28 -36.91
C VAL E 338 -13.59 37.13 -36.33
N PHE E 339 -13.04 36.33 -37.22
CA PHE E 339 -12.10 35.28 -36.89
C PHE E 339 -10.78 35.68 -37.53
N LYS E 340 -9.97 36.39 -36.74
CA LYS E 340 -8.59 36.68 -37.08
C LYS E 340 -7.79 35.38 -36.96
N PRO E 341 -6.59 35.34 -37.47
CA PRO E 341 -5.74 34.18 -37.15
C PRO E 341 -5.06 34.32 -35.80
N SER E 342 -4.06 33.47 -35.57
CA SER E 342 -3.33 33.48 -34.33
C SER E 342 -2.40 34.69 -34.26
N SER E 343 -1.79 34.85 -33.10
CA SER E 343 -0.93 36.00 -32.87
C SER E 343 0.51 35.77 -33.29
N GLY E 344 0.85 34.57 -33.74
CA GLY E 344 2.22 34.29 -34.15
C GLY E 344 3.15 34.18 -32.95
N GLY E 345 4.40 33.90 -33.25
CA GLY E 345 5.38 33.76 -32.20
C GLY E 345 5.93 32.35 -32.12
N ASP E 346 5.97 31.80 -30.91
CA ASP E 346 6.53 30.47 -30.69
C ASP E 346 5.54 29.43 -31.20
N PRO E 347 5.90 28.59 -32.17
CA PRO E 347 4.90 27.73 -32.82
C PRO E 347 4.40 26.54 -32.03
N GLU E 348 4.63 26.48 -30.72
CA GLU E 348 3.93 25.52 -29.90
C GLU E 348 2.81 26.15 -29.09
N ILE E 349 3.06 27.33 -28.53
CA ILE E 349 1.99 28.05 -27.85
C ILE E 349 0.97 28.54 -28.86
N THR E 350 1.41 28.80 -30.08
CA THR E 350 0.61 29.48 -31.08
C THR E 350 -0.13 28.52 -32.02
N MET E 351 0.51 27.45 -32.47
CA MET E 351 0.00 26.65 -33.57
C MET E 351 -0.79 25.44 -33.10
N HIS E 352 -1.07 24.53 -34.05
CA HIS E 352 -1.94 23.38 -33.84
C HIS E 352 -1.10 22.14 -33.56
N HIS E 353 -0.92 21.83 -32.29
CA HIS E 353 -0.23 20.62 -31.88
C HIS E 353 -1.06 19.40 -32.26
N PHE E 354 -0.37 18.33 -32.65
CA PHE E 354 -1.07 17.23 -33.27
C PHE E 354 -0.33 15.95 -32.93
N ASN E 355 -1.06 14.84 -32.90
CA ASN E 355 -0.60 13.61 -32.27
C ASN E 355 -0.78 12.44 -33.22
N CYS E 356 -0.21 12.56 -34.41
CA CYS E 356 -0.26 11.44 -35.36
C CYS E 356 0.77 10.38 -34.96
N ARG E 357 0.98 9.42 -35.86
CA ARG E 357 1.95 8.31 -35.62
C ARG E 357 3.28 8.84 -35.08
N GLY E 358 3.51 8.67 -33.78
CA GLY E 358 4.73 9.06 -33.05
C GLY E 358 5.37 10.35 -33.56
N GLU E 359 4.71 11.08 -34.44
CA GLU E 359 5.23 12.33 -34.97
C GLU E 359 4.26 13.44 -34.60
N PHE E 360 4.76 14.66 -34.51
CA PHE E 360 4.00 15.75 -33.93
C PHE E 360 3.96 16.91 -34.90
N PHE E 361 2.78 17.24 -35.38
CA PHE E 361 2.61 18.24 -36.42
C PHE E 361 2.25 19.56 -35.76
N TYR E 362 2.80 20.67 -36.27
CA TYR E 362 2.25 21.99 -36.00
C TYR E 362 1.75 22.52 -37.32
N CYS E 363 0.44 22.71 -37.43
CA CYS E 363 -0.21 23.12 -38.65
C CYS E 363 -0.63 24.57 -38.52
N ASN E 364 -0.05 25.44 -39.36
CA ASN E 364 -0.42 26.85 -39.40
C ASN E 364 -1.87 26.91 -39.84
N THR E 365 -2.75 27.15 -38.88
CA THR E 365 -4.19 27.01 -39.07
C THR E 365 -4.84 28.30 -39.57
N THR E 366 -4.07 29.14 -40.27
CA THR E 366 -4.46 30.52 -40.54
C THR E 366 -5.68 30.62 -41.44
N LYS E 367 -5.69 29.86 -42.53
CA LYS E 367 -6.82 29.94 -43.45
C LYS E 367 -8.05 29.19 -42.97
N LEU E 368 -7.99 28.56 -41.79
CA LEU E 368 -9.20 28.04 -41.18
C LEU E 368 -9.94 29.10 -40.41
N PHE E 369 -9.22 29.99 -39.72
CA PHE E 369 -9.86 30.98 -38.86
C PHE E 369 -9.54 32.36 -39.43
N ASN E 370 -10.34 32.75 -40.42
CA ASN E 370 -10.20 34.04 -41.07
C ASN E 370 -11.56 34.35 -41.69
N SER E 371 -12.34 35.19 -41.02
CA SER E 371 -13.63 35.60 -41.57
C SER E 371 -14.10 36.86 -40.86
N THR E 372 -15.12 37.50 -41.40
CA THR E 372 -15.84 38.56 -40.70
C THR E 372 -17.31 38.43 -41.07
N TRP E 373 -18.14 38.07 -40.09
CA TRP E 373 -19.53 37.72 -40.31
C TRP E 373 -20.42 38.63 -39.48
N GLY E 374 -21.39 39.26 -40.13
CA GLY E 374 -22.30 40.18 -39.46
C GLY E 374 -23.74 40.07 -39.93
N THR E 380 -17.90 33.40 -47.48
CA THR E 380 -18.02 33.44 -48.93
C THR E 380 -17.01 32.50 -49.58
N ARG E 381 -16.77 31.37 -48.93
CA ARG E 381 -15.74 30.44 -49.36
C ARG E 381 -16.36 29.27 -50.12
N ASP E 382 -15.52 28.32 -50.50
CA ASP E 382 -15.92 27.24 -51.38
C ASP E 382 -16.68 26.17 -50.63
N ASN E 383 -17.23 25.25 -51.41
CA ASN E 383 -17.61 23.91 -50.95
C ASN E 383 -16.58 22.88 -51.36
N GLY E 384 -15.30 23.28 -51.33
CA GLY E 384 -14.25 22.44 -51.87
C GLY E 384 -13.34 21.79 -50.85
N THR E 385 -12.14 22.33 -50.67
CA THR E 385 -11.16 21.73 -49.77
C THR E 385 -10.19 22.81 -49.30
N ILE E 386 -10.01 22.90 -47.98
CA ILE E 386 -9.00 23.76 -47.36
C ILE E 386 -7.81 22.89 -47.02
N THR E 387 -6.64 23.26 -47.53
CA THR E 387 -5.41 22.53 -47.28
C THR E 387 -4.47 23.37 -46.45
N ILE E 388 -4.07 22.85 -45.29
CA ILE E 388 -3.17 23.56 -44.41
C ILE E 388 -1.84 22.83 -44.28
N PRO E 389 -0.72 23.54 -44.34
CA PRO E 389 0.59 22.90 -44.20
C PRO E 389 0.83 22.55 -42.74
N CYS E 390 1.80 21.66 -42.52
CA CYS E 390 2.15 21.26 -41.15
C CYS E 390 3.66 21.07 -41.05
N ARG E 391 4.32 22.00 -40.37
CA ARG E 391 5.72 21.80 -39.98
C ARG E 391 5.75 20.74 -38.90
N ILE E 392 6.47 19.66 -39.09
CA ILE E 392 6.43 18.58 -38.12
C ILE E 392 7.64 18.77 -37.19
N LYS E 393 7.66 18.03 -36.08
CA LYS E 393 8.64 18.29 -35.04
C LYS E 393 9.00 16.99 -34.36
N GLN E 394 10.28 16.83 -34.02
CA GLN E 394 10.74 15.64 -33.34
C GLN E 394 10.86 15.83 -31.83
N ILE E 395 11.73 16.74 -31.39
CA ILE E 395 11.97 16.96 -29.96
C ILE E 395 10.93 17.94 -29.45
N ILE E 396 10.00 17.44 -28.65
CA ILE E 396 8.89 18.24 -28.19
C ILE E 396 9.01 18.43 -26.68
N ASN E 397 8.91 19.69 -26.25
CA ASN E 397 8.58 19.98 -24.86
C ASN E 397 7.07 20.08 -24.86
N MET E 398 6.42 18.91 -24.90
CA MET E 398 5.01 18.77 -25.25
C MET E 398 4.11 19.62 -24.38
N TRP E 399 4.43 19.70 -23.11
CA TRP E 399 3.72 20.54 -22.17
C TRP E 399 4.69 21.61 -21.70
N GLN E 400 4.20 22.84 -21.58
CA GLN E 400 5.05 24.03 -21.60
C GLN E 400 5.87 24.11 -20.32
N GLY E 401 6.94 23.33 -20.29
CA GLY E 401 7.84 23.28 -19.15
C GLY E 401 7.43 22.27 -18.10
N VAL E 402 6.15 21.96 -17.98
CA VAL E 402 5.65 21.11 -16.90
C VAL E 402 5.58 19.68 -17.41
N GLY E 403 6.53 18.87 -16.97
CA GLY E 403 6.74 17.54 -17.50
C GLY E 403 8.15 17.42 -18.01
N GLN E 404 8.39 16.41 -18.85
CA GLN E 404 9.70 16.28 -19.46
C GLN E 404 9.58 16.14 -20.97
N ALA E 405 10.74 16.30 -21.62
CA ALA E 405 10.86 16.33 -23.06
C ALA E 405 10.72 14.92 -23.63
N MET E 406 10.86 14.82 -24.95
CA MET E 406 10.77 13.57 -25.68
C MET E 406 11.30 13.72 -27.09
N TYR E 407 12.19 12.82 -27.51
CA TYR E 407 12.50 12.70 -28.92
C TYR E 407 11.44 11.81 -29.55
N ALA E 408 10.81 12.31 -30.60
CA ALA E 408 9.84 11.49 -31.31
C ALA E 408 10.49 10.98 -32.58
N PRO E 409 10.75 9.69 -32.71
CA PRO E 409 11.37 9.18 -33.91
C PRO E 409 10.35 9.07 -35.03
N PRO E 410 10.75 9.40 -36.25
CA PRO E 410 9.84 9.19 -37.38
C PRO E 410 9.70 7.72 -37.68
N ILE E 411 8.55 7.34 -38.25
CA ILE E 411 8.20 5.93 -38.12
C ILE E 411 8.83 5.12 -39.25
N LYS E 412 8.24 5.17 -40.46
CA LYS E 412 8.90 4.60 -41.64
C LYS E 412 8.67 5.36 -42.94
N GLY E 413 7.73 6.28 -43.02
CA GLY E 413 7.40 6.80 -44.34
C GLY E 413 6.03 7.41 -44.48
N VAL E 414 5.25 7.01 -45.48
CA VAL E 414 4.00 7.70 -45.74
C VAL E 414 2.98 7.33 -44.67
N ILE E 415 2.42 8.35 -44.03
CA ILE E 415 1.59 8.15 -42.85
C ILE E 415 0.26 8.89 -43.01
N LYS E 416 -0.83 8.16 -42.81
CA LYS E 416 -2.17 8.71 -42.90
C LYS E 416 -2.83 8.47 -41.55
N CYS E 417 -3.23 9.55 -40.90
CA CYS E 417 -4.07 9.44 -39.73
C CYS E 417 -5.38 10.19 -39.97
N LEU E 418 -6.48 9.44 -39.90
CA LEU E 418 -7.85 10.00 -40.04
C LEU E 418 -8.27 10.51 -38.66
N SER E 419 -8.80 11.73 -38.58
CA SER E 419 -9.16 12.30 -37.30
C SER E 419 -10.46 13.08 -37.42
N ASN E 420 -11.14 13.24 -36.29
CA ASN E 420 -12.36 14.00 -36.24
C ASN E 420 -12.03 15.29 -35.48
N ILE E 421 -11.82 16.39 -36.19
CA ILE E 421 -11.76 17.68 -35.53
C ILE E 421 -13.12 18.01 -34.97
N THR E 422 -13.17 18.35 -33.68
CA THR E 422 -14.42 18.40 -32.93
C THR E 422 -14.53 19.67 -32.10
N GLY E 423 -13.39 20.23 -31.69
CA GLY E 423 -13.44 21.39 -30.83
C GLY E 423 -12.70 22.58 -31.38
N ILE E 424 -12.94 23.76 -30.82
CA ILE E 424 -12.16 24.95 -31.13
C ILE E 424 -11.77 25.58 -29.81
N LEU E 425 -10.61 26.24 -29.77
CA LEU E 425 -10.19 27.02 -28.61
C LEU E 425 -9.96 28.46 -29.04
N LEU E 426 -10.89 29.34 -28.68
CA LEU E 426 -10.93 30.73 -29.13
C LEU E 426 -10.68 31.66 -27.95
N THR E 427 -9.73 32.59 -28.09
CA THR E 427 -9.57 33.66 -27.12
C THR E 427 -9.86 35.01 -27.75
N ARG E 428 -10.99 35.59 -27.35
CA ARG E 428 -11.33 36.97 -27.65
C ARG E 428 -10.25 37.92 -27.11
N ASP E 429 -10.06 39.03 -27.80
CA ASP E 429 -8.99 39.97 -27.45
C ASP E 429 -9.53 41.21 -26.73
N GLY E 430 -8.60 42.08 -26.34
CA GLY E 430 -8.95 43.37 -25.79
C GLY E 430 -8.57 44.52 -26.71
N GLY E 431 -9.56 45.14 -27.34
CA GLY E 431 -9.31 46.23 -28.27
C GLY E 431 -8.90 47.53 -27.61
N ASN E 437 -16.89 48.89 -33.53
CA ASN E 437 -18.05 48.11 -33.08
C ASN E 437 -17.96 46.69 -33.61
N ASN E 438 -16.75 46.13 -33.52
CA ASN E 438 -16.46 44.77 -33.92
C ASN E 438 -15.93 43.97 -32.74
N GLU E 439 -15.74 42.68 -32.98
CA GLU E 439 -15.26 41.76 -31.96
C GLU E 439 -14.48 40.67 -32.68
N THR E 440 -13.62 39.98 -31.93
CA THR E 440 -12.61 39.10 -32.49
C THR E 440 -12.55 37.79 -31.72
N PHE E 441 -12.31 36.68 -32.42
CA PHE E 441 -11.89 35.43 -31.78
C PHE E 441 -10.56 34.98 -32.35
N ARG E 442 -9.48 35.57 -31.85
CA ARG E 442 -8.13 35.12 -32.14
C ARG E 442 -7.96 33.72 -31.59
N PRO E 443 -7.60 32.74 -32.38
CA PRO E 443 -7.52 31.39 -31.85
C PRO E 443 -6.19 31.15 -31.16
N GLY E 444 -6.21 31.13 -29.83
CA GLY E 444 -5.08 30.70 -29.05
C GLY E 444 -5.52 29.66 -28.04
N GLY E 445 -4.55 29.00 -27.44
CA GLY E 445 -4.89 27.97 -26.47
C GLY E 445 -5.03 28.55 -25.09
N GLY E 446 -4.21 28.07 -24.16
CA GLY E 446 -4.26 28.51 -22.79
C GLY E 446 -3.59 27.44 -21.96
N ASN E 447 -4.22 27.07 -20.86
CA ASN E 447 -3.72 25.95 -20.07
C ASN E 447 -3.95 24.64 -20.83
N ILE E 448 -3.23 23.60 -20.43
CA ILE E 448 -3.28 22.36 -21.18
C ILE E 448 -4.44 21.48 -20.74
N LYS E 449 -4.82 21.56 -19.45
CA LYS E 449 -5.95 20.81 -18.92
C LYS E 449 -7.26 21.19 -19.57
N ASP E 450 -7.32 22.37 -20.17
CA ASP E 450 -8.36 22.84 -21.06
C ASP E 450 -8.78 21.79 -22.09
N ASN E 451 -7.77 21.11 -22.63
CA ASN E 451 -7.97 20.08 -23.64
C ASN E 451 -8.89 18.96 -23.18
N TRP E 452 -8.99 18.73 -21.87
CA TRP E 452 -9.91 17.71 -21.40
C TRP E 452 -11.19 18.27 -20.84
N ARG E 453 -11.30 19.59 -20.69
CA ARG E 453 -12.52 20.10 -20.06
C ARG E 453 -13.73 20.02 -20.96
N ASN E 454 -13.54 19.71 -22.23
CA ASN E 454 -14.64 19.40 -23.11
C ASN E 454 -15.21 18.02 -22.87
N GLU E 455 -14.48 17.15 -22.19
CA GLU E 455 -14.94 15.80 -21.98
C GLU E 455 -15.19 15.48 -20.52
N LEU E 456 -14.91 16.41 -19.62
CA LEU E 456 -15.20 16.21 -18.22
C LEU E 456 -16.12 17.29 -17.68
N TYR E 457 -16.87 17.96 -18.56
CA TYR E 457 -17.88 18.88 -18.07
C TYR E 457 -19.00 18.14 -17.38
N LYS E 458 -19.32 16.94 -17.87
CA LYS E 458 -20.53 16.30 -17.41
C LYS E 458 -20.36 15.68 -16.04
N TYR E 459 -19.13 15.52 -15.56
CA TYR E 459 -18.87 14.66 -14.42
C TYR E 459 -18.50 15.44 -13.18
N LYS E 460 -18.59 14.76 -12.03
CA LYS E 460 -18.40 15.39 -10.72
C LYS E 460 -18.17 14.29 -9.71
N VAL E 461 -16.99 14.24 -9.09
CA VAL E 461 -16.75 13.22 -8.07
C VAL E 461 -17.52 13.61 -6.82
N VAL E 462 -18.20 12.66 -6.22
CA VAL E 462 -19.09 12.96 -5.12
C VAL E 462 -18.92 11.90 -4.04
N GLN E 463 -18.90 12.35 -2.79
CA GLN E 463 -18.69 11.47 -1.65
C GLN E 463 -20.02 11.06 -1.10
N ILE E 464 -20.13 9.80 -0.70
CA ILE E 464 -21.35 9.30 -0.08
C ILE E 464 -21.13 9.18 1.41
N GLU E 465 -21.94 9.88 2.19
CA GLU E 465 -22.04 9.64 3.62
C GLU E 465 -23.29 8.84 3.88
N PRO E 466 -23.18 7.53 4.08
CA PRO E 466 -24.35 6.65 3.98
C PRO E 466 -25.07 6.43 5.29
N LEU E 467 -24.75 7.15 6.33
CA LEU E 467 -25.21 6.77 7.66
C LEU E 467 -26.12 7.90 8.10
N GLY E 468 -27.39 7.77 7.79
CA GLY E 468 -28.34 8.81 8.04
C GLY E 468 -29.12 8.48 9.29
N ILE E 469 -29.57 9.50 9.99
CA ILE E 469 -30.22 9.32 11.27
C ILE E 469 -31.61 9.93 11.18
N ALA E 470 -32.59 9.10 10.93
CA ALA E 470 -33.93 9.59 10.68
C ALA E 470 -34.87 9.17 11.78
N PRO E 471 -35.86 9.97 12.12
CA PRO E 471 -36.78 9.56 13.18
C PRO E 471 -38.00 8.81 12.71
N THR E 472 -38.26 7.67 13.36
CA THR E 472 -39.50 6.91 13.28
C THR E 472 -39.68 6.16 14.59
N LYS E 473 -40.64 5.24 14.64
CA LYS E 473 -41.20 4.72 15.89
C LYS E 473 -40.86 3.23 16.03
N CYS E 474 -39.84 2.92 16.83
CA CYS E 474 -39.38 1.54 16.93
C CYS E 474 -39.35 0.93 18.34
N LYS E 475 -38.56 1.50 19.26
CA LYS E 475 -38.09 0.82 20.49
C LYS E 475 -37.53 -0.58 20.22
N ARG E 476 -36.35 -0.61 19.64
CA ARG E 476 -35.60 -1.87 19.59
C ARG E 476 -34.18 -1.63 20.07
N ARG E 477 -33.36 -2.67 19.96
CA ARG E 477 -31.90 -2.72 20.17
C ARG E 477 -31.31 -1.92 21.33
N GLY F 3 -24.22 -2.43 1.37
CA GLY F 3 -23.32 -1.62 0.57
C GLY F 3 -22.86 -2.24 -0.74
N LEU F 4 -22.87 -1.45 -1.82
CA LEU F 4 -22.94 -1.95 -3.20
C LEU F 4 -21.61 -2.00 -3.95
N GLY F 5 -20.53 -1.35 -3.50
CA GLY F 5 -19.22 -1.30 -4.21
C GLY F 5 -18.24 -2.48 -4.32
N ALA F 6 -17.16 -2.41 -5.16
CA ALA F 6 -16.21 -3.54 -5.33
C ALA F 6 -15.70 -3.83 -3.95
N MET F 7 -15.08 -2.87 -3.27
CA MET F 7 -15.22 -3.07 -1.85
C MET F 7 -16.53 -2.42 -1.47
N ILE F 8 -17.18 -2.96 -0.46
CA ILE F 8 -18.61 -2.78 -0.35
C ILE F 8 -19.05 -1.52 0.38
N PHE F 9 -19.81 -0.68 -0.30
CA PHE F 9 -20.25 0.59 0.23
C PHE F 9 -21.47 1.05 -0.55
N GLY F 10 -22.40 1.74 0.12
CA GLY F 10 -23.72 1.92 -0.43
C GLY F 10 -23.74 2.80 -1.66
N PHE F 11 -24.70 2.49 -2.53
CA PHE F 11 -24.92 3.18 -3.79
C PHE F 11 -26.17 4.02 -3.60
N LEU F 12 -26.27 5.12 -4.35
CA LEU F 12 -27.37 6.05 -4.17
C LEU F 12 -28.56 5.57 -4.99
N GLY F 13 -29.31 4.66 -4.36
CA GLY F 13 -30.53 4.23 -4.98
C GLY F 13 -31.60 5.28 -4.83
N ALA F 14 -31.95 5.95 -5.93
CA ALA F 14 -33.13 6.79 -6.06
C ALA F 14 -33.12 7.95 -5.07
N ALA F 15 -32.15 8.83 -5.26
CA ALA F 15 -31.97 9.94 -4.34
C ALA F 15 -33.11 10.93 -4.42
N GLY F 16 -33.58 11.21 -5.63
CA GLY F 16 -34.68 12.14 -5.78
C GLY F 16 -36.01 11.61 -5.32
N SER F 17 -36.11 10.32 -5.03
CA SER F 17 -37.36 9.78 -4.53
C SER F 17 -37.58 10.22 -3.10
N THR F 18 -38.78 10.71 -2.84
CA THR F 18 -39.22 11.03 -1.49
C THR F 18 -39.28 9.78 -0.63
N MET F 19 -39.05 9.96 0.68
CA MET F 19 -38.96 8.97 1.75
C MET F 19 -39.75 7.67 1.66
N GLY F 20 -41.04 7.77 1.34
CA GLY F 20 -41.91 6.61 1.41
C GLY F 20 -41.61 5.57 0.35
N ALA F 21 -41.08 6.00 -0.79
CA ALA F 21 -40.61 5.07 -1.80
C ALA F 21 -39.14 4.74 -1.62
N ALA F 22 -38.38 5.68 -1.06
CA ALA F 22 -36.93 5.53 -1.01
C ALA F 22 -36.50 4.48 0.01
N SER F 23 -37.31 4.21 1.03
CA SER F 23 -37.00 3.13 1.95
C SER F 23 -37.20 1.77 1.30
N ILE F 24 -38.28 1.65 0.51
CA ILE F 24 -38.50 0.46 -0.30
C ILE F 24 -37.35 0.27 -1.28
N THR F 25 -36.87 1.35 -1.87
CA THR F 25 -35.77 1.19 -2.81
C THR F 25 -34.43 1.01 -2.14
N LEU F 26 -34.36 1.35 -0.85
CA LEU F 26 -33.17 1.07 0.01
C LEU F 26 -33.09 -0.46 0.20
N THR F 27 -34.24 -1.10 0.43
CA THR F 27 -34.32 -2.55 0.57
C THR F 27 -34.02 -3.26 -0.76
N VAL F 28 -34.55 -2.74 -1.86
CA VAL F 28 -34.25 -3.34 -3.17
C VAL F 28 -32.82 -3.04 -3.60
N GLN F 29 -32.27 -1.91 -3.14
CA GLN F 29 -30.83 -1.64 -3.21
C GLN F 29 -30.03 -2.78 -2.63
N ALA F 30 -30.38 -3.19 -1.40
CA ALA F 30 -29.72 -4.30 -0.73
C ALA F 30 -29.79 -5.59 -1.56
N ARG F 31 -31.00 -5.91 -2.03
CA ARG F 31 -31.26 -7.16 -2.76
C ARG F 31 -30.42 -7.26 -4.01
N GLN F 32 -30.40 -6.21 -4.82
CA GLN F 32 -29.59 -6.35 -6.02
C GLN F 32 -28.10 -6.16 -5.75
N LEU F 33 -27.78 -5.33 -4.75
CA LEU F 33 -26.39 -4.91 -4.44
C LEU F 33 -25.46 -6.07 -4.07
N LEU F 34 -25.92 -7.07 -3.33
CA LEU F 34 -24.96 -8.09 -2.91
C LEU F 34 -24.77 -9.19 -3.95
N SER F 35 -25.67 -9.30 -4.91
CA SER F 35 -25.37 -10.18 -6.04
C SER F 35 -24.60 -9.45 -7.14
N GLY F 36 -24.74 -8.12 -7.21
CA GLY F 36 -23.86 -7.35 -8.07
C GLY F 36 -22.42 -7.34 -7.59
N ILE F 37 -22.21 -7.59 -6.31
CA ILE F 37 -20.89 -7.67 -5.74
C ILE F 37 -20.21 -8.98 -6.12
N GLY F 61 0.17 3.18 -9.70
CA GLY F 61 -0.55 2.04 -9.18
C GLY F 61 -0.84 2.16 -7.69
N ILE F 62 -0.15 3.10 -7.05
CA ILE F 62 -0.36 3.34 -5.64
C ILE F 62 -1.66 4.08 -5.39
N LYS F 63 -2.24 4.69 -6.43
CA LYS F 63 -3.51 5.40 -6.29
C LYS F 63 -4.64 4.44 -5.96
N GLN F 64 -4.70 3.30 -6.67
CA GLN F 64 -5.74 2.31 -6.41
C GLN F 64 -5.62 1.72 -5.01
N LEU F 65 -4.40 1.35 -4.62
CA LEU F 65 -4.18 0.77 -3.30
C LEU F 65 -4.49 1.76 -2.19
N GLN F 66 -4.00 3.00 -2.33
CA GLN F 66 -4.26 4.05 -1.34
C GLN F 66 -5.74 4.35 -1.20
N ALA F 67 -6.44 4.41 -2.33
CA ALA F 67 -7.86 4.73 -2.31
C ALA F 67 -8.66 3.63 -1.67
N ARG F 68 -8.37 2.37 -1.99
CA ARG F 68 -9.20 1.34 -1.40
C ARG F 68 -8.79 1.01 0.03
N VAL F 69 -7.58 1.35 0.45
CA VAL F 69 -7.27 1.21 1.87
C VAL F 69 -8.04 2.23 2.69
N LEU F 70 -8.09 3.47 2.23
CA LEU F 70 -8.93 4.40 2.99
C LEU F 70 -10.42 4.12 2.78
N ALA F 71 -10.79 3.40 1.73
CA ALA F 71 -12.15 2.88 1.63
C ALA F 71 -12.43 1.84 2.70
N VAL F 72 -11.48 0.91 2.92
CA VAL F 72 -11.57 -0.02 4.06
C VAL F 72 -11.71 0.74 5.36
N GLU F 73 -10.88 1.77 5.54
CA GLU F 73 -10.84 2.48 6.80
C GLU F 73 -12.14 3.20 7.07
N ARG F 74 -12.70 3.88 6.06
CA ARG F 74 -13.95 4.57 6.28
C ARG F 74 -15.12 3.60 6.37
N TYR F 75 -15.01 2.45 5.72
CA TYR F 75 -16.05 1.45 5.88
C TYR F 75 -16.08 0.88 7.27
N LEU F 76 -14.92 0.49 7.80
CA LEU F 76 -14.88 -0.07 9.14
C LEU F 76 -15.25 0.96 10.17
N GLN F 77 -15.00 2.24 9.88
CA GLN F 77 -15.52 3.32 10.69
C GLN F 77 -17.04 3.31 10.73
N ASP F 78 -17.68 3.26 9.57
CA ASP F 78 -19.15 3.36 9.63
C ASP F 78 -19.80 2.07 10.11
N GLN F 79 -19.16 0.93 9.90
CA GLN F 79 -19.67 -0.23 10.61
C GLN F 79 -19.31 -0.23 12.09
N LYS F 80 -18.32 0.54 12.55
CA LYS F 80 -18.23 0.56 13.99
C LYS F 80 -19.29 1.48 14.57
N PHE F 81 -19.78 2.45 13.77
CA PHE F 81 -20.91 3.22 14.25
C PHE F 81 -22.15 2.36 14.32
N LEU F 82 -22.31 1.46 13.36
CA LEU F 82 -23.37 0.48 13.55
C LEU F 82 -23.00 -0.59 14.55
N GLY F 83 -21.76 -0.64 15.01
CA GLY F 83 -21.40 -1.64 15.98
C GLY F 83 -21.69 -1.18 17.37
N LEU F 84 -21.43 0.10 17.61
CA LEU F 84 -21.51 0.66 18.95
C LEU F 84 -22.88 1.21 19.26
N TRP F 85 -23.84 0.96 18.39
CA TRP F 85 -25.24 1.26 18.67
C TRP F 85 -26.06 -0.02 18.70
N GLY F 86 -25.42 -1.16 18.88
CA GLY F 86 -26.10 -2.44 18.87
C GLY F 86 -26.65 -2.87 17.53
N CYS F 87 -26.35 -2.13 16.46
CA CYS F 87 -26.95 -2.38 15.17
C CYS F 87 -26.19 -3.41 14.36
N SER F 88 -24.97 -3.74 14.78
CA SER F 88 -24.23 -4.93 14.35
C SER F 88 -23.93 -4.96 12.86
N GLY F 89 -23.97 -3.81 12.19
CA GLY F 89 -23.75 -3.81 10.76
C GLY F 89 -24.90 -4.37 9.97
N LYS F 90 -26.07 -3.73 10.15
CA LYS F 90 -27.35 -4.05 9.47
C LYS F 90 -28.15 -2.75 9.28
N ILE F 91 -28.97 -2.68 8.22
CA ILE F 91 -29.81 -1.47 7.90
C ILE F 91 -31.12 -1.50 8.69
N ILE F 92 -31.80 -0.35 8.76
CA ILE F 92 -33.13 -0.22 9.46
C ILE F 92 -32.99 -0.72 10.90
N CYS F 93 -31.98 -0.24 11.62
CA CYS F 93 -31.71 -0.70 12.98
C CYS F 93 -32.28 0.31 13.94
N CYS F 94 -33.37 -0.07 14.59
CA CYS F 94 -34.04 0.85 15.48
C CYS F 94 -33.47 0.80 16.88
N THR F 95 -33.16 1.94 17.47
CA THR F 95 -32.70 2.01 18.84
C THR F 95 -33.55 2.96 19.65
N ALA F 96 -33.32 2.96 20.96
CA ALA F 96 -34.20 3.61 21.93
C ALA F 96 -33.57 4.93 22.36
N VAL F 97 -33.90 5.99 21.62
CA VAL F 97 -33.53 7.36 22.00
C VAL F 97 -34.76 8.23 21.88
N PRO F 98 -35.11 9.03 22.87
CA PRO F 98 -36.04 10.13 22.64
C PRO F 98 -35.50 11.17 21.65
N TRP F 99 -36.09 11.23 20.46
CA TRP F 99 -35.69 12.19 19.43
C TRP F 99 -36.26 13.55 19.78
N ASN F 100 -35.41 14.46 20.22
CA ASN F 100 -35.85 15.73 20.78
C ASN F 100 -36.47 16.61 19.71
N SER F 101 -37.51 17.34 20.12
CA SER F 101 -38.14 18.33 19.26
C SER F 101 -37.26 19.54 19.03
N SER F 102 -36.18 19.70 19.80
CA SER F 102 -35.19 20.72 19.49
C SER F 102 -34.30 20.30 18.32
N TRP F 103 -34.10 19.00 18.12
CA TRP F 103 -33.40 18.53 16.93
C TRP F 103 -34.25 18.72 15.70
N SER F 104 -35.56 18.53 15.87
CA SER F 104 -36.57 18.77 14.85
C SER F 104 -37.95 18.72 15.47
N ASN F 105 -38.74 19.78 15.31
CA ASN F 105 -40.13 19.72 15.75
C ASN F 105 -41.03 19.11 14.70
N LYS F 106 -40.46 18.59 13.64
CA LYS F 106 -41.28 18.24 12.47
C LYS F 106 -42.02 16.94 12.70
N THR F 107 -43.20 16.87 12.12
CA THR F 107 -44.06 15.71 12.18
C THR F 107 -43.48 14.63 11.26
N PHE F 108 -43.94 13.40 11.42
CA PHE F 108 -43.41 12.30 10.63
C PHE F 108 -43.77 12.47 9.17
N GLU F 109 -45.06 12.40 8.84
CA GLU F 109 -45.50 12.41 7.45
C GLU F 109 -45.19 13.74 6.77
N GLU F 110 -45.04 14.81 7.56
CA GLU F 110 -44.47 16.08 7.13
C GLU F 110 -43.14 15.91 6.41
N ILE F 111 -42.17 15.30 7.07
CA ILE F 111 -40.91 15.06 6.37
C ILE F 111 -40.93 13.78 5.58
N TRP F 112 -41.68 12.78 6.00
CA TRP F 112 -41.60 11.53 5.28
C TRP F 112 -42.50 11.46 4.06
N ASN F 113 -43.13 12.57 3.66
CA ASN F 113 -43.77 12.62 2.34
C ASN F 113 -43.61 13.96 1.65
N ASN F 114 -42.66 14.80 2.03
CA ASN F 114 -42.54 16.13 1.44
C ASN F 114 -41.08 16.55 1.36
N MET F 115 -40.18 15.60 1.12
CA MET F 115 -38.75 15.83 1.34
C MET F 115 -38.00 14.65 0.71
N THR F 116 -36.69 14.84 0.49
CA THR F 116 -35.76 13.75 0.23
C THR F 116 -34.66 13.78 1.27
N TRP F 117 -33.73 12.83 1.16
CA TRP F 117 -32.86 12.56 2.28
C TRP F 117 -31.70 13.53 2.40
N ILE F 118 -31.21 14.06 1.29
CA ILE F 118 -30.04 14.94 1.36
C ILE F 118 -30.40 16.26 2.03
N GLU F 119 -31.56 16.82 1.71
CA GLU F 119 -31.90 18.08 2.38
C GLU F 119 -32.28 17.86 3.83
N TRP F 120 -32.68 16.65 4.22
CA TRP F 120 -32.84 16.45 5.64
C TRP F 120 -31.52 16.27 6.34
N GLU F 121 -30.51 15.74 5.67
CA GLU F 121 -29.21 15.72 6.33
C GLU F 121 -28.58 17.10 6.37
N ARG F 122 -28.94 17.97 5.44
CA ARG F 122 -28.53 19.36 5.55
C ARG F 122 -29.21 20.03 6.72
N GLU F 123 -30.48 19.67 6.98
CA GLU F 123 -31.21 20.24 8.11
C GLU F 123 -30.54 19.95 9.45
N ILE F 124 -30.11 18.72 9.65
CA ILE F 124 -29.68 18.31 10.97
C ILE F 124 -28.17 18.08 11.04
N SER F 125 -27.41 18.67 10.13
CA SER F 125 -25.95 18.52 10.21
C SER F 125 -25.34 19.29 11.37
N ASN F 126 -26.10 20.14 12.05
CA ASN F 126 -25.67 20.74 13.31
C ASN F 126 -26.01 19.90 14.50
N TYR F 127 -26.35 18.64 14.31
CA TYR F 127 -26.65 17.83 15.46
C TYR F 127 -26.00 16.47 15.45
N THR F 128 -25.35 16.06 14.35
CA THR F 128 -24.98 14.67 14.13
C THR F 128 -23.99 14.15 15.16
N SER F 129 -23.07 15.00 15.60
CA SER F 129 -22.18 14.61 16.68
C SER F 129 -22.94 14.43 17.98
N GLN F 130 -23.92 15.30 18.24
CA GLN F 130 -24.75 15.13 19.42
C GLN F 130 -25.64 13.90 19.31
N ILE F 131 -26.08 13.55 18.10
CA ILE F 131 -26.90 12.35 17.96
C ILE F 131 -26.06 11.11 18.18
N TYR F 132 -24.81 11.13 17.71
CA TYR F 132 -23.94 9.96 17.92
C TYR F 132 -23.60 9.82 19.39
N ASP F 133 -23.43 10.96 20.06
CA ASP F 133 -23.31 11.04 21.51
C ASP F 133 -24.49 10.37 22.22
N ILE F 134 -25.71 10.76 21.85
CA ILE F 134 -26.87 10.29 22.60
C ILE F 134 -27.17 8.84 22.30
N LEU F 135 -26.94 8.38 21.07
CA LEU F 135 -27.14 6.96 20.80
C LEU F 135 -26.09 6.10 21.49
N THR F 136 -24.91 6.65 21.74
CA THR F 136 -23.93 5.85 22.44
C THR F 136 -24.24 5.74 23.92
N ILE F 137 -24.73 6.82 24.56
CA ILE F 137 -25.16 6.63 25.95
C ILE F 137 -26.36 5.71 26.02
N SER F 138 -27.24 5.74 25.02
CA SER F 138 -28.37 4.83 25.06
C SER F 138 -27.96 3.38 24.84
N GLN F 139 -26.96 3.11 24.00
CA GLN F 139 -26.57 1.71 23.82
C GLN F 139 -25.83 1.18 25.02
N THR F 140 -24.92 1.98 25.60
CA THR F 140 -24.24 1.48 26.78
C THR F 140 -25.19 1.40 27.96
N GLN F 141 -26.24 2.24 27.97
CA GLN F 141 -27.23 2.15 29.03
C GLN F 141 -28.09 0.91 28.86
N GLN F 142 -28.44 0.58 27.62
CA GLN F 142 -29.25 -0.61 27.37
C GLN F 142 -28.49 -1.88 27.71
N GLU F 143 -27.21 -1.95 27.34
CA GLU F 143 -26.52 -3.19 27.66
C GLU F 143 -26.14 -3.26 29.12
N LYS F 144 -25.92 -2.13 29.79
CA LYS F 144 -25.66 -2.21 31.21
C LYS F 144 -26.93 -2.54 31.99
N ASN F 145 -28.11 -2.14 31.48
CA ASN F 145 -29.33 -2.53 32.17
C ASN F 145 -29.69 -3.99 31.96
N GLU F 146 -29.42 -4.56 30.77
CA GLU F 146 -29.63 -6.00 30.72
C GLU F 146 -28.47 -6.76 31.35
N LYS F 147 -27.33 -6.10 31.52
CA LYS F 147 -26.25 -6.63 32.35
C LYS F 147 -26.69 -6.75 33.80
N ASP F 148 -27.52 -5.81 34.27
CA ASP F 148 -28.15 -6.01 35.57
C ASP F 148 -29.18 -7.14 35.51
N LEU F 149 -30.20 -6.98 34.67
CA LEU F 149 -31.27 -7.97 34.55
C LEU F 149 -30.80 -9.28 33.91
N GLN G 1 -12.55 39.62 -5.77
CA GLN G 1 -13.66 38.88 -5.19
C GLN G 1 -14.99 39.37 -5.76
N ILE G 2 -16.09 38.90 -5.16
CA ILE G 2 -17.42 39.30 -5.60
C ILE G 2 -17.65 40.76 -5.22
N HIS G 3 -18.27 41.50 -6.14
CA HIS G 3 -18.73 42.85 -5.84
C HIS G 3 -20.02 43.09 -6.62
N LEU G 4 -20.86 43.96 -6.08
CA LEU G 4 -22.15 44.26 -6.67
C LEU G 4 -22.30 45.76 -6.83
N VAL G 5 -22.81 46.18 -7.99
CA VAL G 5 -23.29 47.54 -8.16
C VAL G 5 -24.64 47.45 -8.86
N GLN G 6 -25.31 48.60 -8.97
CA GLN G 6 -26.57 48.66 -9.69
C GLN G 6 -26.74 50.06 -10.25
N SER G 7 -27.97 50.39 -10.66
CA SER G 7 -28.29 51.73 -11.13
C SER G 7 -28.20 52.76 -10.00
N GLY G 8 -28.29 54.03 -10.38
CA GLY G 8 -28.20 55.11 -9.42
C GLY G 8 -29.49 55.32 -8.66
N THR G 9 -29.69 56.55 -8.19
CA THR G 9 -30.88 56.92 -7.45
C THR G 9 -31.86 57.62 -8.39
N GLU G 10 -33.04 57.05 -8.54
CA GLU G 10 -34.04 57.56 -9.48
C GLU G 10 -35.29 58.00 -8.72
N VAL G 11 -35.75 59.22 -9.00
CA VAL G 11 -37.00 59.74 -8.48
C VAL G 11 -37.95 59.93 -9.65
N LYS G 12 -39.15 59.37 -9.53
CA LYS G 12 -40.11 59.40 -10.64
C LYS G 12 -41.48 59.86 -10.20
N LYS G 13 -42.41 59.78 -11.08
CA LYS G 13 -43.78 60.22 -10.91
C LYS G 13 -44.64 59.09 -10.35
N PRO G 14 -45.68 59.43 -9.60
CA PRO G 14 -46.67 58.41 -9.22
C PRO G 14 -47.38 57.87 -10.45
N GLY G 15 -47.51 56.56 -10.51
CA GLY G 15 -48.06 55.90 -11.67
C GLY G 15 -47.08 55.69 -12.79
N SER G 16 -45.79 55.83 -12.54
CA SER G 16 -44.79 55.52 -13.54
C SER G 16 -44.37 54.06 -13.40
N SER G 17 -43.32 53.67 -14.11
CA SER G 17 -42.69 52.37 -13.93
C SER G 17 -41.19 52.61 -13.78
N VAL G 18 -40.55 51.76 -13.00
CA VAL G 18 -39.13 51.90 -12.73
C VAL G 18 -38.44 50.57 -13.00
N THR G 19 -37.18 50.65 -13.44
CA THR G 19 -36.29 49.51 -13.54
C THR G 19 -34.99 49.83 -12.85
N VAL G 20 -34.48 48.86 -12.09
CA VAL G 20 -33.23 48.97 -11.36
C VAL G 20 -32.34 47.83 -11.81
N SER G 21 -31.11 48.17 -12.20
CA SER G 21 -30.15 47.19 -12.69
C SER G 21 -29.55 46.39 -11.55
N CYS G 22 -28.69 45.43 -11.90
CA CYS G 22 -27.87 44.72 -10.93
C CYS G 22 -26.69 44.14 -11.69
N LYS G 23 -25.53 44.80 -11.59
CA LYS G 23 -24.31 44.36 -12.23
C LYS G 23 -23.44 43.65 -11.20
N ALA G 24 -23.13 42.38 -11.46
CA ALA G 24 -22.47 41.53 -10.50
C ALA G 24 -21.05 41.27 -10.95
N TYR G 25 -20.14 42.15 -10.55
CA TYR G 25 -18.74 42.02 -10.95
C TYR G 25 -18.10 40.99 -10.05
N GLY G 26 -18.15 39.74 -10.50
CA GLY G 26 -17.57 38.65 -9.75
C GLY G 26 -18.38 37.38 -9.82
N VAL G 27 -19.64 37.49 -10.22
CA VAL G 27 -20.49 36.31 -10.37
C VAL G 27 -20.06 35.56 -11.62
N ASN G 28 -19.68 34.29 -11.45
CA ASN G 28 -19.30 33.49 -12.61
C ASN G 28 -20.50 33.18 -13.49
N THR G 29 -21.68 33.07 -12.90
CA THR G 29 -22.95 33.02 -13.62
C THR G 29 -24.05 33.36 -12.64
N PHE G 30 -25.28 33.40 -13.16
CA PHE G 30 -26.47 33.35 -12.30
C PHE G 30 -27.16 32.02 -12.43
N GLY G 31 -26.54 31.06 -13.09
CA GLY G 31 -27.01 29.70 -13.02
C GLY G 31 -26.79 29.18 -11.61
N LEU G 32 -25.54 29.15 -11.18
CA LEU G 32 -25.28 28.61 -9.85
C LEU G 32 -25.44 29.68 -8.77
N TYR G 33 -25.00 30.92 -8.99
CA TYR G 33 -25.39 31.95 -8.03
C TYR G 33 -26.87 32.28 -8.17
N ALA G 34 -27.42 32.88 -7.12
CA ALA G 34 -28.81 33.33 -7.18
C ALA G 34 -28.89 34.76 -6.66
N VAL G 35 -29.80 35.56 -7.20
CA VAL G 35 -29.85 36.93 -6.68
C VAL G 35 -31.21 37.19 -6.07
N ASN G 36 -31.23 38.21 -5.22
CA ASN G 36 -32.36 38.51 -4.36
C ASN G 36 -32.60 40.01 -4.35
N TRP G 37 -33.87 40.39 -4.47
CA TRP G 37 -34.32 41.77 -4.54
C TRP G 37 -35.06 42.10 -3.26
N VAL G 38 -34.56 43.09 -2.54
CA VAL G 38 -34.99 43.41 -1.18
C VAL G 38 -35.23 44.90 -1.08
N ARG G 39 -36.44 45.31 -0.66
CA ARG G 39 -36.70 46.73 -0.44
C ARG G 39 -36.32 47.14 0.98
N GLN G 40 -36.33 48.46 1.22
CA GLN G 40 -36.18 49.00 2.56
C GLN G 40 -36.86 50.35 2.60
N ALA G 41 -37.97 50.44 3.33
CA ALA G 41 -38.68 51.69 3.51
C ALA G 41 -37.82 52.66 4.33
N PRO G 42 -38.05 53.99 4.22
CA PRO G 42 -37.20 54.96 4.94
C PRO G 42 -37.32 54.86 6.44
N GLY G 43 -36.26 54.37 7.08
CA GLY G 43 -36.23 54.11 8.50
C GLY G 43 -36.74 52.74 8.87
N GLN G 44 -37.83 52.31 8.24
CA GLN G 44 -38.43 51.01 8.51
C GLN G 44 -37.49 49.90 8.03
N SER G 45 -37.63 48.72 8.65
CA SER G 45 -36.74 47.60 8.39
C SER G 45 -36.91 47.08 6.96
N LEU G 46 -35.88 46.33 6.52
CA LEU G 46 -35.81 45.79 5.14
C LEU G 46 -36.92 44.75 4.90
N GLU G 47 -37.51 44.76 3.71
CA GLU G 47 -38.58 43.80 3.34
C GLU G 47 -38.19 43.11 2.03
N TYR G 48 -38.27 41.77 2.00
CA TYR G 48 -37.97 40.98 0.82
C TYR G 48 -38.98 41.24 -0.30
N ILE G 49 -38.52 41.14 -1.54
CA ILE G 49 -39.43 41.24 -2.69
C ILE G 49 -39.38 39.98 -3.52
N GLY G 50 -38.22 39.69 -4.12
CA GLY G 50 -38.20 38.62 -5.09
C GLY G 50 -36.81 38.06 -5.27
N GLN G 51 -36.69 37.14 -6.24
CA GLN G 51 -35.41 36.48 -6.48
C GLN G 51 -35.40 35.83 -7.84
N ILE G 52 -34.18 35.59 -8.33
CA ILE G 52 -33.93 34.62 -9.37
C ILE G 52 -33.01 33.56 -8.80
N TRP G 53 -33.29 32.29 -9.15
CA TRP G 53 -32.62 31.15 -8.55
C TRP G 53 -32.73 29.99 -9.53
N ARG G 54 -31.63 29.72 -10.24
CA ARG G 54 -31.55 28.74 -11.33
C ARG G 54 -32.65 28.98 -12.36
N TRP G 55 -32.86 30.27 -12.67
CA TRP G 55 -33.78 30.75 -13.70
C TRP G 55 -35.22 30.33 -13.42
N LYS G 56 -35.65 30.53 -12.17
CA LYS G 56 -37.05 30.50 -11.77
C LYS G 56 -37.32 31.87 -11.17
N SER G 57 -37.95 32.75 -11.94
CA SER G 57 -38.26 34.08 -11.44
C SER G 57 -39.39 34.00 -10.44
N SER G 58 -39.18 34.57 -9.25
CA SER G 58 -40.24 34.56 -8.26
C SER G 58 -40.28 35.90 -7.55
N ALA G 59 -41.48 36.29 -7.12
CA ALA G 59 -41.66 37.40 -6.20
C ALA G 59 -42.65 36.99 -5.14
N SER G 60 -42.79 37.82 -4.12
CA SER G 60 -43.63 37.49 -2.99
C SER G 60 -45.11 37.61 -3.36
N HIS G 61 -45.96 37.09 -2.47
CA HIS G 61 -47.40 37.27 -2.62
C HIS G 61 -47.81 38.72 -2.40
N HIS G 62 -46.97 39.50 -1.73
CA HIS G 62 -47.15 40.95 -1.69
C HIS G 62 -46.77 41.61 -3.00
N PHE G 63 -46.21 40.88 -3.96
CA PHE G 63 -45.78 41.46 -5.21
C PHE G 63 -46.12 40.63 -6.43
N ARG G 64 -46.98 39.63 -6.32
CA ARG G 64 -47.27 38.74 -7.44
C ARG G 64 -48.14 39.43 -8.48
N GLY G 65 -47.73 39.36 -9.73
CA GLY G 65 -48.53 39.90 -10.81
C GLY G 65 -48.45 41.39 -11.02
N ARG G 66 -47.46 42.06 -10.42
CA ARG G 66 -47.31 43.50 -10.60
C ARG G 66 -45.84 43.83 -10.87
N VAL G 67 -44.95 43.13 -10.18
CA VAL G 67 -43.52 43.42 -10.22
C VAL G 67 -42.84 42.28 -10.98
N LEU G 68 -41.86 42.62 -11.82
CA LEU G 68 -41.22 41.61 -12.62
C LEU G 68 -39.70 41.78 -12.56
N ILE G 69 -38.99 40.65 -12.43
CA ILE G 69 -37.53 40.65 -12.34
C ILE G 69 -36.97 39.86 -13.50
N SER G 70 -35.83 40.30 -14.00
CA SER G 70 -35.13 39.59 -15.05
C SER G 70 -33.66 39.44 -14.68
N ALA G 71 -32.95 38.63 -15.46
CA ALA G 71 -31.52 38.46 -15.30
C ALA G 71 -30.93 37.91 -16.58
N VAL G 72 -29.85 38.52 -17.05
CA VAL G 72 -28.98 37.96 -18.08
C VAL G 72 -27.61 37.81 -17.46
N ASP G 73 -27.05 36.61 -17.57
CA ASP G 73 -25.75 36.38 -16.96
C ASP G 73 -24.60 36.91 -17.82
N LEU G 74 -23.41 36.40 -17.53
CA LEU G 74 -22.15 36.74 -18.14
C LEU G 74 -22.16 36.71 -19.66
N THR G 75 -22.05 37.88 -20.28
CA THR G 75 -21.74 38.05 -21.69
C THR G 75 -20.39 38.72 -21.78
N GLY G 76 -20.03 39.16 -22.98
CA GLY G 76 -18.74 39.79 -23.15
C GLY G 76 -18.57 41.13 -22.50
N SER G 77 -19.28 42.15 -22.98
CA SER G 77 -19.14 43.47 -22.41
C SER G 77 -19.85 43.58 -21.07
N SER G 78 -20.78 42.70 -20.80
CA SER G 78 -21.60 42.86 -19.62
C SER G 78 -21.26 41.81 -18.58
N PRO G 79 -21.18 42.20 -17.31
CA PRO G 79 -21.20 41.23 -16.24
C PRO G 79 -22.60 40.68 -16.08
N PRO G 80 -22.81 39.67 -15.24
CA PRO G 80 -24.19 39.18 -14.99
C PRO G 80 -25.05 40.26 -14.33
N ILE G 81 -26.10 40.65 -15.03
CA ILE G 81 -26.96 41.75 -14.64
C ILE G 81 -28.39 41.26 -14.51
N SER G 82 -28.98 41.49 -13.33
CA SER G 82 -30.40 41.34 -13.10
C SER G 82 -31.09 42.70 -13.12
N SER G 83 -32.41 42.69 -13.05
CA SER G 83 -33.16 43.95 -13.10
C SER G 83 -34.53 43.79 -12.48
N LEU G 84 -34.87 44.70 -11.58
CA LEU G 84 -36.15 44.78 -10.90
C LEU G 84 -37.00 45.86 -11.57
N GLU G 85 -38.22 45.52 -11.94
CA GLU G 85 -39.07 46.49 -12.63
C GLU G 85 -40.42 46.47 -11.94
N ILE G 86 -40.94 47.66 -11.68
CA ILE G 86 -42.20 47.85 -10.98
C ILE G 86 -43.06 48.81 -11.78
N LYS G 87 -44.30 48.40 -12.07
CA LYS G 87 -45.32 49.29 -12.57
C LYS G 87 -46.18 49.74 -11.39
N ASN G 88 -46.78 50.94 -11.53
CA ASN G 88 -47.64 51.56 -10.52
C ASN G 88 -46.92 51.73 -9.18
N LEU G 89 -45.93 52.60 -9.17
CA LEU G 89 -45.23 52.93 -7.94
C LEU G 89 -46.16 53.76 -7.05
N THR G 90 -46.63 53.16 -5.97
CA THR G 90 -47.44 53.90 -5.02
C THR G 90 -46.53 54.68 -4.09
N SER G 91 -47.12 55.39 -3.13
CA SER G 91 -46.33 56.02 -2.08
C SER G 91 -45.69 54.99 -1.18
N ASP G 92 -46.25 53.78 -1.12
CA ASP G 92 -45.66 52.69 -0.37
C ASP G 92 -44.35 52.21 -1.00
N ASP G 93 -44.24 52.32 -2.32
CA ASP G 93 -43.05 51.85 -3.00
C ASP G 93 -41.88 52.81 -2.90
N THR G 94 -42.05 53.93 -2.19
CA THR G 94 -40.94 54.84 -1.88
C THR G 94 -40.00 54.11 -0.93
N ALA G 95 -38.86 53.66 -1.44
CA ALA G 95 -38.03 52.74 -0.67
C ALA G 95 -36.63 52.71 -1.24
N VAL G 96 -35.74 52.04 -0.50
CA VAL G 96 -34.38 51.78 -0.92
C VAL G 96 -34.34 50.35 -1.41
N TYR G 97 -33.85 50.13 -2.62
CA TYR G 97 -33.87 48.79 -3.17
C TYR G 97 -32.47 48.19 -3.19
N PHE G 98 -32.44 46.85 -3.21
CA PHE G 98 -31.21 46.08 -3.01
C PHE G 98 -31.20 44.83 -3.87
N CYS G 99 -30.05 44.57 -4.48
CA CYS G 99 -29.77 43.33 -5.19
C CYS G 99 -28.63 42.63 -4.47
N THR G 100 -28.77 41.31 -4.26
CA THR G 100 -27.70 40.57 -3.59
C THR G 100 -27.58 39.16 -4.13
N THR G 101 -26.36 38.77 -4.46
CA THR G 101 -26.04 37.43 -4.93
C THR G 101 -25.66 36.52 -3.78
N THR G 102 -26.02 35.25 -3.90
CA THR G 102 -25.66 34.21 -2.96
C THR G 102 -25.03 33.05 -3.71
N SER G 103 -24.01 32.45 -3.11
CA SER G 103 -23.34 31.31 -3.70
C SER G 103 -24.12 30.04 -3.40
N THR G 104 -24.52 29.33 -4.44
CA THR G 104 -25.37 28.15 -4.29
C THR G 104 -24.74 26.99 -5.05
N TYR G 105 -23.45 26.78 -4.82
CA TYR G 105 -22.80 25.63 -5.42
C TYR G 105 -22.58 24.51 -4.42
N ASP G 106 -21.81 24.75 -3.37
CA ASP G 106 -21.61 23.72 -2.37
C ASP G 106 -22.84 23.69 -1.49
N ARG G 107 -23.67 22.66 -1.68
CA ARG G 107 -25.03 22.64 -1.19
C ARG G 107 -25.10 22.56 0.32
N TRP G 108 -24.06 22.09 0.98
CA TRP G 108 -24.08 22.01 2.43
C TRP G 108 -23.39 23.17 3.10
N SER G 109 -23.26 24.31 2.42
CA SER G 109 -22.64 25.44 3.10
C SER G 109 -23.61 26.09 4.08
N GLY G 110 -24.89 26.10 3.75
CA GLY G 110 -25.86 26.67 4.63
C GLY G 110 -26.22 28.11 4.34
N LEU G 111 -25.58 28.73 3.35
CA LEU G 111 -26.04 30.02 2.89
C LEU G 111 -27.40 29.95 2.22
N HIS G 112 -27.85 28.77 1.81
CA HIS G 112 -29.11 28.63 1.12
C HIS G 112 -29.86 27.41 1.58
N HIS G 113 -31.17 27.44 1.39
CA HIS G 113 -32.05 26.34 1.75
C HIS G 113 -33.24 26.32 0.81
N ASP G 114 -33.13 25.53 -0.26
CA ASP G 114 -34.24 25.10 -1.11
C ASP G 114 -35.06 26.27 -1.67
N GLY G 115 -34.35 27.31 -2.10
CA GLY G 115 -35.01 28.46 -2.67
C GLY G 115 -34.80 29.74 -1.89
N VAL G 116 -34.87 29.66 -0.58
CA VAL G 116 -34.60 30.82 0.26
C VAL G 116 -33.20 30.69 0.82
N MET G 117 -32.58 31.83 1.12
CA MET G 117 -31.13 31.84 1.26
C MET G 117 -30.67 33.07 2.02
N ALA G 118 -29.48 32.96 2.61
CA ALA G 118 -28.86 34.09 3.30
C ALA G 118 -28.02 34.89 2.31
N PHE G 119 -28.13 36.21 2.39
CA PHE G 119 -27.77 37.09 1.29
C PHE G 119 -26.32 37.51 1.46
N SER G 120 -25.46 37.06 0.57
CA SER G 120 -24.02 37.10 0.84
C SER G 120 -23.43 38.50 0.68
N SER G 121 -23.56 39.11 -0.50
CA SER G 121 -22.80 40.33 -0.82
C SER G 121 -23.71 41.39 -1.45
N TRP G 122 -23.88 42.50 -0.75
CA TRP G 122 -24.87 43.52 -1.08
C TRP G 122 -24.29 44.55 -2.05
N GLY G 123 -25.14 45.49 -2.46
CA GLY G 123 -24.72 46.52 -3.38
C GLY G 123 -24.56 47.90 -2.75
N GLN G 124 -25.45 48.82 -3.09
CA GLN G 124 -25.37 50.21 -2.56
C GLN G 124 -26.74 50.74 -2.14
N GLY G 125 -27.84 50.04 -2.46
CA GLY G 125 -29.16 50.51 -2.10
C GLY G 125 -29.53 51.71 -2.95
N THR G 126 -30.71 51.70 -3.56
CA THR G 126 -31.16 52.79 -4.42
C THR G 126 -32.40 53.44 -3.84
N LEU G 127 -32.30 54.73 -3.52
CA LEU G 127 -33.46 55.52 -3.18
C LEU G 127 -34.40 55.65 -4.37
N ILE G 128 -35.67 55.39 -4.14
CA ILE G 128 -36.73 55.71 -5.08
C ILE G 128 -37.84 56.41 -4.31
N SER G 129 -38.13 57.65 -4.70
CA SER G 129 -39.15 58.47 -4.07
C SER G 129 -40.33 58.66 -5.01
N VAL G 130 -41.52 58.77 -4.43
CA VAL G 130 -42.75 58.93 -5.20
C VAL G 130 -43.50 60.19 -4.77
N ASP H 1 -45.29 33.27 7.18
CA ASP H 1 -46.18 33.27 8.34
C ASP H 1 -45.44 33.60 9.63
N ILE H 2 -44.37 34.37 9.50
CA ILE H 2 -43.52 34.71 10.64
C ILE H 2 -43.51 36.22 10.78
N GLN H 3 -43.69 36.70 12.00
CA GLN H 3 -43.35 38.07 12.35
C GLN H 3 -42.37 37.97 13.51
N MET H 4 -41.09 38.07 13.19
CA MET H 4 -40.02 37.92 14.18
C MET H 4 -40.00 39.12 15.12
N THR H 5 -39.40 38.91 16.28
CA THR H 5 -39.02 40.00 17.16
C THR H 5 -37.59 39.75 17.56
N GLN H 6 -36.92 40.76 18.08
CA GLN H 6 -35.65 40.51 18.73
C GLN H 6 -35.54 41.32 20.01
N SER H 7 -34.65 40.86 20.89
CA SER H 7 -34.28 41.52 22.12
C SER H 7 -32.82 41.96 22.01
N PRO H 8 -32.50 43.24 22.28
CA PRO H 8 -33.39 44.34 22.62
C PRO H 8 -34.05 45.00 21.42
N SER H 9 -34.39 46.27 21.57
CA SER H 9 -34.85 47.10 20.45
C SER H 9 -33.88 48.22 20.13
N THR H 10 -33.22 48.78 21.14
CA THR H 10 -32.21 49.81 20.97
C THR H 10 -31.24 49.67 22.12
N LEU H 11 -29.94 49.56 21.79
CA LEU H 11 -28.94 49.38 22.86
C LEU H 11 -27.66 50.14 22.54
N SER H 12 -26.96 50.56 23.59
CA SER H 12 -25.69 51.26 23.47
C SER H 12 -24.63 50.59 24.33
N ALA H 13 -23.38 50.71 23.90
CA ALA H 13 -22.23 50.30 24.70
C ALA H 13 -21.03 51.11 24.21
N SER H 14 -19.84 50.71 24.66
CA SER H 14 -18.60 51.37 24.30
C SER H 14 -17.60 50.34 23.78
N THR H 15 -16.38 50.80 23.53
CA THR H 15 -15.35 49.94 22.96
C THR H 15 -14.79 49.02 24.03
N GLY H 16 -14.30 47.86 23.57
CA GLY H 16 -13.72 46.88 24.45
C GLY H 16 -14.70 46.11 25.31
N ASP H 17 -15.99 46.23 25.04
CA ASP H 17 -17.03 45.65 25.86
C ASP H 17 -17.48 44.30 25.28
N THR H 18 -18.53 43.73 25.86
CA THR H 18 -19.12 42.47 25.42
C THR H 18 -20.63 42.64 25.38
N VAL H 19 -21.26 42.22 24.29
CA VAL H 19 -22.65 42.59 24.05
C VAL H 19 -23.43 41.46 23.40
N ARG H 20 -24.74 41.45 23.63
CA ARG H 20 -25.63 40.32 23.37
C ARG H 20 -26.90 40.80 22.70
N ILE H 21 -27.28 40.17 21.58
CA ILE H 21 -28.60 40.35 20.98
C ILE H 21 -29.14 38.97 20.69
N SER H 22 -30.43 38.77 20.90
CA SER H 22 -31.08 37.52 20.51
C SER H 22 -32.29 37.87 19.68
N CYS H 23 -32.71 36.95 18.82
CA CYS H 23 -33.93 37.14 18.04
C CYS H 23 -34.81 35.91 18.20
N ARG H 24 -36.11 36.13 18.34
CA ARG H 24 -37.10 35.10 18.57
C ARG H 24 -38.11 35.10 17.44
N ALA H 25 -38.45 33.91 16.95
CA ALA H 25 -39.43 33.75 15.90
C ALA H 25 -40.75 33.24 16.46
N SER H 26 -41.81 33.42 15.68
CA SER H 26 -43.11 32.89 16.05
C SER H 26 -43.11 31.37 16.02
N GLN H 27 -42.54 30.78 14.99
CA GLN H 27 -42.38 29.33 14.95
C GLN H 27 -41.10 28.96 15.68
N SER H 28 -40.73 27.68 15.61
CA SER H 28 -39.45 27.23 16.13
C SER H 28 -38.78 26.45 15.02
N ILE H 29 -37.96 27.15 14.24
CA ILE H 29 -37.19 26.52 13.21
C ILE H 29 -36.12 25.64 13.83
N THR H 30 -35.83 24.52 13.18
CA THR H 30 -34.95 23.53 13.77
C THR H 30 -33.55 23.56 13.21
N GLY H 31 -33.37 23.84 11.93
CA GLY H 31 -32.10 23.62 11.30
C GLY H 31 -31.20 24.82 11.38
N ASN H 32 -31.38 25.62 12.42
CA ASN H 32 -30.60 26.82 12.72
C ASN H 32 -30.60 27.82 11.58
N TRP H 33 -31.64 27.83 10.75
CA TRP H 33 -31.58 28.59 9.52
C TRP H 33 -31.89 30.05 9.82
N VAL H 34 -30.86 30.75 10.29
CA VAL H 34 -30.97 32.18 10.57
C VAL H 34 -29.75 32.88 10.00
N ALA H 35 -29.87 34.19 9.89
CA ALA H 35 -28.80 35.01 9.36
C ALA H 35 -28.93 36.41 9.91
N TRP H 36 -27.83 36.96 10.39
CA TRP H 36 -27.82 38.30 10.95
C TRP H 36 -26.89 39.21 10.17
N TYR H 37 -27.29 40.48 10.16
CA TYR H 37 -26.79 41.53 9.27
C TYR H 37 -26.46 42.77 10.10
N GLN H 38 -25.58 43.63 9.56
CA GLN H 38 -25.42 44.95 10.12
C GLN H 38 -25.24 45.98 9.02
N GLN H 39 -25.56 47.23 9.34
CA GLN H 39 -25.28 48.32 8.43
C GLN H 39 -25.07 49.60 9.22
N ARG H 40 -24.20 50.45 8.70
CA ARG H 40 -24.35 51.85 9.06
C ARG H 40 -25.38 52.49 8.13
N PRO H 41 -26.24 53.35 8.66
CA PRO H 41 -27.38 53.88 7.87
C PRO H 41 -26.88 54.74 6.72
N GLY H 42 -27.28 54.37 5.51
CA GLY H 42 -26.75 54.92 4.28
C GLY H 42 -25.87 53.95 3.53
N LYS H 43 -25.27 52.99 4.22
CA LYS H 43 -24.52 51.95 3.56
C LYS H 43 -25.45 50.78 3.28
N ALA H 44 -24.89 49.66 2.91
CA ALA H 44 -25.60 48.42 2.65
C ALA H 44 -25.45 47.48 3.83
N PRO H 45 -26.31 46.46 3.95
CA PRO H 45 -26.07 45.40 4.93
C PRO H 45 -24.78 44.63 4.64
N ARG H 46 -24.28 43.97 5.68
CA ARG H 46 -23.11 43.07 5.51
C ARG H 46 -23.46 41.73 6.19
N LEU H 47 -23.60 40.65 5.41
CA LEU H 47 -23.86 39.37 6.04
C LEU H 47 -22.73 39.05 6.99
N LEU H 48 -23.03 38.97 8.28
CA LEU H 48 -22.00 38.49 9.18
C LEU H 48 -22.31 37.12 9.74
N ILE H 49 -23.57 36.73 9.91
CA ILE H 49 -23.86 35.41 10.46
C ILE H 49 -24.81 34.68 9.53
N TYR H 50 -24.40 33.51 9.06
CA TYR H 50 -25.29 32.60 8.36
C TYR H 50 -25.34 31.28 9.10
N ARG H 51 -26.55 30.75 9.23
CA ARG H 51 -26.84 29.48 9.89
C ARG H 51 -26.31 29.47 11.32
N GLY H 52 -26.89 30.33 12.13
CA GLY H 52 -26.61 30.29 13.55
C GLY H 52 -25.25 30.79 13.95
N ALA H 53 -24.20 30.05 13.62
CA ALA H 53 -22.89 30.37 14.17
C ALA H 53 -21.77 30.26 13.16
N ALA H 54 -22.06 30.07 11.88
CA ALA H 54 -21.01 30.00 10.88
C ALA H 54 -20.70 31.42 10.45
N LEU H 55 -19.44 31.82 10.60
CA LEU H 55 -19.00 33.14 10.17
C LEU H 55 -18.36 33.05 8.79
N LEU H 56 -18.21 34.19 8.16
CA LEU H 56 -17.65 34.25 6.81
C LEU H 56 -16.13 34.26 6.87
N GLY H 57 -15.51 34.32 5.70
CA GLY H 57 -14.09 34.59 5.66
C GLY H 57 -13.86 36.07 5.44
N GLY H 58 -13.73 36.83 6.52
CA GLY H 58 -13.69 38.27 6.41
C GLY H 58 -14.42 38.95 7.54
N VAL H 59 -15.43 38.29 8.10
CA VAL H 59 -16.05 38.78 9.33
C VAL H 59 -15.08 38.54 10.49
N PRO H 60 -14.89 39.51 11.39
CA PRO H 60 -13.91 39.36 12.47
C PRO H 60 -14.23 38.23 13.42
N SER H 61 -13.17 37.66 14.01
CA SER H 61 -13.28 36.50 14.88
C SER H 61 -13.93 36.82 16.22
N ARG H 62 -14.15 38.09 16.53
CA ARG H 62 -14.77 38.44 17.80
C ARG H 62 -16.25 38.12 17.84
N PHE H 63 -16.93 38.12 16.69
CA PHE H 63 -18.35 37.82 16.66
C PHE H 63 -18.57 36.33 16.92
N ARG H 64 -19.66 36.01 17.59
CA ARG H 64 -20.01 34.60 17.78
C ARG H 64 -21.52 34.47 17.78
N GLY H 65 -22.04 33.67 16.90
CA GLY H 65 -23.42 33.29 16.98
C GLY H 65 -23.59 32.08 17.86
N SER H 66 -24.83 31.85 18.31
CA SER H 66 -25.13 30.69 19.12
C SER H 66 -26.58 30.31 18.92
N ALA H 67 -26.90 29.09 19.31
CA ALA H 67 -28.21 28.51 19.04
C ALA H 67 -28.86 28.00 20.32
N ALA H 68 -30.13 28.35 20.54
CA ALA H 68 -30.94 27.63 21.51
C ALA H 68 -32.39 27.66 21.03
N GLY H 69 -32.79 26.63 20.28
CA GLY H 69 -34.18 26.43 19.93
C GLY H 69 -34.76 27.49 19.03
N THR H 70 -35.56 28.37 19.63
CA THR H 70 -36.11 29.54 18.95
C THR H 70 -35.26 30.79 19.15
N ASP H 71 -34.55 30.90 20.26
CA ASP H 71 -33.79 32.09 20.60
C ASP H 71 -32.34 31.88 20.18
N PHE H 72 -31.89 32.66 19.20
CA PHE H 72 -30.55 32.53 18.66
C PHE H 72 -29.78 33.82 18.90
N THR H 73 -28.53 33.68 19.33
CA THR H 73 -27.77 34.74 19.98
C THR H 73 -26.63 35.19 19.09
N LEU H 74 -26.25 36.46 19.21
CA LEU H 74 -24.92 36.88 18.77
C LEU H 74 -24.28 37.71 19.87
N THR H 75 -23.03 37.37 20.16
CA THR H 75 -22.18 37.96 21.18
C THR H 75 -21.01 38.64 20.49
N ILE H 76 -20.71 39.86 20.91
CA ILE H 76 -19.51 40.58 20.49
C ILE H 76 -18.64 40.78 21.71
N GLY H 77 -17.51 40.09 21.76
CA GLY H 77 -16.51 40.31 22.79
C GLY H 77 -15.41 41.19 22.25
N ASN H 78 -14.88 42.07 23.12
CA ASN H 78 -13.87 43.08 22.78
C ASN H 78 -14.36 43.97 21.63
N LEU H 79 -15.41 44.74 21.91
CA LEU H 79 -16.08 45.53 20.89
C LEU H 79 -15.16 46.63 20.35
N GLN H 80 -15.16 46.77 19.03
CA GLN H 80 -14.40 47.79 18.33
C GLN H 80 -15.36 48.86 17.82
N ALA H 81 -14.83 50.07 17.63
CA ALA H 81 -15.67 51.26 17.40
C ALA H 81 -16.34 51.27 16.03
N GLU H 82 -15.82 50.54 15.05
CA GLU H 82 -16.41 50.53 13.72
C GLU H 82 -17.39 49.39 13.54
N ASP H 83 -18.07 49.02 14.63
CA ASP H 83 -19.02 47.93 14.61
C ASP H 83 -20.42 48.39 14.97
N PHE H 84 -20.59 49.68 15.29
CA PHE H 84 -21.88 50.22 15.65
C PHE H 84 -22.80 50.26 14.43
N GLY H 85 -24.08 50.48 14.68
CA GLY H 85 -25.02 50.50 13.58
C GLY H 85 -26.19 49.58 13.86
N THR H 86 -27.01 49.37 12.85
CA THR H 86 -28.22 48.60 13.03
C THR H 86 -27.94 47.14 12.69
N PHE H 87 -28.35 46.23 13.57
CA PHE H 87 -28.34 44.80 13.29
C PHE H 87 -29.74 44.36 12.84
N TYR H 88 -29.78 43.25 12.13
CA TYR H 88 -31.03 42.66 11.67
C TYR H 88 -30.95 41.14 11.79
N CYS H 89 -32.09 40.54 12.11
CA CYS H 89 -32.20 39.09 12.19
C CYS H 89 -32.92 38.57 10.96
N GLN H 90 -32.76 37.28 10.71
CA GLN H 90 -33.36 36.66 9.52
C GLN H 90 -33.66 35.19 9.76
N GLN H 91 -34.92 34.79 9.57
CA GLN H 91 -35.25 33.40 9.29
C GLN H 91 -35.26 33.23 7.78
N TYR H 92 -34.80 32.08 7.31
CA TYR H 92 -34.90 31.75 5.90
C TYR H 92 -35.30 30.30 5.73
N ASP H 93 -36.42 29.91 6.34
CA ASP H 93 -36.95 28.56 6.18
C ASP H 93 -38.23 28.47 5.37
N THR H 94 -39.28 29.17 5.72
CA THR H 94 -40.47 29.12 4.90
C THR H 94 -40.52 30.39 4.07
N TYR H 95 -40.61 30.20 2.75
CA TYR H 95 -40.72 31.32 1.83
C TYR H 95 -42.03 32.06 2.07
N PRO H 96 -42.01 33.39 2.17
CA PRO H 96 -40.85 34.28 2.03
C PRO H 96 -40.06 34.47 3.31
N GLY H 97 -38.80 34.87 3.16
CA GLY H 97 -37.98 35.15 4.32
C GLY H 97 -38.26 36.50 4.93
N THR H 98 -38.93 36.53 6.08
CA THR H 98 -39.25 37.77 6.79
C THR H 98 -38.15 38.03 7.79
N PHE H 99 -37.81 39.31 7.99
CA PHE H 99 -36.59 39.66 8.71
C PHE H 99 -36.92 40.26 10.07
N GLY H 100 -35.87 40.72 10.75
CA GLY H 100 -36.02 41.39 12.02
C GLY H 100 -36.23 42.89 11.87
N GLN H 101 -36.71 43.51 12.95
CA GLN H 101 -37.06 44.92 12.96
C GLN H 101 -35.91 45.82 13.37
N GLY H 102 -34.68 45.33 13.29
CA GLY H 102 -33.51 46.17 13.50
C GLY H 102 -33.18 46.50 14.94
N THR H 103 -31.90 46.68 15.23
CA THR H 103 -31.44 47.10 16.54
C THR H 103 -30.29 48.08 16.37
N LYS H 104 -30.51 49.33 16.74
CA LYS H 104 -29.44 50.31 16.64
C LYS H 104 -28.48 50.15 17.80
N VAL H 105 -27.19 50.21 17.49
CA VAL H 105 -26.13 50.14 18.50
C VAL H 105 -25.33 51.42 18.38
N GLU H 106 -25.25 52.19 19.47
CA GLU H 106 -24.63 53.51 19.48
C GLU H 106 -23.84 53.67 20.78
N VAL H 107 -23.49 54.90 21.13
CA VAL H 107 -22.76 55.21 22.36
C VAL H 107 -23.62 56.16 23.19
N LYS H 108 -23.68 55.92 24.50
CA LYS H 108 -24.48 56.76 25.39
C LYS H 108 -23.84 58.13 25.63
N ALA I 1 -18.06 -20.60 51.16
CA ALA I 1 -18.63 -19.79 50.10
C ALA I 1 -18.56 -20.51 48.76
N THR I 2 -19.24 -19.96 47.76
CA THR I 2 -19.22 -20.52 46.42
C THR I 2 -18.43 -19.63 45.46
N ASN I 3 -18.88 -18.39 45.27
CA ASN I 3 -18.25 -17.37 44.42
C ASN I 3 -17.96 -17.90 43.01
N ASN I 4 -19.03 -18.26 42.30
CA ASN I 4 -18.86 -18.85 40.98
C ASN I 4 -18.88 -17.71 39.96
N LEU I 5 -17.80 -16.95 39.95
CA LEU I 5 -17.60 -15.83 39.05
C LEU I 5 -17.05 -16.30 37.72
N TRP I 6 -17.46 -15.65 36.64
CA TRP I 6 -17.34 -16.21 35.30
C TRP I 6 -16.63 -15.24 34.36
N VAL I 7 -16.56 -15.62 33.08
CA VAL I 7 -15.68 -14.92 32.16
C VAL I 7 -16.42 -13.70 31.62
N THR I 8 -15.65 -12.72 31.15
CA THR I 8 -16.21 -11.53 30.54
C THR I 8 -15.16 -10.89 29.68
N VAL I 9 -15.48 -10.61 28.44
CA VAL I 9 -14.54 -9.94 27.57
C VAL I 9 -14.79 -8.46 27.67
N TYR I 10 -13.72 -7.68 27.66
CA TYR I 10 -13.77 -6.25 27.57
C TYR I 10 -12.99 -5.83 26.34
N TYR I 11 -13.62 -5.10 25.46
CA TYR I 11 -12.90 -4.45 24.38
C TYR I 11 -12.68 -3.01 24.80
N GLY I 12 -11.44 -2.57 24.77
CA GLY I 12 -11.12 -1.22 25.14
C GLY I 12 -10.48 -1.07 26.49
N VAL I 13 -10.06 -2.15 27.11
CA VAL I 13 -9.40 -2.06 28.41
C VAL I 13 -8.02 -1.43 28.22
N PRO I 14 -7.63 -0.48 29.04
CA PRO I 14 -6.31 0.13 28.86
C PRO I 14 -5.18 -0.79 29.25
N VAL I 15 -4.51 -1.34 28.25
CA VAL I 15 -3.47 -2.34 28.44
C VAL I 15 -2.40 -2.09 27.40
N TRP I 16 -1.14 -1.99 27.81
CA TRP I 16 -0.10 -1.68 26.86
C TRP I 16 1.11 -2.57 27.04
N ARG I 17 1.83 -2.76 25.96
CA ARG I 17 3.14 -3.39 26.02
C ARG I 17 4.13 -2.47 25.34
N ASP I 18 5.38 -2.49 25.82
CA ASP I 18 6.39 -1.52 25.43
C ASP I 18 6.93 -1.86 24.04
N ALA I 19 6.09 -1.72 23.04
CA ALA I 19 6.43 -2.26 21.74
C ALA I 19 6.85 -1.16 20.80
N ASP I 20 6.87 -1.48 19.51
CA ASP I 20 7.55 -0.67 18.52
C ASP I 20 6.72 -0.60 17.25
N THR I 21 6.93 0.47 16.48
CA THR I 21 6.38 0.56 15.14
C THR I 21 7.18 1.52 14.28
N THR I 22 6.72 1.67 13.06
CA THR I 22 7.01 2.83 12.23
C THR I 22 5.97 3.89 12.50
N LEU I 23 6.42 5.11 12.69
CA LEU I 23 5.57 6.26 12.95
C LEU I 23 5.39 7.04 11.66
N PHE I 24 4.44 7.96 11.65
CA PHE I 24 4.35 8.82 10.51
C PHE I 24 4.49 10.26 10.94
N CYS I 25 5.26 11.02 10.16
CA CYS I 25 5.46 12.41 10.51
C CYS I 25 4.20 13.20 10.20
N ALA I 26 4.08 14.37 10.83
CA ALA I 26 2.87 15.18 10.76
C ALA I 26 3.23 16.59 11.17
N SER I 27 3.19 17.52 10.23
CA SER I 27 3.54 18.90 10.55
C SER I 27 2.29 19.69 10.91
N ASP I 28 2.44 21.01 11.01
CA ASP I 28 1.31 21.93 11.11
C ASP I 28 0.76 22.18 9.70
N ALA I 29 -0.14 23.16 9.56
CA ALA I 29 -0.80 23.40 8.29
C ALA I 29 0.14 23.92 7.20
N LYS I 30 1.31 24.43 7.58
CA LYS I 30 2.28 24.91 6.63
C LYS I 30 2.97 23.74 5.96
N ALA I 31 3.16 23.83 4.64
CA ALA I 31 3.81 22.78 3.89
C ALA I 31 4.48 23.33 2.64
N THR I 34 2.04 24.29 -4.19
CA THR I 34 2.13 25.16 -3.02
C THR I 34 3.46 25.89 -3.00
N GLU I 35 4.33 25.51 -3.95
CA GLU I 35 5.61 26.18 -4.25
C GLU I 35 6.58 26.18 -3.09
N VAL I 36 6.44 25.23 -2.15
CA VAL I 36 7.39 25.06 -1.06
C VAL I 36 7.88 23.62 -1.11
N HIS I 37 9.20 23.44 -1.15
CA HIS I 37 9.78 22.13 -1.35
C HIS I 37 10.99 21.92 -0.44
N ASN I 38 10.88 22.32 0.82
CA ASN I 38 11.94 22.01 1.77
C ASN I 38 12.00 20.50 2.02
N VAL I 39 13.15 20.05 2.51
CA VAL I 39 13.40 18.61 2.52
C VAL I 39 12.59 17.87 3.56
N TRP I 40 12.18 18.50 4.64
CA TRP I 40 11.85 17.71 5.82
C TRP I 40 10.39 17.28 5.86
N ALA I 41 9.46 18.14 5.49
CA ALA I 41 8.05 17.78 5.67
C ALA I 41 7.19 18.18 4.47
N THR I 42 7.65 17.88 3.27
CA THR I 42 6.84 18.16 2.10
C THR I 42 6.51 16.91 1.30
N HIS I 43 7.52 16.18 0.85
CA HIS I 43 7.33 14.99 0.02
C HIS I 43 7.29 13.71 0.84
N ALA I 44 7.16 13.83 2.15
CA ALA I 44 7.18 12.69 3.07
C ALA I 44 5.90 12.51 3.84
N CYS I 45 5.29 13.60 4.29
CA CYS I 45 4.08 13.48 5.11
C CYS I 45 3.17 14.68 4.86
N VAL I 46 2.23 14.47 3.94
CA VAL I 46 1.08 15.36 3.82
C VAL I 46 0.32 15.64 5.12
N PRO I 47 -0.04 14.65 5.98
CA PRO I 47 -1.09 14.93 6.99
C PRO I 47 -0.66 15.92 8.04
N THR I 48 -1.53 16.89 8.29
CA THR I 48 -1.27 17.95 9.23
C THR I 48 -2.18 17.79 10.43
N ASP I 49 -1.65 17.99 11.63
CA ASP I 49 -2.46 17.83 12.81
C ASP I 49 -2.84 19.19 13.34
N PRO I 50 -4.12 19.51 13.43
CA PRO I 50 -4.52 20.88 13.81
C PRO I 50 -4.41 21.16 15.30
N ASN I 51 -4.74 20.17 16.13
CA ASN I 51 -4.91 20.41 17.55
C ASN I 51 -4.57 19.15 18.32
N PRO I 52 -4.07 19.27 19.55
CA PRO I 52 -3.71 18.07 20.31
C PRO I 52 -4.90 17.47 21.04
N GLN I 53 -4.76 16.18 21.33
CA GLN I 53 -5.62 15.50 22.31
C GLN I 53 -4.74 14.69 23.26
N GLU I 54 -4.22 15.35 24.28
CA GLU I 54 -3.37 14.72 25.26
C GLU I 54 -4.20 14.38 26.49
N MET I 55 -4.14 13.13 26.93
CA MET I 55 -4.88 12.73 28.12
C MET I 55 -3.92 12.45 29.25
N HIS I 56 -4.19 13.06 30.41
CA HIS I 56 -3.39 12.79 31.59
C HIS I 56 -3.69 11.38 32.09
N LEU I 57 -2.72 10.77 32.76
CA LEU I 57 -2.92 9.50 33.44
C LEU I 57 -2.61 9.69 34.91
N LYS I 58 -3.56 9.33 35.76
CA LYS I 58 -3.43 9.56 37.18
C LYS I 58 -2.83 8.34 37.86
N ASN I 59 -1.88 8.58 38.77
CA ASN I 59 -1.35 7.62 39.72
C ASN I 59 -0.60 6.47 39.06
N VAL I 60 -0.17 6.60 37.82
CA VAL I 60 0.57 5.53 37.17
C VAL I 60 2.03 5.95 37.04
N THR I 61 2.93 4.95 37.03
CA THR I 61 4.37 5.17 36.98
C THR I 61 4.92 4.31 35.86
N GLU I 62 5.28 4.90 34.74
CA GLU I 62 5.75 4.15 33.59
C GLU I 62 7.27 4.26 33.45
N ASN I 63 7.93 3.13 33.19
CA ASN I 63 9.38 3.11 33.08
C ASN I 63 9.80 3.55 31.70
N PHE I 64 10.76 4.47 31.64
CA PHE I 64 11.25 5.03 30.39
C PHE I 64 12.74 4.78 30.28
N ASN I 65 13.20 4.53 29.06
CA ASN I 65 14.62 4.33 28.85
C ASN I 65 14.95 4.83 27.46
N MET I 66 15.35 6.09 27.37
CA MET I 66 15.65 6.69 26.09
C MET I 66 16.87 6.08 25.43
N TRP I 67 17.79 5.51 26.18
CA TRP I 67 19.00 5.04 25.53
C TRP I 67 18.83 3.66 24.92
N LYS I 68 17.77 2.95 25.25
CA LYS I 68 17.36 1.78 24.49
C LYS I 68 16.01 2.02 23.84
N ASN I 69 15.75 3.28 23.50
CA ASN I 69 14.62 3.62 22.66
C ASN I 69 15.01 3.43 21.21
N ASN I 70 14.02 3.07 20.40
CA ASN I 70 14.18 2.99 18.97
C ASN I 70 13.18 3.86 18.23
N MET I 71 12.44 4.70 18.95
CA MET I 71 11.75 5.82 18.31
C MET I 71 12.75 6.75 17.65
N VAL I 72 13.84 7.05 18.36
CA VAL I 72 14.83 7.98 17.84
C VAL I 72 15.67 7.34 16.75
N GLU I 73 15.96 6.05 16.87
CA GLU I 73 16.70 5.38 15.80
C GLU I 73 15.83 5.23 14.56
N GLN I 74 14.54 5.02 14.78
CA GLN I 74 13.61 4.96 13.65
C GLN I 74 13.42 6.32 13.03
N MET I 75 13.41 7.39 13.81
CA MET I 75 13.28 8.70 13.17
C MET I 75 14.55 9.13 12.49
N GLN I 76 15.68 8.61 13.00
CA GLN I 76 17.03 8.86 12.40
C GLN I 76 17.06 8.22 11.00
N GLU I 77 16.53 7.00 10.89
CA GLU I 77 16.43 6.31 9.61
C GLU I 77 15.45 7.03 8.68
N ASP I 78 14.31 7.50 9.20
CA ASP I 78 13.41 8.27 8.34
C ASP I 78 14.02 9.61 7.94
N VAL I 79 14.86 10.21 8.79
CA VAL I 79 15.46 11.48 8.43
C VAL I 79 16.57 11.32 7.39
N ILE I 80 17.36 10.24 7.46
CA ILE I 80 18.33 9.96 6.40
C ILE I 80 17.64 9.63 5.08
N SER I 81 16.69 8.68 5.11
CA SER I 81 16.00 8.28 3.89
C SER I 81 15.16 9.41 3.32
N LEU I 82 14.63 10.24 4.23
CA LEU I 82 13.85 11.46 3.87
C LEU I 82 14.77 12.47 3.19
N TRP I 83 15.97 12.68 3.74
CA TRP I 83 16.95 13.56 3.14
C TRP I 83 17.30 13.09 1.74
N ASP I 84 17.50 11.79 1.57
CA ASP I 84 17.94 11.29 0.28
C ASP I 84 16.82 11.28 -0.76
N GLN I 85 15.60 10.86 -0.38
CA GLN I 85 14.51 10.90 -1.36
C GLN I 85 14.00 12.33 -1.60
N SER I 86 14.57 13.31 -0.91
CA SER I 86 14.47 14.71 -1.26
C SER I 86 15.68 15.22 -2.01
N LEU I 87 16.63 14.35 -2.34
CA LEU I 87 17.83 14.84 -3.00
C LEU I 87 17.99 14.30 -4.40
N LYS I 88 17.91 12.97 -4.58
CA LYS I 88 18.27 12.27 -5.81
C LYS I 88 17.61 12.73 -7.12
N PRO I 89 16.49 13.48 -7.07
CA PRO I 89 15.85 14.00 -8.26
C PRO I 89 16.28 15.48 -8.43
N CYS I 90 17.40 15.84 -7.80
CA CYS I 90 17.94 17.23 -7.84
C CYS I 90 18.80 17.45 -9.08
N VAL I 91 20.13 17.37 -8.94
CA VAL I 91 21.06 17.60 -10.08
C VAL I 91 22.07 16.46 -10.19
N LYS I 92 23.20 16.59 -9.49
CA LYS I 92 24.29 15.58 -9.59
C LYS I 92 25.49 16.12 -10.37
N LEU I 93 26.20 17.04 -9.71
CA LEU I 93 27.43 17.62 -10.25
C LEU I 93 28.57 16.60 -10.30
N THR I 94 28.47 15.69 -11.24
CA THR I 94 29.65 14.89 -11.52
C THR I 94 30.79 15.65 -12.20
N PRO I 95 30.56 16.72 -13.01
CA PRO I 95 31.81 17.40 -13.42
C PRO I 95 32.20 18.58 -12.55
N LEU I 96 32.67 18.29 -11.33
CA LEU I 96 33.62 19.16 -10.67
C LEU I 96 34.86 18.44 -10.22
N CYS I 97 34.89 17.12 -10.21
CA CYS I 97 36.09 16.42 -9.78
C CYS I 97 37.15 16.57 -10.85
N VAL I 98 37.88 17.68 -10.80
CA VAL I 98 38.91 18.00 -11.78
C VAL I 98 40.17 18.38 -11.04
N THR I 99 41.19 18.83 -11.78
CA THR I 99 42.30 19.53 -11.16
C THR I 99 41.92 21.00 -11.04
N LEU I 100 41.99 21.52 -9.84
CA LEU I 100 41.45 22.83 -9.51
C LEU I 100 42.56 23.85 -9.40
N ASN I 101 42.46 24.94 -10.16
CA ASN I 101 43.51 25.96 -10.18
C ASN I 101 43.13 27.04 -9.16
N CYS I 102 43.59 26.87 -7.92
CA CYS I 102 43.14 27.71 -6.81
C CYS I 102 44.33 28.40 -6.15
N THR I 103 44.21 29.72 -5.97
CA THR I 103 44.98 30.53 -5.02
C THR I 103 44.17 31.81 -4.80
N SER I 104 44.28 32.39 -3.59
CA SER I 104 43.39 33.42 -3.10
C SER I 104 43.47 34.71 -3.91
N ALA I 105 42.44 35.54 -3.75
CA ALA I 105 42.40 36.88 -4.32
C ALA I 105 41.41 37.70 -3.50
N THR I 106 41.75 38.99 -3.31
CA THR I 106 40.89 39.88 -2.54
C THR I 106 40.11 40.84 -3.42
N ASP I 125 37.60 36.63 5.22
CA ASP I 125 38.01 35.25 5.18
C ASP I 125 38.74 34.92 3.90
N ASP I 126 40.00 34.49 4.00
CA ASP I 126 40.77 34.15 2.76
C ASP I 126 40.46 32.72 2.30
N VAL I 127 39.27 32.50 1.71
CA VAL I 127 38.80 31.15 1.23
C VAL I 127 39.64 30.61 0.06
N ARG I 128 39.90 31.44 -0.97
CA ARG I 128 40.70 31.02 -2.15
C ARG I 128 40.05 31.51 -3.45
N ASN I 129 40.78 31.41 -4.58
CA ASN I 129 40.26 31.83 -5.88
C ASN I 129 40.57 30.72 -6.86
N CYS I 130 39.55 30.12 -7.46
CA CYS I 130 39.81 28.86 -8.14
C CYS I 130 39.11 28.78 -9.48
N SER I 131 39.89 28.69 -10.55
CA SER I 131 39.36 28.43 -11.87
C SER I 131 39.74 27.03 -12.31
N PHE I 132 38.91 26.48 -13.20
CA PHE I 132 39.07 25.10 -13.67
C PHE I 132 38.29 24.94 -14.96
N ASN I 133 38.34 23.73 -15.51
CA ASN I 133 37.59 23.42 -16.72
C ASN I 133 36.26 22.74 -16.40
N MET I 134 35.34 22.87 -17.34
CA MET I 134 33.98 22.41 -17.18
C MET I 134 33.62 21.82 -18.55
N THR I 135 32.36 21.50 -18.76
CA THR I 135 31.77 21.37 -20.09
C THR I 135 30.51 22.22 -20.11
N THR I 136 30.27 22.91 -21.21
CA THR I 136 29.10 23.77 -21.31
C THR I 136 27.89 22.93 -21.69
N GLU I 137 26.77 23.58 -22.04
CA GLU I 137 25.58 22.86 -22.45
C GLU I 137 25.76 22.14 -23.78
N LEU I 138 26.74 22.54 -24.58
CA LEU I 138 27.20 21.76 -25.72
C LEU I 138 28.37 20.91 -25.28
N ARG I 139 28.47 19.71 -25.85
CA ARG I 139 29.54 18.85 -25.38
C ARG I 139 30.88 19.12 -26.05
N ASP I 140 30.88 19.43 -27.35
CA ASP I 140 32.14 19.65 -28.03
C ASP I 140 32.78 20.98 -27.67
N LYS I 141 31.98 22.04 -27.61
CA LYS I 141 32.49 23.28 -27.04
C LYS I 141 32.65 23.10 -25.54
N GLN I 142 33.68 23.72 -25.00
CA GLN I 142 34.17 23.43 -23.66
C GLN I 142 34.18 24.74 -22.87
N GLN I 143 34.16 24.62 -21.55
CA GLN I 143 33.88 25.76 -20.68
C GLN I 143 34.98 25.92 -19.65
N LYS I 144 35.47 27.16 -19.50
CA LYS I 144 36.38 27.51 -18.42
C LYS I 144 35.64 28.34 -17.39
N VAL I 145 35.79 27.99 -16.11
CA VAL I 145 34.93 28.43 -15.04
C VAL I 145 35.76 29.03 -13.92
N TYR I 146 35.31 30.18 -13.42
CA TYR I 146 35.78 30.86 -12.23
C TYR I 146 34.92 30.48 -11.03
N ALA I 147 35.52 30.45 -9.83
CA ALA I 147 34.80 30.10 -8.60
C ALA I 147 35.58 30.55 -7.37
N LEU I 148 34.93 30.48 -6.22
CA LEU I 148 35.60 30.73 -4.93
C LEU I 148 35.25 29.56 -4.00
N PHE I 149 36.22 28.69 -3.76
CA PHE I 149 36.04 27.55 -2.87
C PHE I 149 36.79 27.78 -1.57
N TYR I 150 36.39 27.04 -0.55
CA TYR I 150 36.91 27.23 0.79
C TYR I 150 38.11 26.32 1.02
N LYS I 151 38.83 26.55 2.12
CA LYS I 151 40.03 25.79 2.41
C LYS I 151 39.72 24.34 2.75
N LEU I 152 38.53 24.10 3.28
CA LEU I 152 38.19 22.83 3.89
C LEU I 152 37.35 21.92 2.99
N ASP I 153 36.77 22.45 1.91
CA ASP I 153 36.21 21.62 0.87
C ASP I 153 37.24 21.22 -0.18
N ILE I 154 38.50 21.46 0.13
CA ILE I 154 39.66 21.35 -0.76
C ILE I 154 40.73 20.52 -0.07
N VAL I 155 41.44 19.71 -0.86
CA VAL I 155 42.60 19.00 -0.33
C VAL I 155 43.83 19.35 -1.18
N PRO I 156 45.00 19.48 -0.58
CA PRO I 156 46.21 19.66 -1.39
C PRO I 156 46.68 18.37 -2.03
N ILE I 157 46.47 18.25 -3.33
CA ILE I 157 46.96 17.09 -4.08
C ILE I 157 48.34 17.40 -4.61
N ASP I 158 49.24 16.43 -4.53
CA ASP I 158 50.63 16.66 -4.88
C ASP I 158 51.13 15.65 -5.90
N ASN I 167 53.23 29.43 -5.55
CA ASN I 167 51.98 30.09 -5.91
C ASN I 167 51.19 29.23 -6.89
N PHE I 168 49.93 29.63 -7.11
CA PHE I 168 49.02 29.02 -8.07
C PHE I 168 48.83 27.53 -7.79
N SER I 169 48.33 27.23 -6.60
CA SER I 169 48.26 25.84 -6.14
C SER I 169 47.17 25.06 -6.87
N GLU I 170 47.30 23.74 -6.83
CA GLU I 170 46.40 22.82 -7.53
C GLU I 170 45.73 21.91 -6.51
N TYR I 171 44.41 22.04 -6.37
CA TYR I 171 43.68 21.35 -5.31
C TYR I 171 42.64 20.40 -5.92
N ARG I 172 41.79 19.84 -5.07
CA ARG I 172 40.80 18.84 -5.44
C ARG I 172 39.59 19.04 -4.55
N LEU I 173 38.41 18.62 -5.00
CA LEU I 173 37.28 18.59 -4.08
C LEU I 173 37.44 17.45 -3.08
N ILE I 174 36.89 17.65 -1.88
CA ILE I 174 37.09 16.69 -0.81
C ILE I 174 36.28 15.42 -0.99
N ASN I 175 35.30 15.42 -1.90
CA ASN I 175 34.46 14.25 -1.93
C ASN I 175 34.50 13.62 -3.31
N CYS I 176 35.71 13.40 -3.82
CA CYS I 176 35.88 12.65 -5.04
C CYS I 176 36.46 11.27 -4.81
N ASN I 177 36.82 10.92 -3.57
CA ASN I 177 37.01 9.50 -3.28
C ASN I 177 35.67 8.80 -3.25
N THR I 178 34.83 9.18 -2.29
CA THR I 178 33.50 8.63 -2.13
C THR I 178 32.53 9.38 -3.03
N SER I 179 31.24 9.27 -2.72
CA SER I 179 30.14 9.40 -3.67
C SER I 179 30.09 10.76 -4.35
N VAL I 180 29.42 10.77 -5.51
CA VAL I 180 29.30 11.98 -6.31
C VAL I 180 28.37 12.96 -5.61
N ILE I 181 28.77 14.22 -5.59
CA ILE I 181 28.02 15.25 -4.89
C ILE I 181 26.89 15.72 -5.78
N LYS I 182 25.75 16.03 -5.19
CA LYS I 182 24.65 16.64 -5.91
C LYS I 182 24.48 18.08 -5.46
N GLN I 183 23.66 18.83 -6.18
CA GLN I 183 23.36 20.19 -5.77
C GLN I 183 22.06 20.19 -4.97
N ALA I 184 21.80 21.28 -4.29
CA ALA I 184 20.62 21.33 -3.45
C ALA I 184 19.34 21.54 -4.23
N CYS I 185 19.44 21.96 -5.50
CA CYS I 185 18.35 22.35 -6.40
C CYS I 185 17.47 23.41 -5.73
N PRO I 186 17.93 24.68 -5.77
CA PRO I 186 17.64 25.71 -4.75
C PRO I 186 16.21 26.04 -4.38
N LYS I 187 15.29 25.60 -5.22
CA LYS I 187 13.87 25.58 -4.91
C LYS I 187 13.54 24.68 -3.73
N VAL I 188 14.45 23.76 -3.39
CA VAL I 188 14.52 23.14 -2.07
C VAL I 188 14.88 24.17 -1.01
N SER I 189 14.12 24.19 0.10
CA SER I 189 14.53 24.94 1.27
C SER I 189 15.08 23.99 2.34
N PHE I 190 15.52 24.56 3.46
CA PHE I 190 16.02 23.74 4.54
C PHE I 190 15.56 24.22 5.90
N ASP I 191 14.45 24.91 5.96
CA ASP I 191 13.95 25.44 7.22
C ASP I 191 13.45 24.30 8.10
N PRO I 192 14.02 24.09 9.27
CA PRO I 192 13.61 22.94 10.09
C PRO I 192 12.27 23.19 10.77
N ILE I 193 11.18 22.97 10.04
CA ILE I 193 9.86 23.23 10.57
C ILE I 193 9.53 22.13 11.56
N PRO I 194 8.66 22.39 12.55
CA PRO I 194 8.33 21.33 13.53
C PRO I 194 7.64 20.13 12.92
N ILE I 195 8.34 19.01 12.92
CA ILE I 195 7.81 17.72 12.52
C ILE I 195 7.29 17.02 13.77
N HIS I 196 6.02 16.66 13.77
CA HIS I 196 5.51 15.78 14.80
C HIS I 196 5.67 14.35 14.37
N TYR I 197 5.68 13.44 15.33
CA TYR I 197 5.54 12.02 15.02
C TYR I 197 4.24 11.56 15.62
N CYS I 198 3.24 11.33 14.78
CA CYS I 198 1.99 10.75 15.23
C CYS I 198 2.00 9.28 14.91
N THR I 199 1.52 8.51 15.89
CA THR I 199 1.46 7.06 15.86
C THR I 199 0.20 6.60 15.15
N PRO I 200 0.27 5.48 14.39
CA PRO I 200 -0.92 5.00 13.70
C PRO I 200 -1.93 4.41 14.65
N ALA I 201 -3.03 3.92 14.10
CA ALA I 201 -4.08 3.35 14.93
C ALA I 201 -3.57 2.10 15.61
N GLY I 202 -3.88 1.98 16.88
CA GLY I 202 -3.29 0.91 17.63
C GLY I 202 -2.43 1.39 18.77
N TYR I 203 -1.57 2.35 18.52
CA TYR I 203 -0.44 2.62 19.38
C TYR I 203 -0.55 4.03 19.92
N ALA I 204 0.02 4.26 21.10
CA ALA I 204 -0.05 5.56 21.73
C ALA I 204 1.35 5.97 22.16
N ILE I 205 1.57 7.26 22.35
CA ILE I 205 2.89 7.72 22.77
C ILE I 205 2.78 8.28 24.18
N LEU I 206 3.56 7.73 25.10
CA LEU I 206 3.43 8.07 26.51
C LEU I 206 4.45 9.16 26.86
N ARG I 207 4.03 10.41 26.84
CA ARG I 207 4.88 11.52 27.23
C ARG I 207 5.10 11.48 28.73
N CYS I 208 6.26 11.99 29.16
CA CYS I 208 6.58 11.95 30.58
C CYS I 208 5.93 13.09 31.36
N ASN I 209 6.17 14.32 30.94
CA ASN I 209 5.69 15.54 31.60
C ASN I 209 6.13 15.63 33.05
N ASP I 210 7.31 15.13 33.37
CA ASP I 210 7.88 15.30 34.70
C ASP I 210 9.02 16.30 34.64
N LYS I 211 9.11 17.16 35.63
CA LYS I 211 10.16 18.15 35.65
C LYS I 211 11.39 17.58 36.32
N LYS I 212 12.56 18.08 35.91
CA LYS I 212 13.87 17.54 36.26
C LYS I 212 13.99 16.07 35.89
N PHE I 213 13.37 15.68 34.78
CA PHE I 213 13.35 14.28 34.42
C PHE I 213 14.63 13.89 33.71
N ASN I 214 15.16 12.75 34.13
CA ASN I 214 16.49 12.33 33.74
C ASN I 214 16.50 11.53 32.44
N GLY I 215 15.34 11.04 32.02
CA GLY I 215 15.30 10.22 30.84
C GLY I 215 15.52 8.76 31.08
N THR I 216 15.61 8.34 32.34
CA THR I 216 15.88 6.94 32.62
C THR I 216 15.18 6.59 33.91
N GLY I 217 14.51 5.45 33.93
CA GLY I 217 13.81 5.06 35.12
C GLY I 217 12.40 5.57 35.09
N PRO I 218 11.77 5.69 36.24
CA PRO I 218 10.32 5.93 36.28
C PRO I 218 9.98 7.36 35.90
N CYS I 219 8.68 7.60 35.79
CA CYS I 219 8.12 8.90 35.47
C CYS I 219 6.78 8.99 36.16
N LYS I 220 6.48 10.16 36.73
CA LYS I 220 5.37 10.23 37.68
C LYS I 220 4.03 10.58 37.01
N ASN I 221 4.00 11.64 36.23
CA ASN I 221 2.76 12.02 35.57
C ASN I 221 2.81 11.79 34.07
N VAL I 222 3.29 10.63 33.65
CA VAL I 222 3.24 10.18 32.26
C VAL I 222 1.82 10.28 31.72
N SER I 223 1.65 11.06 30.67
CA SER I 223 0.36 11.27 30.06
C SER I 223 0.44 10.83 28.61
N SER I 224 -0.64 10.27 28.11
CA SER I 224 -0.66 9.73 26.77
C SER I 224 -0.96 10.83 25.77
N VAL I 225 -0.49 10.63 24.55
CA VAL I 225 -0.67 11.61 23.50
C VAL I 225 -0.67 10.84 22.19
N GLN I 226 -1.20 11.47 21.16
CA GLN I 226 -1.23 10.86 19.85
C GLN I 226 -0.03 11.29 19.01
N CYS I 227 0.45 12.51 19.14
CA CYS I 227 1.75 12.88 18.58
C CYS I 227 2.61 13.66 19.55
N THR I 228 3.92 13.60 19.32
CA THR I 228 4.93 14.32 20.09
C THR I 228 4.77 15.83 19.96
N HIS I 229 5.53 16.55 20.78
CA HIS I 229 5.68 17.96 20.51
C HIS I 229 6.54 18.12 19.27
N GLY I 230 6.39 19.27 18.61
CA GLY I 230 7.05 19.49 17.36
C GLY I 230 8.54 19.59 17.48
N ILE I 231 9.22 18.58 17.04
CA ILE I 231 10.66 18.59 17.10
C ILE I 231 11.18 19.23 15.84
N LYS I 232 12.31 19.90 15.96
CA LYS I 232 12.93 20.54 14.82
C LYS I 232 14.07 19.66 14.36
N PRO I 233 14.05 19.15 13.15
CA PRO I 233 15.09 18.20 12.70
C PRO I 233 16.41 18.89 12.37
N VAL I 234 16.98 19.56 13.34
CA VAL I 234 18.21 20.28 13.14
C VAL I 234 19.38 19.32 13.19
N VAL I 235 20.49 19.73 12.61
CA VAL I 235 21.73 19.00 12.73
C VAL I 235 22.77 19.96 13.27
N SER I 236 23.55 19.50 14.25
CA SER I 236 24.57 20.32 14.90
C SER I 236 25.49 19.38 15.64
N THR I 237 26.77 19.39 15.31
CA THR I 237 27.68 18.43 15.90
C THR I 237 28.00 18.76 17.34
N GLN I 238 28.45 19.97 17.61
CA GLN I 238 29.06 20.23 18.91
C GLN I 238 28.03 20.53 19.98
N LEU I 239 27.03 21.36 19.67
CA LEU I 239 26.05 21.71 20.68
C LEU I 239 24.73 22.02 20.00
N LEU I 240 23.65 21.88 20.76
CA LEU I 240 22.32 21.75 20.18
C LEU I 240 21.66 23.11 20.02
N LEU I 241 20.88 23.25 18.97
CA LEU I 241 20.24 24.51 18.67
C LEU I 241 18.75 24.34 18.49
N ASN I 242 18.03 25.42 18.82
CA ASN I 242 16.56 25.54 18.69
C ASN I 242 15.82 24.42 19.41
N GLY I 243 16.38 23.92 20.50
CA GLY I 243 15.79 22.79 21.17
C GLY I 243 14.59 23.20 21.97
N SER I 244 13.97 22.21 22.58
CA SER I 244 12.97 22.47 23.60
C SER I 244 13.68 22.66 24.92
N LEU I 245 13.09 23.48 25.77
CA LEU I 245 13.69 23.78 27.06
C LEU I 245 13.12 22.87 28.14
N ALA I 246 14.01 22.32 28.97
CA ALA I 246 13.59 21.87 30.27
C ALA I 246 13.23 23.08 31.10
N GLU I 247 12.31 22.91 32.05
CA GLU I 247 11.86 24.11 32.76
C GLU I 247 12.62 24.37 34.06
N GLU I 248 12.57 23.44 35.01
CA GLU I 248 13.15 23.75 36.32
C GLU I 248 14.61 23.35 36.45
N GLY I 249 14.96 22.12 36.15
CA GLY I 249 16.35 21.74 36.24
C GLY I 249 17.07 21.92 34.94
N ILE I 250 18.39 21.80 34.98
CA ILE I 250 19.17 21.46 33.81
C ILE I 250 19.55 20.00 33.98
N ILE I 251 19.55 19.26 32.88
CA ILE I 251 19.46 17.81 32.91
C ILE I 251 20.71 17.23 32.27
N ILE I 252 21.36 16.31 32.96
CA ILE I 252 22.53 15.63 32.44
C ILE I 252 22.09 14.24 32.02
N ARG I 253 22.43 13.86 30.80
CA ARG I 253 21.97 12.60 30.23
C ARG I 253 23.16 11.84 29.66
N SER I 254 23.22 10.55 29.95
CA SER I 254 24.16 9.71 29.23
C SER I 254 23.66 8.28 29.22
N GLU I 255 24.30 7.48 28.39
CA GLU I 255 24.07 6.06 28.45
C GLU I 255 24.82 5.43 29.60
N ASN I 256 26.08 5.82 29.78
CA ASN I 256 26.95 5.14 30.76
C ASN I 256 28.00 6.16 31.20
N LEU I 257 27.76 6.80 32.34
CA LEU I 257 28.65 7.85 32.82
C LEU I 257 30.03 7.34 33.19
N THR I 258 30.14 6.06 33.56
CA THR I 258 31.46 5.50 33.75
C THR I 258 32.19 5.33 32.42
N ASN I 259 31.46 5.15 31.33
CA ASN I 259 32.09 4.98 30.02
C ASN I 259 32.35 6.36 29.44
N ASN I 260 33.62 6.72 29.31
CA ASN I 260 34.00 8.04 28.80
C ASN I 260 33.68 8.21 27.32
N ALA I 261 33.46 7.12 26.59
CA ALA I 261 33.21 7.23 25.15
C ALA I 261 31.80 7.72 24.85
N LYS I 262 30.84 7.47 25.74
CA LYS I 262 29.46 7.84 25.46
C LYS I 262 29.27 9.34 25.62
N THR I 263 28.55 9.93 24.68
CA THR I 263 28.38 11.37 24.63
C THR I 263 27.39 11.83 25.69
N ILE I 264 27.79 12.77 26.52
CA ILE I 264 26.91 13.33 27.55
C ILE I 264 26.10 14.45 26.95
N ILE I 265 24.78 14.30 26.96
CA ILE I 265 23.87 15.38 26.59
C ILE I 265 23.68 16.27 27.81
N VAL I 266 23.77 17.58 27.62
CA VAL I 266 23.46 18.53 28.66
C VAL I 266 22.33 19.40 28.15
N HIS I 267 21.21 19.40 28.87
CA HIS I 267 20.00 20.11 28.47
C HIS I 267 19.83 21.29 29.41
N PHE I 268 19.71 22.49 28.86
CA PHE I 268 19.63 23.69 29.68
C PHE I 268 18.24 23.87 30.26
N ASN I 269 18.05 24.99 30.97
CA ASN I 269 16.71 25.42 31.29
C ASN I 269 16.40 26.84 30.86
N GLU I 270 17.39 27.60 30.41
CA GLU I 270 17.17 28.91 29.84
C GLU I 270 17.77 28.99 28.44
N SER I 271 17.00 29.58 27.54
CA SER I 271 17.34 29.68 26.13
C SER I 271 18.53 30.61 25.96
N VAL I 272 19.70 30.06 25.72
CA VAL I 272 20.86 30.92 25.53
C VAL I 272 20.80 31.48 24.12
N LYS I 273 21.04 32.77 23.96
CA LYS I 273 20.95 33.39 22.66
C LYS I 273 22.24 33.15 21.87
N ILE I 274 22.10 33.13 20.55
CA ILE I 274 23.24 33.23 19.64
C ILE I 274 22.73 33.88 18.37
N ASN I 275 23.58 34.70 17.76
CA ASN I 275 23.31 35.33 16.49
C ASN I 275 24.43 34.91 15.57
N CYS I 276 24.11 34.22 14.49
CA CYS I 276 25.14 33.81 13.56
C CYS I 276 24.90 34.50 12.23
N THR I 277 25.91 35.22 11.76
CA THR I 277 25.82 36.00 10.55
C THR I 277 27.03 35.71 9.69
N ARG I 278 26.82 35.77 8.39
CA ARG I 278 27.93 36.10 7.53
C ARG I 278 27.70 37.51 7.05
N PRO I 279 28.51 38.48 7.47
CA PRO I 279 28.27 39.89 7.13
C PRO I 279 28.93 40.28 5.82
N SER I 280 28.67 39.51 4.77
CA SER I 280 29.46 39.65 3.56
C SER I 280 28.57 39.43 2.35
N ASN I 281 28.54 40.42 1.48
CA ASN I 281 27.93 40.26 0.17
C ASN I 281 28.68 39.17 -0.60
N ASN I 282 27.96 38.15 -1.03
CA ASN I 282 28.51 37.23 -2.02
C ASN I 282 27.41 36.80 -2.96
N THR I 283 27.48 37.27 -4.20
CA THR I 283 26.39 37.05 -5.12
C THR I 283 26.46 35.65 -5.70
N ARG I 284 25.33 35.21 -6.23
CA ARG I 284 25.18 33.85 -6.73
C ARG I 284 24.96 33.94 -8.23
N THR I 285 25.86 33.36 -9.00
CA THR I 285 25.66 33.26 -10.43
C THR I 285 25.88 31.81 -10.86
N GLY I 286 25.34 31.48 -12.02
CA GLY I 286 25.26 30.10 -12.44
C GLY I 286 26.02 29.82 -13.72
N ILE I 287 26.44 28.58 -13.86
CA ILE I 287 27.00 28.05 -15.10
C ILE I 287 26.08 26.99 -15.67
N HIS I 288 26.05 26.91 -17.00
CA HIS I 288 25.40 25.79 -17.64
C HIS I 288 26.41 24.66 -17.69
N ILE I 289 26.23 23.63 -16.86
CA ILE I 289 27.03 22.43 -16.96
C ILE I 289 26.32 21.35 -17.79
N GLY I 290 25.02 21.17 -17.58
CA GLY I 290 24.28 20.23 -18.36
C GLY I 290 22.97 20.81 -18.85
N PRO I 291 22.19 20.01 -19.53
CA PRO I 291 20.83 20.41 -19.89
C PRO I 291 19.96 20.55 -18.66
N GLY I 292 19.63 21.78 -18.30
CA GLY I 292 18.91 22.04 -17.07
C GLY I 292 19.76 22.01 -15.83
N GLN I 293 21.05 21.75 -15.95
CA GLN I 293 21.97 21.70 -14.83
C GLN I 293 22.70 23.04 -14.79
N VAL I 294 22.28 23.90 -13.89
CA VAL I 294 22.86 25.22 -13.73
C VAL I 294 23.49 25.27 -12.35
N PHE I 295 24.80 25.12 -12.32
CA PHE I 295 25.56 25.12 -11.08
C PHE I 295 25.66 26.54 -10.56
N TYR I 296 25.09 26.79 -9.38
CA TYR I 296 25.16 28.09 -8.74
C TYR I 296 26.39 28.17 -7.87
N LYS I 297 27.03 29.33 -7.87
CA LYS I 297 28.30 29.50 -7.17
C LYS I 297 28.43 30.95 -6.76
N THR I 298 29.47 31.21 -5.96
CA THR I 298 29.81 32.53 -5.48
C THR I 298 30.23 33.43 -6.63
N GLY I 299 30.28 34.72 -6.34
CA GLY I 299 30.81 35.66 -7.31
C GLY I 299 31.70 36.69 -6.66
N ASP I 300 31.37 37.96 -6.89
CA ASP I 300 32.02 39.06 -6.20
C ASP I 300 31.78 38.94 -4.71
N ILE I 301 32.78 39.32 -3.91
CA ILE I 301 32.79 39.08 -2.47
C ILE I 301 33.22 40.37 -1.78
N ILE I 302 32.23 41.19 -1.41
CA ILE I 302 32.47 42.48 -0.77
C ILE I 302 31.64 42.56 0.51
N GLY I 303 31.70 43.72 1.15
CA GLY I 303 31.06 43.89 2.43
C GLY I 303 32.06 43.94 3.57
N ASP I 304 31.75 43.29 4.68
CA ASP I 304 32.67 43.23 5.83
C ASP I 304 33.45 41.93 5.74
N ILE I 305 34.51 41.94 4.94
CA ILE I 305 35.20 40.71 4.56
C ILE I 305 36.09 40.29 5.72
N ARG I 306 35.56 39.40 6.55
CA ARG I 306 36.32 38.65 7.54
C ARG I 306 35.52 37.37 7.77
N LYS I 307 36.01 36.49 8.65
CA LYS I 307 35.31 35.25 8.94
C LYS I 307 33.94 35.51 9.54
N ALA I 308 32.97 34.68 9.15
CA ALA I 308 31.63 34.76 9.72
C ALA I 308 31.69 34.40 11.19
N TYR I 309 30.96 35.17 12.00
CA TYR I 309 31.08 35.06 13.44
C TYR I 309 29.78 34.56 14.04
N CYS I 310 29.85 34.19 15.31
CA CYS I 310 28.67 34.06 16.14
C CYS I 310 29.00 34.70 17.49
N ASN I 311 28.06 35.48 18.03
CA ASN I 311 28.28 36.20 19.27
C ASN I 311 27.41 35.63 20.38
N ILE I 312 27.94 35.60 21.60
CA ILE I 312 27.27 34.98 22.74
C ILE I 312 27.47 35.86 23.97
N SER I 313 26.38 36.27 24.60
CA SER I 313 26.46 37.14 25.77
C SER I 313 27.04 36.40 26.96
N GLY I 314 28.11 36.94 27.52
CA GLY I 314 28.85 36.26 28.57
C GLY I 314 28.10 36.14 29.88
N ALA I 315 27.11 36.99 30.10
CA ALA I 315 26.33 36.93 31.34
C ALA I 315 25.51 35.64 31.40
N GLN I 316 24.60 35.45 30.44
CA GLN I 316 23.81 34.24 30.40
C GLN I 316 24.66 33.01 30.15
N TRP I 317 25.71 33.13 29.34
CA TRP I 317 26.52 31.96 29.03
C TRP I 317 27.30 31.48 30.24
N HIS I 318 27.98 32.38 30.92
CA HIS I 318 28.71 31.92 32.09
C HIS I 318 27.80 31.61 33.26
N LYS I 319 26.59 32.18 33.32
CA LYS I 319 25.64 31.74 34.33
C LYS I 319 25.17 30.32 34.07
N VAL I 320 24.81 30.00 32.83
CA VAL I 320 24.28 28.66 32.58
C VAL I 320 25.41 27.65 32.58
N LEU I 321 26.64 28.05 32.27
CA LEU I 321 27.72 27.09 32.39
C LEU I 321 28.11 26.90 33.84
N GLY I 322 27.96 27.93 34.67
CA GLY I 322 28.13 27.74 36.10
C GLY I 322 27.10 26.81 36.70
N ARG I 323 25.85 26.93 36.27
CA ARG I 323 24.84 26.00 36.76
C ARG I 323 25.03 24.60 36.18
N VAL I 324 25.56 24.51 34.96
CA VAL I 324 25.93 23.23 34.37
C VAL I 324 27.03 22.56 35.18
N ALA I 325 28.05 23.30 35.57
CA ALA I 325 29.10 22.69 36.37
C ALA I 325 28.64 22.42 37.79
N ASN I 326 27.65 23.18 38.28
CA ASN I 326 27.04 22.85 39.58
C ASN I 326 26.36 21.48 39.52
N LYS I 327 25.54 21.25 38.49
CA LYS I 327 24.87 19.97 38.35
C LYS I 327 25.84 18.84 38.00
N LEU I 328 26.91 19.16 37.26
CA LEU I 328 27.88 18.12 36.97
C LEU I 328 28.71 17.77 38.19
N LYS I 329 28.92 18.71 39.09
CA LYS I 329 29.50 18.37 40.38
C LYS I 329 28.54 17.51 41.18
N GLU I 330 27.23 17.76 41.04
CA GLU I 330 26.24 16.91 41.68
C GLU I 330 26.27 15.49 41.13
N HIS I 331 26.64 15.30 39.87
CA HIS I 331 26.86 13.95 39.38
C HIS I 331 28.27 13.45 39.67
N PHE I 332 29.29 14.18 39.21
CA PHE I 332 30.65 13.66 39.18
C PHE I 332 31.39 13.90 40.50
N ASN I 333 30.85 13.30 41.56
CA ASN I 333 31.52 13.11 42.84
C ASN I 333 31.89 14.40 43.56
N ASN I 334 31.35 15.55 43.14
CA ASN I 334 31.76 16.87 43.59
C ASN I 334 33.28 17.03 43.40
N LYS I 335 33.67 17.10 42.13
CA LYS I 335 35.06 17.20 41.74
C LYS I 335 35.35 18.54 41.08
N THR I 336 36.62 18.71 40.69
CA THR I 336 37.11 19.92 40.06
C THR I 336 36.94 19.80 38.56
N ILE I 337 36.02 20.57 38.00
CA ILE I 337 35.56 20.39 36.64
C ILE I 337 36.35 21.32 35.72
N VAL I 338 37.03 20.76 34.73
CA VAL I 338 37.65 21.60 33.70
C VAL I 338 36.89 21.40 32.40
N PHE I 339 36.82 22.47 31.63
CA PHE I 339 36.29 22.45 30.28
C PHE I 339 37.45 22.77 29.36
N LYS I 340 38.11 21.73 28.90
CA LYS I 340 39.11 21.79 27.85
C LYS I 340 38.39 22.08 26.53
N PRO I 341 39.09 22.46 25.50
CA PRO I 341 38.44 22.50 24.20
C PRO I 341 38.36 21.14 23.53
N SER I 342 38.06 21.15 22.23
CA SER I 342 37.94 19.92 21.48
C SER I 342 39.32 19.33 21.21
N SER I 343 39.32 18.14 20.64
CA SER I 343 40.57 17.43 20.39
C SER I 343 41.20 17.77 19.05
N GLY I 344 40.55 18.59 18.24
CA GLY I 344 41.10 18.95 16.95
C GLY I 344 41.00 17.79 15.96
N GLY I 345 41.46 18.06 14.76
CA GLY I 345 41.42 17.04 13.73
C GLY I 345 40.51 17.42 12.59
N ASP I 346 39.63 16.51 12.19
CA ASP I 346 38.74 16.73 11.06
C ASP I 346 37.61 17.66 11.49
N PRO I 347 37.47 18.85 10.88
CA PRO I 347 36.55 19.85 11.42
C PRO I 347 35.06 19.60 11.25
N GLU I 348 34.66 18.39 10.89
CA GLU I 348 33.24 18.04 11.00
C GLU I 348 32.95 17.17 12.20
N ILE I 349 33.80 16.19 12.47
CA ILE I 349 33.65 15.39 13.68
C ILE I 349 33.94 16.25 14.90
N THR I 350 34.80 17.26 14.75
CA THR I 350 35.34 18.01 15.85
C THR I 350 34.58 19.30 16.15
N MET I 351 34.17 20.04 15.14
CA MET I 351 33.68 21.39 15.31
C MET I 351 32.15 21.49 15.41
N HIS I 352 31.65 22.70 15.33
CA HIS I 352 30.24 23.02 15.55
C HIS I 352 29.52 23.13 14.21
N HIS I 353 28.89 22.05 13.79
CA HIS I 353 28.09 22.04 12.59
C HIS I 353 26.85 22.91 12.78
N PHE I 354 26.45 23.60 11.72
CA PHE I 354 25.47 24.64 11.88
C PHE I 354 24.64 24.72 10.61
N ASN I 355 23.40 25.17 10.75
CA ASN I 355 22.39 24.98 9.72
C ASN I 355 21.70 26.31 9.41
N CYS I 356 22.49 27.32 9.07
CA CYS I 356 21.91 28.60 8.69
C CYS I 356 21.39 28.54 7.27
N ARG I 357 21.03 29.70 6.70
CA ARG I 357 20.48 29.79 5.32
C ARG I 357 21.34 28.97 4.35
N GLY I 358 20.83 27.79 3.94
CA GLY I 358 21.45 26.88 2.97
C GLY I 358 22.97 26.81 3.04
N GLU I 359 23.57 27.42 4.07
CA GLU I 359 25.01 27.42 4.22
C GLU I 359 25.33 26.77 5.56
N PHE I 360 26.52 26.19 5.67
CA PHE I 360 26.83 25.32 6.79
C PHE I 360 28.11 25.80 7.45
N PHE I 361 28.01 26.25 8.69
CA PHE I 361 29.12 26.85 9.40
C PHE I 361 29.78 25.79 10.26
N TYR I 362 31.11 25.81 10.34
CA TYR I 362 31.84 25.14 11.41
C TYR I 362 32.52 26.22 12.22
N CYS I 363 32.10 26.36 13.46
CA CYS I 363 32.58 27.42 14.33
C CYS I 363 33.52 26.80 15.37
N ASN I 364 34.78 27.20 15.34
CA ASN I 364 35.77 26.76 16.32
C ASN I 364 35.31 27.29 17.67
N THR I 365 34.75 26.39 18.47
CA THR I 365 34.04 26.75 19.70
C THR I 365 34.97 26.81 20.91
N THR I 366 36.26 27.09 20.68
CA THR I 366 37.29 26.86 21.69
C THR I 366 37.13 27.78 22.88
N LYS I 367 36.91 29.06 22.65
CA LYS I 367 36.79 29.99 23.77
C LYS I 367 35.44 29.92 24.46
N LEU I 368 34.53 29.06 24.01
CA LEU I 368 33.33 28.80 24.77
C LEU I 368 33.57 27.76 25.86
N PHE I 369 34.36 26.73 25.56
CA PHE I 369 34.56 25.65 26.51
C PHE I 369 36.03 25.63 26.92
N ASN I 370 36.34 26.48 27.90
CA ASN I 370 37.69 26.61 28.43
C ASN I 370 37.53 27.20 29.82
N SER I 371 37.60 26.35 30.84
CA SER I 371 37.53 26.82 32.22
C SER I 371 38.08 25.74 33.14
N THR I 372 38.33 26.12 34.40
CA THR I 372 38.60 25.15 35.45
C THR I 372 37.95 25.67 36.72
N TRP I 373 36.92 24.97 37.20
CA TRP I 373 36.07 25.43 38.29
C TRP I 373 36.10 24.41 39.42
N GLY I 374 36.40 24.88 40.62
CA GLY I 374 36.48 24.01 41.79
C GLY I 374 35.90 24.62 43.05
N THR I 380 35.95 33.50 35.51
CA THR I 380 36.46 34.84 35.78
C THR I 380 36.39 35.68 34.52
N ARG I 381 35.35 35.48 33.72
CA ARG I 381 35.23 36.12 32.42
C ARG I 381 34.28 37.30 32.50
N ASP I 382 34.04 37.92 31.35
CA ASP I 382 33.30 39.16 31.29
C ASP I 382 31.80 38.94 31.38
N ASN I 383 31.08 40.04 31.53
CA ASN I 383 29.67 40.13 31.21
C ASN I 383 29.46 40.79 29.86
N GLY I 384 30.35 40.51 28.91
CA GLY I 384 30.36 41.22 27.65
C GLY I 384 29.88 40.42 26.45
N THR I 385 30.80 39.95 25.62
CA THR I 385 30.44 39.24 24.39
C THR I 385 31.59 38.32 24.00
N ILE I 386 31.27 37.05 23.75
CA ILE I 386 32.21 36.07 23.21
C ILE I 386 31.93 35.96 21.72
N THR I 387 32.96 36.19 20.91
CA THR I 387 32.83 36.11 19.46
C THR I 387 33.65 34.94 18.94
N ILE I 388 33.00 34.02 18.24
CA ILE I 388 33.67 32.85 17.69
C ILE I 388 33.65 32.88 16.17
N PRO I 389 34.75 32.58 15.51
CA PRO I 389 34.79 32.55 14.06
C PRO I 389 34.09 31.32 13.54
N CYS I 390 33.73 31.33 12.25
CA CYS I 390 33.07 30.19 11.63
C CYS I 390 33.57 30.02 10.22
N ARG I 391 34.39 29.00 9.99
CA ARG I 391 34.73 28.57 8.63
C ARG I 391 33.49 27.94 8.02
N ILE I 392 33.02 28.45 6.89
CA ILE I 392 31.77 27.95 6.33
C ILE I 392 32.14 26.91 5.28
N LYS I 393 31.16 26.15 4.82
CA LYS I 393 31.44 24.99 3.98
C LYS I 393 30.30 24.81 2.99
N GLN I 394 30.64 24.44 1.77
CA GLN I 394 29.64 24.19 0.73
C GLN I 394 29.31 22.70 0.58
N ILE I 395 30.29 21.89 0.19
CA ILE I 395 30.06 20.46 -0.05
C ILE I 395 30.17 19.72 1.26
N ILE I 396 29.06 19.25 1.78
CA ILE I 396 29.02 18.63 3.09
C ILE I 396 28.69 17.16 2.94
N ASN I 397 29.50 16.31 3.56
CA ASN I 397 29.08 14.95 3.86
C ASN I 397 28.46 15.06 5.25
N MET I 398 27.22 15.57 5.27
CA MET I 398 26.59 16.08 6.49
C MET I 398 26.55 15.05 7.60
N TRP I 399 26.30 13.81 7.23
CA TRP I 399 26.31 12.71 8.15
C TRP I 399 27.45 11.78 7.76
N GLN I 400 28.18 11.27 8.74
CA GLN I 400 29.54 10.79 8.55
C GLN I 400 29.51 9.48 7.75
N GLY I 401 29.36 9.65 6.43
CA GLY I 401 29.32 8.53 5.52
C GLY I 401 27.93 7.95 5.31
N VAL I 402 27.05 8.08 6.29
CA VAL I 402 25.75 7.43 6.24
C VAL I 402 24.74 8.44 5.68
N GLY I 403 24.35 8.24 4.43
CA GLY I 403 23.57 9.19 3.68
C GLY I 403 24.31 9.58 2.43
N GLN I 404 23.91 10.70 1.83
CA GLN I 404 24.64 11.19 0.67
C GLN I 404 25.02 12.64 0.85
N ALA I 405 25.92 13.08 -0.03
CA ALA I 405 26.52 14.40 0.00
C ALA I 405 25.53 15.44 -0.48
N MET I 406 25.98 16.70 -0.52
CA MET I 406 25.19 17.83 -0.95
C MET I 406 26.07 19.04 -1.22
N TYR I 407 25.92 19.68 -2.38
CA TYR I 407 26.47 21.00 -2.58
C TYR I 407 25.49 21.99 -1.99
N ALA I 408 25.98 22.85 -1.11
CA ALA I 408 25.13 23.90 -0.57
C ALA I 408 25.48 25.20 -1.27
N PRO I 409 24.61 25.77 -2.08
CA PRO I 409 24.92 27.01 -2.75
C PRO I 409 24.77 28.18 -1.80
N PRO I 410 25.66 29.17 -1.88
CA PRO I 410 25.49 30.37 -1.06
C PRO I 410 24.34 31.19 -1.59
N ILE I 411 23.71 31.96 -0.70
CA ILE I 411 22.37 32.39 -1.06
C ILE I 411 22.41 33.67 -1.88
N LYS I 412 22.61 34.83 -1.23
CA LYS I 412 22.89 36.06 -1.97
C LYS I 412 23.86 37.02 -1.30
N GLY I 413 24.22 36.85 -0.03
CA GLY I 413 24.96 37.91 0.62
C GLY I 413 24.87 37.94 2.12
N VAL I 414 24.55 39.09 2.72
CA VAL I 414 24.62 39.20 4.17
C VAL I 414 23.47 38.44 4.79
N ILE I 415 23.80 37.51 5.70
CA ILE I 415 22.83 36.58 6.25
C ILE I 415 22.87 36.59 7.77
N LYS I 416 21.70 36.76 8.37
CA LYS I 416 21.56 36.77 9.81
C LYS I 416 20.58 35.67 10.17
N CYS I 417 21.02 34.71 10.95
CA CYS I 417 20.11 33.74 11.54
C CYS I 417 20.21 33.81 13.06
N LEU I 418 19.07 34.13 13.68
CA LEU I 418 18.94 34.19 15.16
C LEU I 418 18.66 32.75 15.64
N SER I 419 19.38 32.28 16.66
CA SER I 419 19.20 30.93 17.12
C SER I 419 19.28 30.87 18.64
N ASN I 420 18.69 29.84 19.20
CA ASN I 420 18.72 29.61 20.64
C ASN I 420 19.63 28.42 20.87
N ILE I 421 20.87 28.66 21.25
CA ILE I 421 21.71 27.57 21.73
C ILE I 421 21.15 27.06 23.05
N THR I 422 20.93 25.74 23.11
CA THR I 422 20.12 25.14 24.18
C THR I 422 20.80 23.92 24.77
N GLY I 423 21.62 23.24 23.99
CA GLY I 423 22.22 22.02 24.49
C GLY I 423 23.73 22.03 24.44
N ILE I 424 24.37 21.11 25.15
CA ILE I 424 25.80 20.89 25.04
C ILE I 424 26.00 19.40 24.86
N LEU I 425 27.07 19.01 24.13
CA LEU I 425 27.47 17.61 24.02
C LEU I 425 28.91 17.47 24.53
N LEU I 426 29.05 16.89 25.72
CA LEU I 426 30.31 16.81 26.44
C LEU I 426 30.76 15.36 26.55
N THR I 427 32.00 15.07 26.14
CA THR I 427 32.58 13.76 26.40
C THR I 427 33.77 13.88 27.34
N ARG I 428 33.58 13.40 28.56
CA ARG I 428 34.64 13.21 29.53
C ARG I 428 35.72 12.27 28.97
N ASP I 429 36.96 12.47 29.38
CA ASP I 429 38.07 11.72 28.84
C ASP I 429 38.57 10.65 29.81
N GLY I 430 39.56 9.88 29.36
CA GLY I 430 40.25 8.93 30.22
C GLY I 430 41.69 9.33 30.50
N GLY I 431 41.96 9.79 31.72
CA GLY I 431 43.29 10.23 32.08
C GLY I 431 44.30 9.10 32.25
N ASN I 437 43.85 14.84 40.49
CA ASN I 437 42.54 14.81 41.11
C ASN I 437 41.62 15.81 40.42
N ASN I 438 41.70 15.82 39.09
CA ASN I 438 40.87 16.66 38.24
C ASN I 438 40.05 15.80 37.28
N GLU I 439 39.17 16.48 36.55
CA GLU I 439 38.27 15.84 35.61
C GLU I 439 38.02 16.82 34.48
N THR I 440 37.59 16.30 33.34
CA THR I 440 37.54 17.05 32.09
C THR I 440 36.23 16.80 31.37
N PHE I 441 35.70 17.83 30.70
CA PHE I 441 34.64 17.65 29.70
C PHE I 441 35.10 18.22 28.37
N ARG I 442 35.89 17.44 27.64
CA ARG I 442 36.27 17.75 26.28
C ARG I 442 35.01 17.73 25.42
N PRO I 443 34.67 18.78 24.73
CA PRO I 443 33.42 18.78 23.98
C PRO I 443 33.59 18.10 22.64
N GLY I 444 33.08 16.87 22.52
CA GLY I 444 32.97 16.21 21.25
C GLY I 444 31.56 15.69 21.07
N GLY I 445 31.25 15.28 19.85
CA GLY I 445 29.92 14.79 19.59
C GLY I 445 29.82 13.31 19.85
N GLY I 446 29.47 12.55 18.82
CA GLY I 446 29.30 11.13 18.93
C GLY I 446 28.44 10.68 17.78
N ASN I 447 27.44 9.86 18.06
CA ASN I 447 26.48 9.49 17.03
C ASN I 447 25.60 10.69 16.70
N ILE I 448 24.94 10.62 15.55
CA ILE I 448 24.19 11.78 15.08
C ILE I 448 22.79 11.79 15.66
N LYS I 449 22.20 10.61 15.92
CA LYS I 449 20.87 10.49 16.52
C LYS I 449 20.81 11.08 17.91
N ASP I 450 21.96 11.22 18.57
CA ASP I 450 22.18 11.97 19.78
C ASP I 450 21.53 13.34 19.75
N ASN I 451 21.63 13.99 18.61
CA ASN I 451 21.07 15.33 18.40
C ASN I 451 19.58 15.39 18.65
N TRP I 452 18.87 14.27 18.52
CA TRP I 452 17.44 14.30 18.80
C TRP I 452 17.10 13.69 20.14
N ARG I 453 18.06 13.07 20.84
CA ARG I 453 17.69 12.42 22.09
C ARG I 453 17.39 13.40 23.20
N ASN I 454 17.70 14.67 23.01
CA ASN I 454 17.25 15.69 23.92
C ASN I 454 15.78 16.04 23.76
N GLU I 455 15.17 15.66 22.66
CA GLU I 455 13.79 15.99 22.41
C GLU I 455 12.89 14.78 22.36
N LEU I 456 13.44 13.58 22.46
CA LEU I 456 12.63 12.37 22.49
C LEU I 456 12.89 11.58 23.75
N TYR I 457 13.41 12.22 24.80
CA TYR I 457 13.50 11.52 26.07
C TYR I 457 12.14 11.26 26.65
N LYS I 458 11.20 12.17 26.42
CA LYS I 458 9.95 12.10 27.16
C LYS I 458 9.03 11.03 26.59
N TYR I 459 9.29 10.53 25.40
CA TYR I 459 8.30 9.77 24.66
C TYR I 459 8.65 8.29 24.57
N LYS I 460 7.65 7.49 24.24
CA LYS I 460 7.76 6.04 24.24
C LYS I 460 6.60 5.46 23.43
N VAL I 461 6.89 4.80 22.31
CA VAL I 461 5.81 4.20 21.54
C VAL I 461 5.32 2.98 22.27
N VAL I 462 4.01 2.83 22.38
CA VAL I 462 3.43 1.79 23.21
C VAL I 462 2.27 1.15 22.47
N GLN I 463 2.18 -0.18 22.54
CA GLN I 463 1.15 -0.93 21.84
C GLN I 463 0.00 -1.16 22.77
N ILE I 464 -1.21 -1.07 22.25
CA ILE I 464 -2.39 -1.35 23.04
C ILE I 464 -2.94 -2.70 22.65
N GLU I 465 -3.02 -3.60 23.62
CA GLU I 465 -3.79 -4.84 23.46
C GLU I 465 -5.10 -4.67 24.18
N PRO I 466 -6.19 -4.40 23.46
CA PRO I 466 -7.41 -3.86 24.08
C PRO I 466 -8.40 -4.92 24.50
N LEU I 467 -8.04 -6.19 24.45
CA LEU I 467 -9.04 -7.23 24.56
C LEU I 467 -8.71 -7.98 25.84
N GLY I 468 -9.29 -7.52 26.92
CA GLY I 468 -8.98 -8.05 28.23
C GLY I 468 -10.06 -9.01 28.64
N ILE I 469 -9.69 -9.98 29.46
CA ILE I 469 -10.61 -11.05 29.82
C ILE I 469 -10.72 -11.05 31.34
N ALA I 470 -11.76 -10.43 31.86
CA ALA I 470 -11.88 -10.25 33.29
C ALA I 470 -13.06 -11.04 33.82
N PRO I 471 -12.99 -11.55 35.02
CA PRO I 471 -14.13 -12.30 35.54
C PRO I 471 -15.14 -11.46 36.32
N THR I 472 -16.41 -11.63 35.96
CA THR I 472 -17.57 -11.16 36.70
C THR I 472 -18.74 -12.10 36.40
N LYS I 473 -19.94 -11.71 36.84
CA LYS I 473 -21.08 -12.62 36.95
C LYS I 473 -22.17 -12.26 35.97
N CYS I 474 -22.25 -12.99 34.84
CA CYS I 474 -23.19 -12.62 33.79
C CYS I 474 -24.17 -13.69 33.35
N LYS I 475 -23.69 -14.83 32.83
CA LYS I 475 -24.47 -15.77 31.99
C LYS I 475 -25.25 -15.06 30.87
N ARG I 476 -24.51 -14.62 29.87
CA ARG I 476 -25.16 -14.19 28.64
C ARG I 476 -24.49 -14.85 27.45
N ARG I 477 -24.93 -14.44 26.26
CA ARG I 477 -24.36 -14.76 24.92
C ARG I 477 -23.87 -16.17 24.66
N GLY J 3 -13.74 1.85 20.02
CA GLY J 3 -12.38 2.21 19.68
C GLY J 3 -12.20 3.60 19.12
N LEU J 4 -11.16 4.32 19.59
CA LEU J 4 -11.09 5.78 19.54
C LEU J 4 -10.26 6.38 18.42
N GLY J 5 -9.39 5.61 17.72
CA GLY J 5 -8.49 6.13 16.66
C GLY J 5 -8.96 6.59 15.25
N ALA J 6 -8.09 7.23 14.42
CA ALA J 6 -8.50 7.72 13.06
C ALA J 6 -9.02 6.48 12.35
N MET J 7 -8.18 5.45 12.18
CA MET J 7 -8.93 4.22 12.08
C MET J 7 -9.15 3.76 13.51
N ILE J 8 -10.25 3.08 13.74
CA ILE J 8 -10.82 3.05 15.07
C ILE J 8 -10.26 1.95 15.97
N PHE J 9 -9.68 2.36 17.10
CA PHE J 9 -9.05 1.43 18.02
C PHE J 9 -8.96 2.11 19.38
N GLY J 10 -9.07 1.32 20.45
CA GLY J 10 -9.34 1.88 21.77
C GLY J 10 -8.18 2.71 22.29
N PHE J 11 -8.56 3.72 23.08
CA PHE J 11 -7.65 4.66 23.71
C PHE J 11 -7.61 4.29 25.19
N LEU J 12 -6.50 4.59 25.85
CA LEU J 12 -6.31 4.19 27.23
C LEU J 12 -6.97 5.23 28.13
N GLY J 13 -8.26 5.05 28.32
CA GLY J 13 -8.96 5.89 29.25
C GLY J 13 -8.66 5.47 30.67
N ALA J 14 -7.87 6.28 31.38
CA ALA J 14 -7.69 6.21 32.83
C ALA J 14 -7.11 4.86 33.26
N ALA J 15 -5.87 4.63 32.83
CA ALA J 15 -5.22 3.36 33.10
C ALA J 15 -4.92 3.18 34.57
N GLY J 16 -4.48 4.24 35.23
CA GLY J 16 -4.18 4.14 36.64
C GLY J 16 -5.38 4.03 37.53
N SER J 17 -6.58 4.25 37.00
CA SER J 17 -7.77 4.09 37.80
C SER J 17 -8.04 2.62 38.07
N THR J 18 -8.30 2.31 39.32
CA THR J 18 -8.73 0.99 39.75
C THR J 18 -10.09 0.66 39.13
N MET J 19 -10.31 -0.65 38.89
CA MET J 19 -11.46 -1.28 38.26
C MET J 19 -12.84 -0.65 38.36
N GLY J 20 -13.24 -0.27 39.58
CA GLY J 20 -14.61 0.17 39.80
C GLY J 20 -14.91 1.50 39.15
N ALA J 21 -13.91 2.35 38.99
CA ALA J 21 -14.08 3.59 38.23
C ALA J 21 -13.73 3.40 36.77
N ALA J 22 -12.82 2.46 36.48
CA ALA J 22 -12.30 2.33 35.13
C ALA J 22 -13.32 1.73 34.18
N SER J 23 -14.28 0.96 34.68
CA SER J 23 -15.36 0.47 33.82
C SER J 23 -16.30 1.60 33.43
N ILE J 24 -16.61 2.46 34.39
CA ILE J 24 -17.38 3.67 34.11
C ILE J 24 -16.65 4.55 33.10
N THR J 25 -15.33 4.65 33.23
CA THR J 25 -14.61 5.48 32.27
C THR J 25 -14.39 4.80 30.94
N LEU J 26 -14.55 3.47 30.93
CA LEU J 26 -14.54 2.67 29.67
C LEU J 26 -15.81 3.04 28.87
N THR J 27 -16.95 3.16 29.56
CA THR J 27 -18.21 3.57 28.94
C THR J 27 -18.16 5.03 28.48
N VAL J 28 -17.58 5.91 29.29
CA VAL J 28 -17.46 7.31 28.88
C VAL J 28 -16.39 7.46 27.78
N GLN J 29 -15.39 6.58 27.78
CA GLN J 29 -14.48 6.42 26.65
C GLN J 29 -15.25 6.21 25.36
N ALA J 30 -16.19 5.26 25.37
CA ALA J 30 -17.03 4.98 24.20
C ALA J 30 -17.80 6.22 23.74
N ARG J 31 -18.46 6.90 24.72
CA ARG J 31 -19.31 8.05 24.44
C ARG J 31 -18.55 9.17 23.76
N GLN J 32 -17.39 9.53 24.30
CA GLN J 32 -16.70 10.63 23.63
C GLN J 32 -15.95 10.17 22.39
N LEU J 33 -15.50 8.91 22.40
CA LEU J 33 -14.63 8.33 21.34
C LEU J 33 -15.27 8.33 19.94
N LEU J 34 -16.57 8.05 19.81
CA LEU J 34 -17.10 7.93 18.45
C LEU J 34 -17.53 9.29 17.88
N SER J 35 -17.68 10.31 18.72
CA SER J 35 -17.84 11.64 18.14
C SER J 35 -16.50 12.32 17.90
N GLY J 36 -15.46 11.92 18.65
CA GLY J 36 -14.11 12.35 18.31
C GLY J 36 -13.62 11.76 17.00
N ILE J 37 -14.19 10.65 16.58
CA ILE J 37 -13.86 10.03 15.33
C ILE J 37 -14.46 10.80 14.16
N GLY J 61 6.09 7.79 2.12
CA GLY J 61 4.64 7.79 2.17
C GLY J 61 4.06 6.39 2.36
N ILE J 62 4.92 5.40 2.12
CA ILE J 62 4.49 4.01 2.29
C ILE J 62 4.41 3.64 3.76
N LYS J 63 5.01 4.45 4.64
CA LYS J 63 4.94 4.17 6.07
C LYS J 63 3.53 4.33 6.60
N GLN J 64 2.83 5.40 6.20
CA GLN J 64 1.46 5.61 6.63
C GLN J 64 0.53 4.51 6.13
N LEU J 65 0.65 4.18 4.84
CA LEU J 65 -0.20 3.15 4.26
C LEU J 65 0.06 1.78 4.89
N GLN J 66 1.33 1.41 5.04
CA GLN J 66 1.71 0.14 5.65
C GLN J 66 1.22 0.04 7.09
N ALA J 67 1.36 1.13 7.85
CA ALA J 67 0.95 1.12 9.24
C ALA J 67 -0.55 1.00 9.38
N ARG J 68 -1.31 1.75 8.57
CA ARG J 68 -2.74 1.64 8.77
C ARG J 68 -3.35 0.40 8.13
N VAL J 69 -2.67 -0.23 7.18
CA VAL J 69 -3.16 -1.52 6.70
C VAL J 69 -2.98 -2.58 7.78
N LEU J 70 -1.83 -2.60 8.44
CA LEU J 70 -1.75 -3.56 9.53
C LEU J 70 -2.58 -3.13 10.74
N ALA J 71 -2.95 -1.85 10.83
CA ALA J 71 -3.96 -1.45 11.80
C ALA J 71 -5.32 -2.04 11.47
N VAL J 72 -5.73 -2.00 10.19
CA VAL J 72 -6.93 -2.70 9.73
C VAL J 72 -6.86 -4.17 10.09
N GLU J 73 -5.71 -4.79 9.82
CA GLU J 73 -5.56 -6.23 9.98
C GLU J 73 -5.68 -6.61 11.44
N ARG J 74 -5.03 -5.87 12.34
CA ARG J 74 -5.12 -6.21 13.74
C ARG J 74 -6.47 -5.83 14.32
N TYR J 75 -7.12 -4.82 13.75
CA TYR J 75 -8.47 -4.50 14.19
C TYR J 75 -9.46 -5.58 13.82
N LEU J 76 -9.43 -6.04 12.57
CA LEU J 76 -10.35 -7.08 12.15
C LEU J 76 -10.05 -8.38 12.87
N GLN J 77 -8.80 -8.59 13.26
CA GLN J 77 -8.47 -9.69 14.14
C GLN J 77 -9.19 -9.59 15.47
N ASP J 78 -9.10 -8.43 16.13
CA ASP J 78 -9.71 -8.39 17.46
C ASP J 78 -11.25 -8.31 17.39
N GLN J 79 -11.80 -7.75 16.32
CA GLN J 79 -13.22 -7.95 16.16
C GLN J 79 -13.60 -9.35 15.72
N LYS J 80 -12.70 -10.14 15.16
CA LYS J 80 -13.15 -11.50 14.95
C LYS J 80 -13.10 -12.27 16.27
N PHE J 81 -12.25 -11.84 17.21
CA PHE J 81 -12.32 -12.47 18.53
C PHE J 81 -13.62 -12.09 19.21
N LEU J 82 -14.07 -10.86 19.02
CA LEU J 82 -15.42 -10.59 19.49
C LEU J 82 -16.49 -11.16 18.57
N GLY J 83 -16.12 -11.68 17.41
CA GLY J 83 -17.11 -12.24 16.54
C GLY J 83 -17.38 -13.68 16.89
N LEU J 84 -16.32 -14.39 17.24
CA LEU J 84 -16.39 -15.82 17.43
C LEU J 84 -16.69 -16.19 18.86
N TRP J 85 -17.02 -15.20 19.68
CA TRP J 85 -17.53 -15.43 21.02
C TRP J 85 -18.95 -14.92 21.17
N GLY J 86 -19.64 -14.73 20.05
CA GLY J 86 -20.99 -14.20 20.06
C GLY J 86 -21.10 -12.74 20.46
N CYS J 87 -19.98 -12.06 20.64
CA CYS J 87 -19.98 -10.72 21.17
C CYS J 87 -20.17 -9.66 20.10
N SER J 88 -20.02 -10.03 18.84
CA SER J 88 -20.49 -9.27 17.68
C SER J 88 -19.83 -7.91 17.54
N GLY J 89 -18.68 -7.70 18.17
CA GLY J 89 -18.05 -6.40 18.10
C GLY J 89 -18.75 -5.35 18.93
N LYS J 90 -18.84 -5.65 20.24
CA LYS J 90 -19.45 -4.78 21.29
C LYS J 90 -18.69 -5.00 22.61
N ILE J 91 -18.62 -3.97 23.47
CA ILE J 91 -17.92 -4.04 24.79
C ILE J 91 -18.84 -4.65 25.86
N ILE J 92 -18.25 -5.06 26.99
CA ILE J 92 -19.01 -5.63 28.15
C ILE J 92 -19.87 -6.80 27.67
N CYS J 93 -19.28 -7.74 26.94
CA CYS J 93 -20.02 -8.84 26.35
C CYS J 93 -19.83 -10.06 27.24
N CYS J 94 -20.86 -10.43 27.96
CA CYS J 94 -20.75 -11.52 28.90
C CYS J 94 -21.04 -12.84 28.23
N THR J 95 -20.18 -13.83 28.44
CA THR J 95 -20.42 -15.17 27.94
C THR J 95 -20.33 -16.19 29.06
N ALA J 96 -20.72 -17.42 28.73
CA ALA J 96 -20.94 -18.48 29.71
C ALA J 96 -19.73 -19.42 29.74
N VAL J 97 -18.76 -19.09 30.57
CA VAL J 97 -17.63 -19.97 30.85
C VAL J 97 -17.45 -20.05 32.36
N PRO J 98 -17.32 -21.24 32.93
CA PRO J 98 -16.77 -21.34 34.28
C PRO J 98 -15.33 -20.86 34.37
N TRP J 99 -15.11 -19.72 35.03
CA TRP J 99 -13.78 -19.16 35.21
C TRP J 99 -13.08 -19.91 36.32
N ASN J 100 -12.10 -20.73 35.94
CA ASN J 100 -11.49 -21.67 36.87
C ASN J 100 -10.66 -20.94 37.92
N SER J 101 -10.69 -21.49 39.13
CA SER J 101 -9.88 -20.99 40.23
C SER J 101 -8.40 -21.31 40.04
N SER J 102 -8.06 -22.17 39.09
CA SER J 102 -6.67 -22.35 38.71
C SER J 102 -6.18 -21.19 37.84
N TRP J 103 -7.07 -20.55 37.08
CA TRP J 103 -6.68 -19.35 36.36
C TRP J 103 -6.48 -18.20 37.32
N SER J 104 -7.30 -18.16 38.36
CA SER J 104 -7.19 -17.21 39.46
C SER J 104 -8.09 -17.64 40.60
N ASN J 105 -7.54 -17.81 41.80
CA ASN J 105 -8.40 -18.05 42.96
C ASN J 105 -8.92 -16.78 43.57
N LYS J 106 -8.70 -15.65 42.92
CA LYS J 106 -8.93 -14.39 43.58
C LYS J 106 -10.41 -14.04 43.62
N THR J 107 -10.80 -13.38 44.68
CA THR J 107 -12.16 -12.93 44.91
C THR J 107 -12.42 -11.73 43.97
N PHE J 108 -13.70 -11.40 43.80
CA PHE J 108 -14.05 -10.31 42.90
C PHE J 108 -13.55 -8.98 43.43
N GLU J 109 -14.08 -8.54 44.57
CA GLU J 109 -13.77 -7.22 45.08
C GLU J 109 -12.30 -7.10 45.49
N GLU J 110 -11.66 -8.23 45.77
CA GLU J 110 -10.21 -8.34 45.91
C GLU J 110 -9.48 -7.74 44.72
N ILE J 111 -9.75 -8.21 43.51
CA ILE J 111 -9.11 -7.60 42.36
C ILE J 111 -9.87 -6.40 41.86
N TRP J 112 -11.18 -6.36 42.02
CA TRP J 112 -11.89 -5.24 41.44
C TRP J 112 -11.92 -4.00 42.31
N ASN J 113 -11.17 -3.98 43.43
CA ASN J 113 -10.94 -2.71 44.13
C ASN J 113 -9.53 -2.57 44.68
N ASN J 114 -8.55 -3.32 44.18
CA ASN J 114 -7.21 -3.26 44.74
C ASN J 114 -6.16 -3.48 43.67
N MET J 115 -6.43 -3.00 42.46
CA MET J 115 -5.67 -3.42 41.27
C MET J 115 -6.04 -2.48 40.13
N THR J 116 -5.21 -2.47 39.08
CA THR J 116 -5.56 -1.92 37.79
C THR J 116 -5.41 -2.99 36.72
N TRP J 117 -5.71 -2.62 35.48
CA TRP J 117 -5.94 -3.65 34.49
C TRP J 117 -4.66 -4.22 33.89
N ILE J 118 -3.59 -3.42 33.81
CA ILE J 118 -2.37 -3.93 33.18
C ILE J 118 -1.71 -4.99 34.04
N GLU J 119 -1.68 -4.79 35.35
CA GLU J 119 -1.07 -5.84 36.18
C GLU J 119 -1.94 -7.07 36.28
N TRP J 120 -3.24 -6.95 36.03
CA TRP J 120 -4.00 -8.18 35.96
C TRP J 120 -3.78 -8.89 34.65
N GLU J 121 -3.51 -8.17 33.57
CA GLU J 121 -3.16 -8.88 32.35
C GLU J 121 -1.78 -9.49 32.42
N ARG J 122 -0.90 -8.91 33.23
CA ARG J 122 0.38 -9.55 33.49
C ARG J 122 0.18 -10.82 34.31
N GLU J 123 -0.78 -10.82 35.23
CA GLU J 123 -1.07 -12.00 36.04
C GLU J 123 -1.49 -13.19 35.18
N ILE J 124 -2.37 -12.98 34.22
CA ILE J 124 -2.97 -14.09 33.53
C ILE J 124 -2.49 -14.21 32.09
N SER J 125 -1.33 -13.65 31.76
CA SER J 125 -0.82 -13.81 30.41
C SER J 125 -0.32 -15.22 30.12
N ASN J 126 -0.24 -16.09 31.12
CA ASN J 126 0.00 -17.51 30.90
C ASN J 126 -1.28 -18.29 30.69
N TYR J 127 -2.38 -17.62 30.44
CA TYR J 127 -3.60 -18.36 30.22
C TYR J 127 -4.40 -17.92 29.02
N THR J 128 -4.03 -16.82 28.36
CA THR J 128 -4.91 -16.14 27.41
C THR J 128 -5.23 -16.99 26.21
N SER J 129 -4.28 -17.80 25.75
CA SER J 129 -4.58 -18.73 24.67
C SER J 129 -5.55 -19.81 25.14
N GLN J 130 -5.40 -20.26 26.39
CA GLN J 130 -6.35 -21.23 26.93
C GLN J 130 -7.71 -20.59 27.16
N ILE J 131 -7.76 -19.30 27.50
CA ILE J 131 -9.06 -18.66 27.68
C ILE J 131 -9.76 -18.50 26.34
N TYR J 132 -9.00 -18.18 25.29
CA TYR J 132 -9.61 -18.03 23.96
C TYR J 132 -10.11 -19.37 23.47
N ASP J 133 -9.35 -20.42 23.78
CA ASP J 133 -9.76 -21.81 23.57
C ASP J 133 -11.10 -22.11 24.24
N ILE J 134 -11.21 -21.81 25.53
CA ILE J 134 -12.39 -22.22 26.26
C ILE J 134 -13.61 -21.38 25.89
N LEU J 135 -13.42 -20.09 25.59
CA LEU J 135 -14.56 -19.31 25.14
C LEU J 135 -15.03 -19.73 23.76
N THR J 136 -14.12 -20.27 22.95
CA THR J 136 -14.59 -20.72 21.64
C THR J 136 -15.35 -22.03 21.73
N ILE J 137 -14.93 -22.96 22.60
CA ILE J 137 -15.78 -24.14 22.76
C ILE J 137 -17.11 -23.77 23.39
N SER J 138 -17.14 -22.76 24.28
CA SER J 138 -18.41 -22.37 24.85
C SER J 138 -19.31 -21.67 23.84
N GLN J 139 -18.77 -20.89 22.91
CA GLN J 139 -19.65 -20.24 21.94
C GLN J 139 -20.17 -21.24 20.91
N THR J 140 -19.31 -22.15 20.44
CA THR J 140 -19.83 -23.13 19.50
C THR J 140 -20.77 -24.10 20.20
N GLN J 141 -20.58 -24.33 21.50
CA GLN J 141 -21.49 -25.18 22.24
C GLN J 141 -22.83 -24.50 22.43
N GLN J 142 -22.82 -23.19 22.70
CA GLN J 142 -24.05 -22.44 22.90
C GLN J 142 -24.85 -22.37 21.61
N GLU J 143 -24.19 -22.12 20.47
CA GLU J 143 -24.98 -22.02 19.26
C GLU J 143 -25.40 -23.40 18.77
N LYS J 144 -24.62 -24.44 19.03
CA LYS J 144 -25.09 -25.77 18.64
C LYS J 144 -26.23 -26.24 19.54
N ASN J 145 -26.26 -25.81 20.80
CA ASN J 145 -27.39 -26.20 21.63
C ASN J 145 -28.66 -25.43 21.29
N GLU J 146 -28.57 -24.16 20.91
CA GLU J 146 -29.81 -23.55 20.43
C GLU J 146 -30.12 -23.98 19.00
N LYS J 147 -29.11 -24.48 18.28
CA LYS J 147 -29.35 -25.15 17.01
C LYS J 147 -30.18 -26.40 17.21
N ASP J 148 -29.98 -27.11 18.32
CA ASP J 148 -30.90 -28.19 18.68
C ASP J 148 -32.26 -27.62 19.07
N LEU J 149 -32.30 -26.81 20.11
CA LEU J 149 -33.56 -26.24 20.61
C LEU J 149 -34.17 -25.21 19.66
N GLN K 1 28.27 -7.92 29.81
CA GLN K 1 26.95 -8.09 30.40
C GLN K 1 26.93 -7.61 31.84
N ILE K 2 25.83 -7.89 32.54
CA ILE K 2 25.70 -7.51 33.93
C ILE K 2 26.63 -8.36 34.78
N HIS K 3 27.28 -7.73 35.76
CA HIS K 3 28.06 -8.45 36.77
C HIS K 3 27.95 -7.71 38.07
N LEU K 4 28.06 -8.44 39.17
CA LEU K 4 27.92 -7.89 40.50
C LEU K 4 29.12 -8.26 41.33
N VAL K 5 29.65 -7.30 42.09
CA VAL K 5 30.59 -7.59 43.17
C VAL K 5 30.15 -6.77 44.37
N GLN K 6 30.80 -7.03 45.50
CA GLN K 6 30.53 -6.27 46.71
C GLN K 6 31.80 -6.25 47.56
N SER K 7 31.64 -5.88 48.84
CA SER K 7 32.74 -5.89 49.78
C SER K 7 33.21 -7.32 50.07
N GLY K 8 34.33 -7.43 50.76
CA GLY K 8 34.90 -8.72 51.10
C GLY K 8 34.19 -9.38 52.27
N THR K 9 34.93 -10.24 52.97
CA THR K 9 34.41 -10.95 54.12
C THR K 9 34.87 -10.24 55.39
N GLU K 10 33.91 -9.78 56.19
CA GLU K 10 34.21 -9.02 57.38
C GLU K 10 33.72 -9.75 58.62
N VAL K 11 34.59 -9.89 59.61
CA VAL K 11 34.24 -10.45 60.91
C VAL K 11 34.38 -9.35 61.95
N LYS K 12 33.32 -9.15 62.75
CA LYS K 12 33.32 -8.05 63.70
C LYS K 12 32.89 -8.49 65.08
N LYS K 13 32.73 -7.56 65.95
CA LYS K 13 32.38 -7.74 67.34
C LYS K 13 30.87 -7.78 67.52
N PRO K 14 30.39 -8.50 68.53
CA PRO K 14 28.98 -8.39 68.90
C PRO K 14 28.66 -6.98 69.39
N GLY K 15 27.55 -6.45 68.89
CA GLY K 15 27.19 -5.08 69.20
C GLY K 15 27.89 -4.04 68.34
N SER K 16 28.50 -4.45 67.24
CA SER K 16 29.08 -3.51 66.31
C SER K 16 28.03 -3.15 65.25
N SER K 17 28.46 -2.43 64.22
CA SER K 17 27.64 -2.20 63.04
C SER K 17 28.47 -2.56 61.82
N VAL K 18 27.80 -3.02 60.78
CA VAL K 18 28.47 -3.47 59.57
C VAL K 18 27.81 -2.80 58.37
N THR K 19 28.61 -2.53 57.35
CA THR K 19 28.14 -2.10 56.04
C THR K 19 28.75 -2.98 54.97
N VAL K 20 27.92 -3.39 54.00
CA VAL K 20 28.32 -4.22 52.89
C VAL K 20 27.98 -3.46 51.61
N SER K 21 28.95 -3.35 50.72
CA SER K 21 28.78 -2.62 49.46
C SER K 21 27.99 -3.45 48.47
N CYS K 22 27.75 -2.85 47.30
CA CYS K 22 27.19 -3.56 46.15
C CYS K 22 27.56 -2.76 44.90
N LYS K 23 28.58 -3.20 44.19
CA LYS K 23 29.02 -2.57 42.96
C LYS K 23 28.47 -3.34 41.78
N ALA K 24 27.70 -2.66 40.94
CA ALA K 24 26.95 -3.32 39.88
C ALA K 24 27.57 -2.93 38.54
N TYR K 25 28.55 -3.70 38.11
CA TYR K 25 29.24 -3.42 36.86
C TYR K 25 28.37 -3.93 35.73
N GLY K 26 27.49 -3.06 35.24
CA GLY K 26 26.61 -3.42 34.15
C GLY K 26 25.23 -2.81 34.29
N VAL K 27 24.89 -2.36 35.49
CA VAL K 27 23.59 -1.72 35.71
C VAL K 27 23.63 -0.33 35.10
N ASN K 28 22.72 -0.05 34.17
CA ASN K 28 22.67 1.27 33.57
C ASN K 28 22.19 2.32 34.56
N THR K 29 21.35 1.92 35.51
CA THR K 29 20.98 2.72 36.66
C THR K 29 20.39 1.80 37.70
N PHE K 30 20.05 2.37 38.85
CA PHE K 30 19.15 1.72 39.79
C PHE K 30 17.79 2.37 39.80
N GLY K 31 17.54 3.28 38.87
CA GLY K 31 16.20 3.75 38.66
C GLY K 31 15.37 2.62 38.09
N LEU K 32 15.77 2.11 36.93
CA LEU K 32 14.97 1.05 36.33
C LEU K 32 15.37 -0.32 36.87
N TYR K 33 16.65 -0.61 37.07
CA TYR K 33 16.95 -1.84 37.80
C TYR K 33 16.59 -1.70 39.26
N ALA K 34 16.45 -2.83 39.93
CA ALA K 34 16.20 -2.82 41.37
C ALA K 34 17.11 -3.81 42.05
N VAL K 35 17.53 -3.52 43.28
CA VAL K 35 18.44 -4.49 43.90
C VAL K 35 17.80 -5.02 45.18
N ASN K 36 18.30 -6.19 45.58
CA ASN K 36 17.72 -6.98 46.64
C ASN K 36 18.81 -7.51 47.55
N TRP K 37 18.57 -7.42 48.84
CA TRP K 37 19.51 -7.82 49.88
C TRP K 37 18.97 -9.05 50.58
N VAL K 38 19.73 -10.14 50.52
CA VAL K 38 19.30 -11.46 50.93
C VAL K 38 20.36 -12.08 51.82
N ARG K 39 19.99 -12.50 53.04
CA ARG K 39 20.93 -13.21 53.89
C ARG K 39 20.93 -14.70 53.62
N GLN K 40 21.89 -15.40 54.22
CA GLN K 40 21.91 -16.86 54.21
C GLN K 40 22.67 -17.32 55.44
N ALA K 41 21.98 -17.93 56.38
CA ALA K 41 22.59 -18.49 57.57
C ALA K 41 23.47 -19.68 57.18
N PRO K 42 24.49 -20.03 58.01
CA PRO K 42 25.40 -21.12 57.64
C PRO K 42 24.72 -22.48 57.56
N GLY K 43 24.57 -22.99 56.34
CA GLY K 43 23.87 -24.21 56.06
C GLY K 43 22.38 -24.02 55.85
N GLN K 44 21.77 -23.17 56.67
CA GLN K 44 20.35 -22.89 56.57
C GLN K 44 20.05 -22.13 55.28
N SER K 45 18.81 -22.26 54.80
CA SER K 45 18.40 -21.69 53.52
C SER K 45 18.43 -20.17 53.56
N LEU K 46 18.46 -19.58 52.36
CA LEU K 46 18.55 -18.11 52.16
C LEU K 46 17.28 -17.42 52.69
N GLU K 47 17.45 -16.26 53.33
CA GLU K 47 16.31 -15.46 53.85
C GLU K 47 16.40 -14.03 53.31
N TYR K 48 15.30 -13.52 52.77
CA TYR K 48 15.23 -12.16 52.25
C TYR K 48 15.38 -11.12 53.37
N ILE K 49 15.98 -9.97 53.03
CA ILE K 49 16.05 -8.87 53.98
C ILE K 49 15.34 -7.64 53.43
N GLY K 50 15.87 -7.09 52.34
CA GLY K 50 15.37 -5.80 51.90
C GLY K 50 15.63 -5.55 50.44
N GLN K 51 15.29 -4.34 50.00
CA GLN K 51 15.43 -4.00 48.58
C GLN K 51 15.40 -2.49 48.40
N ILE K 52 15.96 -2.07 47.26
CA ILE K 52 15.66 -0.77 46.69
C ILE K 52 15.02 -0.99 45.33
N TRP K 53 13.99 -0.20 45.04
CA TRP K 53 13.16 -0.39 43.85
C TRP K 53 12.53 0.95 43.51
N ARG K 54 13.06 1.60 42.48
CA ARG K 54 12.72 2.96 42.07
C ARG K 54 12.79 3.93 43.23
N TRP K 55 13.84 3.76 44.04
CA TRP K 55 14.18 4.63 45.16
C TRP K 55 13.07 4.65 46.22
N LYS K 56 12.58 3.48 46.58
CA LYS K 56 11.76 3.24 47.77
C LYS K 56 12.52 2.21 48.58
N SER K 57 13.23 2.66 49.60
CA SER K 57 13.97 1.74 50.45
C SER K 57 13.03 0.95 51.31
N SER K 58 13.15 -0.39 51.28
CA SER K 58 12.30 -1.19 52.13
C SER K 58 13.11 -2.34 52.72
N ALA K 59 12.71 -2.77 53.92
CA ALA K 59 13.20 -4.00 54.51
C ALA K 59 12.01 -4.74 55.08
N SER K 60 12.25 -5.98 55.50
CA SER K 60 11.18 -6.84 55.98
C SER K 60 10.72 -6.39 57.37
N HIS K 61 9.59 -6.95 57.81
CA HIS K 61 9.13 -6.75 59.17
C HIS K 61 10.03 -7.44 60.18
N HIS K 62 10.81 -8.42 59.74
CA HIS K 62 11.88 -8.96 60.57
C HIS K 62 13.08 -8.03 60.66
N PHE K 63 13.09 -6.93 59.90
CA PHE K 63 14.22 -6.02 59.91
C PHE K 63 13.83 -4.55 59.94
N ARG K 64 12.58 -4.21 60.25
CA ARG K 64 12.14 -2.83 60.17
C ARG K 64 12.68 -2.04 61.36
N GLY K 65 13.27 -0.88 61.09
CA GLY K 65 13.72 0.00 62.14
C GLY K 65 15.04 -0.37 62.78
N ARG K 66 15.82 -1.26 62.16
CA ARG K 66 17.12 -1.62 62.70
C ARG K 66 18.16 -1.62 61.59
N VAL K 67 17.76 -2.10 60.42
CA VAL K 67 18.66 -2.29 59.29
C VAL K 67 18.33 -1.24 58.24
N LEU K 68 19.37 -0.68 57.61
CA LEU K 68 19.14 0.37 56.64
C LEU K 68 19.95 0.11 55.38
N ILE K 69 19.32 0.34 54.23
CA ILE K 69 19.96 0.12 52.93
C ILE K 69 20.00 1.43 52.18
N SER K 70 21.06 1.63 51.42
CA SER K 70 21.20 2.79 50.57
C SER K 70 21.62 2.37 49.18
N ALA K 71 21.58 3.33 48.24
CA ALA K 71 22.04 3.11 46.88
C ALA K 71 22.33 4.44 46.23
N VAL K 72 23.49 4.55 45.60
CA VAL K 72 23.82 5.61 44.67
C VAL K 72 24.10 4.97 43.34
N ASP K 73 23.44 5.45 42.30
CA ASP K 73 23.63 4.86 40.99
C ASP K 73 24.89 5.36 40.31
N LEU K 74 24.93 5.17 39.00
CA LEU K 74 26.02 5.48 38.09
C LEU K 74 26.54 6.90 38.23
N THR K 75 27.75 7.04 38.73
CA THR K 75 28.54 8.26 38.66
C THR K 75 29.75 7.98 37.79
N GLY K 76 30.70 8.89 37.79
CA GLY K 76 31.87 8.71 36.96
C GLY K 76 32.80 7.60 37.37
N SER K 77 33.46 7.74 38.51
CA SER K 77 34.39 6.70 38.94
C SER K 77 33.67 5.50 39.49
N SER K 78 32.42 5.65 39.89
CA SER K 78 31.76 4.58 40.57
C SER K 78 30.68 3.96 39.69
N PRO K 79 30.57 2.65 39.68
CA PRO K 79 29.39 2.00 39.15
C PRO K 79 28.24 2.18 40.12
N PRO K 80 27.01 1.79 39.76
CA PRO K 80 25.90 1.86 40.72
C PRO K 80 26.13 0.95 41.91
N ILE K 81 26.20 1.55 43.09
CA ILE K 81 26.57 0.86 44.33
C ILE K 81 25.47 1.05 45.35
N SER K 82 24.95 -0.05 45.86
CA SER K 82 24.08 -0.09 47.02
C SER K 82 24.87 -0.50 48.26
N SER K 83 24.23 -0.44 49.43
CA SER K 83 24.92 -0.79 50.67
C SER K 83 23.93 -1.17 51.75
N LEU K 84 24.20 -2.31 52.38
CA LEU K 84 23.41 -2.85 53.48
C LEU K 84 24.14 -2.54 54.78
N GLU K 85 23.44 -1.95 55.75
CA GLU K 85 24.07 -1.60 57.01
C GLU K 85 23.19 -2.10 58.13
N ILE K 86 23.82 -2.72 59.11
CA ILE K 86 23.13 -3.32 60.24
C ILE K 86 23.80 -2.85 61.53
N LYS K 87 23.01 -2.33 62.45
CA LYS K 87 23.44 -2.10 63.81
C LYS K 87 22.98 -3.26 64.67
N ASN K 88 23.72 -3.51 65.76
CA ASN K 88 23.46 -4.59 66.72
C ASN K 88 23.43 -5.96 66.03
N LEU K 89 24.59 -6.38 65.56
CA LEU K 89 24.74 -7.70 64.98
C LEU K 89 24.66 -8.75 66.09
N THR K 90 23.56 -9.50 66.14
CA THR K 90 23.43 -10.56 67.11
C THR K 90 24.15 -11.80 66.58
N SER K 91 24.11 -12.88 67.34
CA SER K 91 24.60 -14.16 66.83
C SER K 91 23.73 -14.69 65.71
N ASP K 92 22.47 -14.25 65.64
CA ASP K 92 21.59 -14.60 64.54
C ASP K 92 22.04 -13.96 63.24
N ASP K 93 22.66 -12.78 63.31
CA ASP K 93 23.08 -12.10 62.10
C ASP K 93 24.36 -12.66 61.50
N THR K 94 24.92 -13.71 62.10
CA THR K 94 26.05 -14.43 61.52
C THR K 94 25.55 -15.13 60.27
N ALA K 95 25.89 -14.58 59.10
CA ALA K 95 25.27 -15.05 57.87
C ALA K 95 26.09 -14.64 56.66
N VAL K 96 25.69 -15.17 55.52
CA VAL K 96 26.26 -14.81 54.23
C VAL K 96 25.30 -13.83 53.57
N TYR K 97 25.79 -12.68 53.15
CA TYR K 97 24.90 -11.68 52.60
C TYR K 97 25.06 -11.57 51.09
N PHE K 98 24.01 -11.08 50.45
CA PHE K 98 23.86 -11.10 49.00
C PHE K 98 23.18 -9.84 48.48
N CYS K 99 23.73 -9.29 47.40
CA CYS K 99 23.10 -8.21 46.66
C CYS K 99 22.80 -8.72 45.26
N THR K 100 21.60 -8.43 44.76
CA THR K 100 21.25 -8.88 43.41
C THR K 100 20.35 -7.88 42.70
N THR K 101 20.73 -7.54 41.47
CA THR K 101 19.97 -6.65 40.61
C THR K 101 18.98 -7.42 39.76
N THR K 102 17.83 -6.81 39.50
CA THR K 102 16.81 -7.34 38.61
C THR K 102 16.44 -6.27 37.59
N SER K 103 16.21 -6.71 36.36
CA SER K 103 15.80 -5.81 35.30
C SER K 103 14.31 -5.56 35.37
N THR K 104 13.92 -4.30 35.49
CA THR K 104 12.54 -3.93 35.68
C THR K 104 12.16 -2.87 34.67
N TYR K 105 12.50 -3.11 33.40
CA TYR K 105 12.08 -2.20 32.36
C TYR K 105 10.92 -2.74 31.55
N ASP K 106 11.09 -3.88 30.88
CA ASP K 106 9.99 -4.45 30.14
C ASP K 106 9.07 -5.14 31.14
N ARG K 107 7.92 -4.50 31.40
CA ARG K 107 7.10 -4.83 32.56
C ARG K 107 6.44 -6.20 32.44
N TRP K 108 6.32 -6.73 31.23
CA TRP K 108 5.71 -8.04 31.10
C TRP K 108 6.73 -9.15 30.95
N SER K 109 7.96 -8.94 31.42
CA SER K 109 8.90 -10.04 31.34
C SER K 109 8.62 -11.09 32.40
N GLY K 110 8.17 -10.68 33.57
CA GLY K 110 7.87 -11.62 34.61
C GLY K 110 8.97 -11.83 35.62
N LEU K 111 10.12 -11.20 35.43
CA LEU K 111 11.12 -11.20 36.48
C LEU K 111 10.69 -10.42 37.70
N HIS K 112 9.66 -9.57 37.59
CA HIS K 112 9.22 -8.77 38.71
C HIS K 112 7.72 -8.68 38.75
N HIS K 113 7.21 -8.39 39.95
CA HIS K 113 5.78 -8.25 40.17
C HIS K 113 5.57 -7.26 41.32
N ASP K 114 5.36 -5.99 40.94
CA ASP K 114 4.81 -4.94 41.81
C ASP K 114 5.58 -4.77 43.11
N GLY K 115 6.91 -4.82 43.01
CA GLY K 115 7.75 -4.65 44.18
C GLY K 115 8.58 -5.86 44.52
N VAL K 116 8.02 -7.04 44.42
CA VAL K 116 8.77 -8.26 44.63
C VAL K 116 9.11 -8.86 43.28
N MET K 117 10.20 -9.61 43.23
CA MET K 117 10.83 -9.88 41.96
C MET K 117 11.77 -11.08 42.04
N ALA K 118 12.01 -11.69 40.90
CA ALA K 118 12.96 -12.79 40.81
C ALA K 118 14.35 -12.25 40.52
N PHE K 119 15.34 -12.80 41.22
CA PHE K 119 16.62 -12.12 41.42
C PHE K 119 17.58 -12.57 40.31
N SER K 120 17.93 -11.66 39.42
CA SER K 120 18.53 -12.06 38.15
C SER K 120 19.99 -12.48 38.29
N SER K 121 20.86 -11.59 38.79
CA SER K 121 22.31 -11.81 38.72
C SER K 121 22.97 -11.53 40.06
N TRP K 122 23.54 -12.56 40.67
CA TRP K 122 24.02 -12.54 42.03
C TRP K 122 25.48 -12.07 42.09
N GLY K 123 25.99 -11.95 43.31
CA GLY K 123 27.37 -11.52 43.51
C GLY K 123 28.32 -12.61 43.93
N GLN K 124 28.78 -12.55 45.19
CA GLN K 124 29.74 -13.56 45.70
C GLN K 124 29.39 -14.01 47.13
N GLY K 125 28.43 -13.35 47.79
CA GLY K 125 28.08 -13.74 49.14
C GLY K 125 29.18 -13.36 50.11
N THR K 126 28.85 -12.68 51.19
CA THR K 126 29.84 -12.24 52.17
C THR K 126 29.58 -12.90 53.52
N LEU K 127 30.55 -13.66 54.00
CA LEU K 127 30.53 -14.17 55.37
C LEU K 127 30.64 -13.02 56.34
N ILE K 128 29.76 -13.03 57.33
CA ILE K 128 29.87 -12.16 58.50
C ILE K 128 29.65 -13.03 59.73
N SER K 129 30.66 -13.09 60.60
CA SER K 129 30.62 -13.88 61.82
C SER K 129 30.56 -12.97 63.03
N VAL K 130 29.91 -13.44 64.08
CA VAL K 130 29.74 -12.66 65.31
C VAL K 130 30.26 -13.44 66.51
N ASP L 1 3.30 -14.57 54.55
CA ASP L 1 2.47 -15.56 55.23
C ASP L 1 2.61 -16.94 54.62
N ILE L 2 3.78 -17.21 54.03
CA ILE L 2 4.03 -18.46 53.33
C ILE L 2 5.20 -19.15 54.01
N GLN L 3 5.06 -20.43 54.28
CA GLN L 3 6.20 -21.29 54.58
C GLN L 3 6.15 -22.41 53.56
N MET L 4 6.95 -22.27 52.51
CA MET L 4 6.95 -23.23 51.42
C MET L 4 7.59 -24.54 51.85
N THR L 5 7.27 -25.60 51.12
CA THR L 5 8.01 -26.85 51.20
C THR L 5 8.32 -27.26 49.79
N GLN L 6 9.26 -28.18 49.61
CA GLN L 6 9.41 -28.81 48.33
C GLN L 6 9.64 -30.29 48.48
N SER L 7 9.37 -31.03 47.40
CA SER L 7 9.63 -32.44 47.27
C SER L 7 10.69 -32.64 46.20
N PRO L 8 11.77 -33.38 46.47
CA PRO L 8 12.13 -34.01 47.74
C PRO L 8 12.80 -33.08 48.74
N SER L 9 13.62 -33.64 49.62
CA SER L 9 14.48 -32.88 50.50
C SER L 9 15.96 -33.07 50.18
N THR L 10 16.34 -34.27 49.77
CA THR L 10 17.70 -34.59 49.38
C THR L 10 17.62 -35.69 48.34
N LEU L 11 18.25 -35.46 47.19
CA LEU L 11 18.17 -36.48 46.11
C LEU L 11 19.50 -36.58 45.37
N SER L 12 19.78 -37.77 44.86
CA SER L 12 20.98 -38.03 44.07
C SER L 12 20.60 -38.69 42.74
N ALA L 13 21.44 -38.44 41.73
CA ALA L 13 21.36 -39.14 40.45
C ALA L 13 22.73 -39.10 39.81
N SER L 14 22.80 -39.48 38.54
CA SER L 14 24.04 -39.50 37.78
C SER L 14 23.86 -38.74 36.47
N THR L 15 24.88 -38.78 35.63
CA THR L 15 24.87 -38.06 34.38
C THR L 15 23.99 -38.75 33.36
N GLY L 16 23.45 -37.96 32.44
CA GLY L 16 22.60 -38.47 31.38
C GLY L 16 21.21 -38.90 31.82
N ASP L 17 20.81 -38.56 33.04
CA ASP L 17 19.56 -39.01 33.61
C ASP L 17 18.48 -37.94 33.44
N THR L 18 17.32 -38.18 34.05
CA THR L 18 16.19 -37.25 34.03
C THR L 18 15.64 -37.14 35.44
N VAL L 19 15.42 -35.92 35.91
CA VAL L 19 15.16 -35.71 37.33
C VAL L 19 14.11 -34.61 37.55
N ARG L 20 13.42 -34.71 38.68
CA ARG L 20 12.19 -33.96 38.97
C ARG L 20 12.23 -33.41 40.37
N ILE L 21 11.96 -32.11 40.52
CA ILE L 21 11.71 -31.50 41.82
C ILE L 21 10.45 -30.66 41.69
N SER L 22 9.61 -30.66 42.71
CA SER L 22 8.45 -29.79 42.75
C SER L 22 8.47 -29.03 44.06
N CYS L 23 7.85 -27.86 44.08
CA CYS L 23 7.72 -27.10 45.32
C CYS L 23 6.27 -26.72 45.51
N ARG L 24 5.80 -26.80 46.75
CA ARG L 24 4.41 -26.55 47.11
C ARG L 24 4.37 -25.41 48.11
N ALA L 25 3.43 -24.50 47.91
CA ALA L 25 3.22 -23.37 48.80
C ALA L 25 2.00 -23.59 49.67
N SER L 26 1.94 -22.82 50.77
CA SER L 26 0.78 -22.86 51.63
C SER L 26 -0.45 -22.27 50.95
N GLN L 27 -0.28 -21.15 50.25
CA GLN L 27 -1.37 -20.61 49.46
C GLN L 27 -1.34 -21.27 48.08
N SER L 28 -2.18 -20.77 47.17
CA SER L 28 -2.15 -21.21 45.79
C SER L 28 -2.07 -19.95 44.94
N ILE L 29 -0.84 -19.58 44.62
CA ILE L 29 -0.60 -18.45 43.73
C ILE L 29 -1.06 -18.80 42.33
N THR L 30 -1.60 -17.82 41.61
CA THR L 30 -2.20 -18.10 40.33
C THR L 30 -1.33 -17.72 39.15
N GLY L 31 -0.56 -16.66 39.25
CA GLY L 31 0.08 -16.10 38.07
C GLY L 31 1.45 -16.69 37.83
N ASN L 32 1.63 -17.93 38.28
CA ASN L 32 2.84 -18.72 38.11
C ASN L 32 4.07 -18.03 38.67
N TRP L 33 3.90 -17.17 39.66
CA TRP L 33 4.99 -16.31 40.09
C TRP L 33 5.91 -17.10 41.00
N VAL L 34 6.80 -17.87 40.38
CA VAL L 34 7.80 -18.64 41.10
C VAL L 34 9.14 -18.49 40.41
N ALA L 35 10.18 -18.85 41.13
CA ALA L 35 11.53 -18.75 40.61
C ALA L 35 12.40 -19.76 41.32
N TRP L 36 13.19 -20.51 40.56
CA TRP L 36 14.06 -21.51 41.12
C TRP L 36 15.51 -21.21 40.79
N TYR L 37 16.36 -21.62 41.73
CA TYR L 37 17.76 -21.24 41.86
C TYR L 37 18.62 -22.48 42.05
N GLN L 38 19.92 -22.37 41.72
CA GLN L 38 20.86 -23.39 42.15
C GLN L 38 22.17 -22.76 42.56
N GLN L 39 22.91 -23.48 43.39
CA GLN L 39 24.26 -23.07 43.74
C GLN L 39 25.11 -24.28 44.08
N ARG L 40 26.39 -24.20 43.75
CA ARG L 40 27.31 -25.01 44.49
C ARG L 40 27.69 -24.29 45.78
N PRO L 41 27.80 -25.02 46.90
CA PRO L 41 27.99 -24.37 48.20
C PRO L 41 29.34 -23.66 48.27
N GLY L 42 29.30 -22.37 48.57
CA GLY L 42 30.44 -21.48 48.47
C GLY L 42 30.33 -20.51 47.32
N LYS L 43 29.57 -20.86 46.28
CA LYS L 43 29.32 -19.94 45.19
C LYS L 43 28.04 -19.17 45.50
N ALA L 44 27.53 -18.47 44.52
CA ALA L 44 26.30 -17.71 44.60
C ALA L 44 25.17 -18.48 43.92
N PRO L 45 23.91 -18.14 44.21
CA PRO L 45 22.81 -18.68 43.41
C PRO L 45 22.89 -18.25 41.95
N ARG L 46 22.21 -19.02 41.10
CA ARG L 46 22.07 -18.65 39.68
C ARG L 46 20.60 -18.75 39.30
N LEU L 47 19.93 -17.63 39.00
CA LEU L 47 18.54 -17.72 38.57
C LEU L 47 18.46 -18.59 37.34
N LEU L 48 17.80 -19.73 37.45
CA LEU L 48 17.54 -20.48 36.24
C LEU L 48 16.09 -20.48 35.82
N ILE L 49 15.14 -20.38 36.75
CA ILE L 49 13.73 -20.38 36.34
C ILE L 49 13.04 -19.17 36.93
N TYR L 50 12.45 -18.34 36.06
CA TYR L 50 11.57 -17.27 36.50
C TYR L 50 10.21 -17.49 35.86
N ARG L 51 9.17 -17.30 36.68
CA ARG L 51 7.77 -17.42 36.28
C ARG L 51 7.48 -18.79 35.67
N GLY L 52 7.61 -19.80 36.51
CA GLY L 52 7.20 -21.12 36.12
C GLY L 52 8.08 -21.80 35.11
N ALA L 53 8.08 -21.33 33.87
CA ALA L 53 8.76 -22.08 32.81
C ALA L 53 9.55 -21.21 31.86
N ALA L 54 9.71 -19.93 32.15
CA ALA L 54 10.51 -19.07 31.29
C ALA L 54 11.97 -19.21 31.71
N LEU L 55 12.82 -19.61 30.77
CA LEU L 55 14.24 -19.73 31.03
C LEU L 55 14.96 -18.49 30.54
N LEU L 56 16.20 -18.32 31.00
CA LEU L 56 16.99 -17.15 30.67
C LEU L 56 17.68 -17.35 29.33
N GLY L 57 18.43 -16.35 28.91
CA GLY L 57 19.33 -16.55 27.79
C GLY L 57 20.71 -16.90 28.29
N GLY L 58 20.99 -18.18 28.43
CA GLY L 58 22.22 -18.60 29.07
C GLY L 58 22.01 -19.83 29.92
N VAL L 59 20.81 -20.01 30.44
CA VAL L 59 20.47 -21.28 31.10
C VAL L 59 20.31 -22.36 30.04
N PRO L 60 20.85 -23.57 30.24
CA PRO L 60 20.79 -24.60 29.19
C PRO L 60 19.38 -25.05 28.86
N SER L 61 19.19 -25.48 27.62
CA SER L 61 17.88 -25.86 27.09
C SER L 61 17.35 -27.15 27.69
N ARG L 62 18.17 -27.88 28.46
CA ARG L 62 17.71 -29.13 29.03
C ARG L 62 16.74 -28.91 30.19
N PHE L 63 16.86 -27.79 30.90
CA PHE L 63 15.97 -27.52 32.01
C PHE L 63 14.58 -27.19 31.50
N ARG L 64 13.56 -27.59 32.24
CA ARG L 64 12.19 -27.23 31.88
C ARG L 64 11.40 -27.04 33.16
N GLY L 65 10.82 -25.88 33.33
CA GLY L 65 9.84 -25.69 34.37
C GLY L 65 8.46 -26.05 33.87
N SER L 66 7.55 -26.26 34.81
CA SER L 66 6.17 -26.57 34.47
C SER L 66 5.28 -26.12 35.60
N ALA L 67 3.99 -25.99 35.28
CA ALA L 67 3.02 -25.41 36.20
C ALA L 67 1.84 -26.36 36.40
N ALA L 68 1.46 -26.56 37.68
CA ALA L 68 0.15 -27.14 37.97
C ALA L 68 -0.32 -26.57 39.31
N GLY L 69 -1.06 -25.47 39.25
CA GLY L 69 -1.74 -24.94 40.41
C GLY L 69 -0.83 -24.43 41.50
N THR L 70 -0.70 -25.23 42.56
CA THR L 70 0.24 -24.97 43.65
C THR L 70 1.57 -25.69 43.45
N ASP L 71 1.57 -26.83 42.77
CA ASP L 71 2.77 -27.65 42.62
C ASP L 71 3.43 -27.31 41.28
N PHE L 72 4.63 -26.73 41.35
CA PHE L 72 5.33 -26.31 40.15
C PHE L 72 6.64 -27.07 40.04
N THR L 73 6.94 -27.54 38.84
CA THR L 73 7.92 -28.60 38.59
C THR L 73 9.13 -28.04 37.88
N LEU L 74 10.30 -28.65 38.12
CA LEU L 74 11.40 -28.52 37.18
C LEU L 74 11.97 -29.90 36.90
N THR L 75 12.17 -30.16 35.61
CA THR L 75 12.68 -31.39 35.04
C THR L 75 14.02 -31.11 34.38
N ILE L 76 14.99 -31.98 34.64
CA ILE L 76 16.27 -31.96 33.96
C ILE L 76 16.38 -33.26 33.17
N GLY L 77 16.34 -33.15 31.85
CA GLY L 77 16.60 -34.28 30.98
C GLY L 77 18.02 -34.20 30.46
N ASN L 78 18.66 -35.37 30.31
CA ASN L 78 20.06 -35.51 29.93
C ASN L 78 20.97 -34.73 30.87
N LEU L 79 21.01 -35.18 32.12
CA LEU L 79 21.72 -34.45 33.18
C LEU L 79 23.22 -34.44 32.93
N GLN L 80 23.82 -33.26 33.10
CA GLN L 80 25.25 -33.05 32.98
C GLN L 80 25.86 -32.89 34.36
N ALA L 81 27.16 -33.21 34.49
CA ALA L 81 27.81 -33.34 35.78
C ALA L 81 28.01 -32.02 36.52
N GLU L 82 28.01 -30.88 35.81
CA GLU L 82 28.22 -29.59 36.44
C GLU L 82 26.89 -28.93 36.80
N ASP L 83 25.90 -29.73 37.12
CA ASP L 83 24.58 -29.24 37.46
C ASP L 83 24.18 -29.61 38.87
N PHE L 84 25.02 -30.35 39.58
CA PHE L 84 24.73 -30.77 40.95
C PHE L 84 24.79 -29.56 41.89
N GLY L 85 24.29 -29.75 43.11
CA GLY L 85 24.27 -28.66 44.04
C GLY L 85 22.89 -28.47 44.62
N THR L 86 22.70 -27.38 45.34
CA THR L 86 21.44 -27.16 46.04
C THR L 86 20.53 -26.33 45.14
N PHE L 87 19.29 -26.78 45.00
CA PHE L 87 18.22 -26.00 44.37
C PHE L 87 17.40 -25.30 45.43
N TYR L 88 16.74 -24.23 45.02
CA TYR L 88 15.85 -23.47 45.89
C TYR L 88 14.62 -23.04 45.12
N CYS L 89 13.48 -23.01 45.81
CA CYS L 89 12.23 -22.55 45.23
C CYS L 89 11.92 -21.15 45.74
N GLN L 90 11.05 -20.46 45.03
CA GLN L 90 10.70 -19.09 45.38
C GLN L 90 9.29 -18.73 44.94
N GLN L 91 8.44 -18.30 45.89
CA GLN L 91 7.28 -17.50 45.56
C GLN L 91 7.68 -16.04 45.64
N TYR L 92 7.13 -15.23 44.74
CA TYR L 92 7.33 -13.79 44.80
C TYR L 92 6.04 -13.07 44.51
N ASP L 93 4.99 -13.39 45.26
CA ASP L 93 3.71 -12.70 45.11
C ASP L 93 3.34 -11.80 46.27
N THR L 94 3.29 -12.29 47.50
CA THR L 94 3.01 -11.40 48.60
C THR L 94 4.30 -11.07 49.31
N TYR L 95 4.59 -9.78 49.43
CA TYR L 95 5.77 -9.32 50.12
C TYR L 95 5.69 -9.69 51.59
N PRO L 96 6.73 -10.27 52.17
CA PRO L 96 8.04 -10.57 51.59
C PRO L 96 8.10 -11.90 50.86
N GLY L 97 9.05 -12.03 49.94
CA GLY L 97 9.24 -13.28 49.25
C GLY L 97 9.98 -14.31 50.06
N THR L 98 9.27 -15.32 50.55
CA THR L 98 9.87 -16.40 51.34
C THR L 98 10.23 -17.54 50.39
N PHE L 99 11.34 -18.21 50.67
CA PHE L 99 11.93 -19.12 49.68
C PHE L 99 11.77 -20.57 50.13
N GLY L 100 12.37 -21.47 49.35
CA GLY L 100 12.39 -22.87 49.68
C GLY L 100 13.57 -23.26 50.56
N GLN L 101 13.45 -24.44 51.18
CA GLN L 101 14.42 -24.93 52.14
C GLN L 101 15.54 -25.75 51.50
N GLY L 102 15.74 -25.61 50.19
CA GLY L 102 16.88 -26.20 49.54
C GLY L 102 16.77 -27.69 49.27
N THR L 103 17.40 -28.14 48.19
CA THR L 103 17.47 -29.56 47.85
C THR L 103 18.86 -29.86 47.31
N LYS L 104 19.64 -30.65 48.05
CA LYS L 104 20.96 -31.01 47.57
C LYS L 104 20.86 -32.11 46.54
N VAL L 105 21.61 -31.98 45.45
CA VAL L 105 21.67 -32.97 44.40
C VAL L 105 23.13 -33.41 44.29
N GLU L 106 23.38 -34.71 44.48
CA GLU L 106 24.74 -35.26 44.54
C GLU L 106 24.75 -36.59 43.80
N VAL L 107 25.80 -37.40 44.02
CA VAL L 107 25.93 -38.72 43.41
C VAL L 107 26.00 -39.76 44.52
N LYS L 108 25.30 -40.88 44.34
CA LYS L 108 25.29 -41.93 45.36
C LYS L 108 26.59 -42.70 45.40
#